data_5TG2
# 
_entry.id   5TG2 
# 
_audit_conform.dict_name       mmcif_pdbx.dic 
_audit_conform.dict_version    5.399 
_audit_conform.dict_location   http://mmcif.pdb.org/dictionaries/ascii/mmcif_pdbx.dic 
# 
loop_
_database_2.database_id 
_database_2.database_code 
_database_2.pdbx_database_accession 
_database_2.pdbx_DOI 
PDB   5TG2         pdb_00005tg2 10.2210/pdb5tg2/pdb 
WWPDB D_1000224183 ?            ?                   
# 
loop_
_pdbx_audit_revision_history.ordinal 
_pdbx_audit_revision_history.data_content_type 
_pdbx_audit_revision_history.major_revision 
_pdbx_audit_revision_history.minor_revision 
_pdbx_audit_revision_history.revision_date 
1 'Structure model' 1 0 2017-01-11 
2 'Structure model' 1 1 2017-09-27 
3 'Structure model' 1 2 2019-12-11 
4 'Structure model' 1 3 2023-10-04 
5 'Structure model' 1 4 2024-11-20 
# 
_pdbx_audit_revision_details.ordinal             1 
_pdbx_audit_revision_details.revision_ordinal    1 
_pdbx_audit_revision_details.data_content_type   'Structure model' 
_pdbx_audit_revision_details.provider            repository 
_pdbx_audit_revision_details.type                'Initial release' 
_pdbx_audit_revision_details.description         ? 
_pdbx_audit_revision_details.details             ? 
# 
loop_
_pdbx_audit_revision_group.ordinal 
_pdbx_audit_revision_group.revision_ordinal 
_pdbx_audit_revision_group.data_content_type 
_pdbx_audit_revision_group.group 
1 2 'Structure model' 'Author supporting evidence' 
2 3 'Structure model' 'Author supporting evidence' 
3 4 'Structure model' 'Data collection'            
4 4 'Structure model' 'Database references'        
5 4 'Structure model' 'Refinement description'     
6 5 'Structure model' 'Structure summary'          
# 
loop_
_pdbx_audit_revision_category.ordinal 
_pdbx_audit_revision_category.revision_ordinal 
_pdbx_audit_revision_category.data_content_type 
_pdbx_audit_revision_category.category 
1 2 'Structure model' pdbx_audit_support            
2 3 'Structure model' pdbx_audit_support            
3 4 'Structure model' chem_comp_atom                
4 4 'Structure model' chem_comp_bond                
5 4 'Structure model' database_2                    
6 4 'Structure model' diffrn_radiation_wavelength   
7 4 'Structure model' pdbx_initial_refinement_model 
8 5 'Structure model' pdbx_entry_details            
9 5 'Structure model' pdbx_modification_feature     
# 
loop_
_pdbx_audit_revision_item.ordinal 
_pdbx_audit_revision_item.revision_ordinal 
_pdbx_audit_revision_item.data_content_type 
_pdbx_audit_revision_item.item 
1 2 'Structure model' '_pdbx_audit_support.funding_organization' 
2 3 'Structure model' '_pdbx_audit_support.funding_organization' 
3 4 'Structure model' '_database_2.pdbx_DOI'                     
4 4 'Structure model' '_database_2.pdbx_database_accession'      
# 
_pdbx_database_status.status_code                     REL 
_pdbx_database_status.status_code_sf                  REL 
_pdbx_database_status.status_code_mr                  ? 
_pdbx_database_status.entry_id                        5TG2 
_pdbx_database_status.recvd_initial_deposition_date   2016-09-27 
_pdbx_database_status.SG_entry                        N 
_pdbx_database_status.deposit_site                    RCSB 
_pdbx_database_status.process_site                    RCSB 
_pdbx_database_status.status_code_cs                  ? 
_pdbx_database_status.methods_development_category    ? 
_pdbx_database_status.pdb_format_compatible           Y 
_pdbx_database_status.status_code_nmr_data            ? 
# 
_pdbx_database_related.db_name        PDB 
_pdbx_database_related.details        . 
_pdbx_database_related.db_id          5TG1 
_pdbx_database_related.content_type   unspecified 
# 
loop_
_audit_author.name 
_audit_author.pdbx_ordinal 
'Lovell, S.'            1 
'Battaile, K.P.'        2 
'Mehzabeen, N.'         3 
'Damalanka, V.C.'       4 
'Kim, Y.'               5 
'Kankanamalage, A.C.G.' 6 
'Chang, K.-O.'          7 
'Groutas, W.C.'         8 
# 
_citation.abstract                  ? 
_citation.abstract_id_CAS           ? 
_citation.book_id_ISBN              ? 
_citation.book_publisher            ? 
_citation.book_publisher_city       ? 
_citation.book_title                ? 
_citation.coordinate_linkage        ? 
_citation.country                   FR 
_citation.database_id_Medline       ? 
_citation.details                   ? 
_citation.id                        primary 
_citation.journal_abbrev            'Eur J Med Chem' 
_citation.journal_id_ASTM           EJMCA5 
_citation.journal_id_CSD            0493 
_citation.journal_id_ISSN           1768-3254 
_citation.journal_full              ? 
_citation.journal_issue             ? 
_citation.journal_volume            127 
_citation.language                  ? 
_citation.page_first                41 
_citation.page_last                 61 
_citation.title                     
'Design, synthesis, and evaluation of a novel series of macrocyclic inhibitors of norovirus 3CL protease.' 
_citation.year                      2016 
_citation.database_id_CSD           ? 
_citation.pdbx_database_id_DOI      10.1016/j.ejmech.2016.12.033 
_citation.pdbx_database_id_PubMed   28038326 
_citation.unpublished_flag          ? 
# 
loop_
_citation_author.citation_id 
_citation_author.name 
_citation_author.ordinal 
_citation_author.identifier_ORCID 
primary 'Damalanka, V.C.'              1 ? 
primary 'Kim, Y.'                      2 ? 
primary 'Galasiti Kankanamalage, A.C.' 3 ? 
primary 'Lushington, G.H.'             4 ? 
primary 'Mehzabeen, N.'                5 ? 
primary 'Battaile, K.P.'               6 ? 
primary 'Lovell, S.'                   7 ? 
primary 'Chang, K.O.'                  8 ? 
primary 'Groutas, W.C.'                9 ? 
# 
loop_
_entity.id 
_entity.type 
_entity.src_method 
_entity.pdbx_description 
_entity.formula_weight 
_entity.pdbx_number_of_molecules 
_entity.pdbx_ec 
_entity.pdbx_mutation 
_entity.pdbx_fragment 
_entity.details 
1 polymer     man '3C-LIKE PROTEASE'                                                                                             
20126.131 1  3.4.22.66 ? 'UNP residues 1101-1281' ? 
2 non-polymer syn '(4S,7S,17R)-7-(hydroxymethyl)-4-(2-methylpropyl)-17-pentyl-1-oxa-3,6,11-triazacycloheptadecane-2,5,10-trione' 
441.605   1  ?         ? ?                        ? 
3 water       nat water                                                                                                          
18.015    83 ?         ? ?                        ? 
# 
_entity_poly.entity_id                      1 
_entity_poly.type                           'polypeptide(L)' 
_entity_poly.nstd_linkage                   no 
_entity_poly.nstd_monomer                   no 
_entity_poly.pdbx_seq_one_letter_code       
;MHHHHHHAPPTLWSRVTKFGSGWGFWVSPTVFITTTHVVPTGVKEFFGEPLSSIAIHQAGEFTQFRFSKKMRPDLTGMVL
EEGCPEGTVCSVLIKRDSGELLPLAVRMGAIASMRIQGRLVHGQSGMLLTGANAKGMDLGTIPGDCGAPYVHKRGNDWVV
CGVHAAATKSGNTVVCAVQAGEGETALE
;
_entity_poly.pdbx_seq_one_letter_code_can   
;MHHHHHHAPPTLWSRVTKFGSGWGFWVSPTVFITTTHVVPTGVKEFFGEPLSSIAIHQAGEFTQFRFSKKMRPDLTGMVL
EEGCPEGTVCSVLIKRDSGELLPLAVRMGAIASMRIQGRLVHGQSGMLLTGANAKGMDLGTIPGDCGAPYVHKRGNDWVV
CGVHAAATKSGNTVVCAVQAGEGETALE
;
_entity_poly.pdbx_strand_id                 A 
_entity_poly.pdbx_target_identifier         ? 
# 
loop_
_pdbx_entity_nonpoly.entity_id 
_pdbx_entity_nonpoly.name 
_pdbx_entity_nonpoly.comp_id 
2 '(4S,7S,17R)-7-(hydroxymethyl)-4-(2-methylpropyl)-17-pentyl-1-oxa-3,6,11-triazacycloheptadecane-2,5,10-trione' V69 
3 water                                                                                                          HOH 
# 
loop_
_entity_poly_seq.entity_id 
_entity_poly_seq.num 
_entity_poly_seq.mon_id 
_entity_poly_seq.hetero 
1 1   MET n 
1 2   HIS n 
1 3   HIS n 
1 4   HIS n 
1 5   HIS n 
1 6   HIS n 
1 7   HIS n 
1 8   ALA n 
1 9   PRO n 
1 10  PRO n 
1 11  THR n 
1 12  LEU n 
1 13  TRP n 
1 14  SER n 
1 15  ARG n 
1 16  VAL n 
1 17  THR n 
1 18  LYS n 
1 19  PHE n 
1 20  GLY n 
1 21  SER n 
1 22  GLY n 
1 23  TRP n 
1 24  GLY n 
1 25  PHE n 
1 26  TRP n 
1 27  VAL n 
1 28  SER n 
1 29  PRO n 
1 30  THR n 
1 31  VAL n 
1 32  PHE n 
1 33  ILE n 
1 34  THR n 
1 35  THR n 
1 36  THR n 
1 37  HIS n 
1 38  VAL n 
1 39  VAL n 
1 40  PRO n 
1 41  THR n 
1 42  GLY n 
1 43  VAL n 
1 44  LYS n 
1 45  GLU n 
1 46  PHE n 
1 47  PHE n 
1 48  GLY n 
1 49  GLU n 
1 50  PRO n 
1 51  LEU n 
1 52  SER n 
1 53  SER n 
1 54  ILE n 
1 55  ALA n 
1 56  ILE n 
1 57  HIS n 
1 58  GLN n 
1 59  ALA n 
1 60  GLY n 
1 61  GLU n 
1 62  PHE n 
1 63  THR n 
1 64  GLN n 
1 65  PHE n 
1 66  ARG n 
1 67  PHE n 
1 68  SER n 
1 69  LYS n 
1 70  LYS n 
1 71  MET n 
1 72  ARG n 
1 73  PRO n 
1 74  ASP n 
1 75  LEU n 
1 76  THR n 
1 77  GLY n 
1 78  MET n 
1 79  VAL n 
1 80  LEU n 
1 81  GLU n 
1 82  GLU n 
1 83  GLY n 
1 84  CYS n 
1 85  PRO n 
1 86  GLU n 
1 87  GLY n 
1 88  THR n 
1 89  VAL n 
1 90  CYS n 
1 91  SER n 
1 92  VAL n 
1 93  LEU n 
1 94  ILE n 
1 95  LYS n 
1 96  ARG n 
1 97  ASP n 
1 98  SER n 
1 99  GLY n 
1 100 GLU n 
1 101 LEU n 
1 102 LEU n 
1 103 PRO n 
1 104 LEU n 
1 105 ALA n 
1 106 VAL n 
1 107 ARG n 
1 108 MET n 
1 109 GLY n 
1 110 ALA n 
1 111 ILE n 
1 112 ALA n 
1 113 SER n 
1 114 MET n 
1 115 ARG n 
1 116 ILE n 
1 117 GLN n 
1 118 GLY n 
1 119 ARG n 
1 120 LEU n 
1 121 VAL n 
1 122 HIS n 
1 123 GLY n 
1 124 GLN n 
1 125 SER n 
1 126 GLY n 
1 127 MET n 
1 128 LEU n 
1 129 LEU n 
1 130 THR n 
1 131 GLY n 
1 132 ALA n 
1 133 ASN n 
1 134 ALA n 
1 135 LYS n 
1 136 GLY n 
1 137 MET n 
1 138 ASP n 
1 139 LEU n 
1 140 GLY n 
1 141 THR n 
1 142 ILE n 
1 143 PRO n 
1 144 GLY n 
1 145 ASP n 
1 146 CYS n 
1 147 GLY n 
1 148 ALA n 
1 149 PRO n 
1 150 TYR n 
1 151 VAL n 
1 152 HIS n 
1 153 LYS n 
1 154 ARG n 
1 155 GLY n 
1 156 ASN n 
1 157 ASP n 
1 158 TRP n 
1 159 VAL n 
1 160 VAL n 
1 161 CYS n 
1 162 GLY n 
1 163 VAL n 
1 164 HIS n 
1 165 ALA n 
1 166 ALA n 
1 167 ALA n 
1 168 THR n 
1 169 LYS n 
1 170 SER n 
1 171 GLY n 
1 172 ASN n 
1 173 THR n 
1 174 VAL n 
1 175 VAL n 
1 176 CYS n 
1 177 ALA n 
1 178 VAL n 
1 179 GLN n 
1 180 ALA n 
1 181 GLY n 
1 182 GLU n 
1 183 GLY n 
1 184 GLU n 
1 185 THR n 
1 186 ALA n 
1 187 LEU n 
1 188 GLU n 
# 
_entity_src_gen.entity_id                          1 
_entity_src_gen.pdbx_src_id                        1 
_entity_src_gen.pdbx_alt_source_flag               sample 
_entity_src_gen.pdbx_seq_type                      'Biological sequence' 
_entity_src_gen.pdbx_beg_seq_num                   1 
_entity_src_gen.pdbx_end_seq_num                   188 
_entity_src_gen.gene_src_common_name               Hu/NV/NV/1968/US 
_entity_src_gen.gene_src_genus                     ? 
_entity_src_gen.pdbx_gene_src_gene                 ORF1 
_entity_src_gen.gene_src_species                   ? 
_entity_src_gen.gene_src_strain                    'GI/Human/United States/Norwalk/1968' 
_entity_src_gen.gene_src_tissue                    ? 
_entity_src_gen.gene_src_tissue_fraction           ? 
_entity_src_gen.gene_src_details                   'N-terminal hexahistidine tag' 
_entity_src_gen.pdbx_gene_src_fragment             ? 
_entity_src_gen.pdbx_gene_src_scientific_name      'Norwalk virus' 
_entity_src_gen.pdbx_gene_src_ncbi_taxonomy_id     524364 
_entity_src_gen.pdbx_gene_src_variant              ? 
_entity_src_gen.pdbx_gene_src_cell_line            ? 
_entity_src_gen.pdbx_gene_src_atcc                 ? 
_entity_src_gen.pdbx_gene_src_organ                ? 
_entity_src_gen.pdbx_gene_src_organelle            ? 
_entity_src_gen.pdbx_gene_src_cell                 ? 
_entity_src_gen.pdbx_gene_src_cellular_location    ? 
_entity_src_gen.host_org_common_name               ? 
_entity_src_gen.pdbx_host_org_scientific_name      'Escherichia coli' 
_entity_src_gen.pdbx_host_org_ncbi_taxonomy_id     511693 
_entity_src_gen.host_org_genus                     ? 
_entity_src_gen.pdbx_host_org_gene                 ? 
_entity_src_gen.pdbx_host_org_organ                ? 
_entity_src_gen.host_org_species                   ? 
_entity_src_gen.pdbx_host_org_tissue               ? 
_entity_src_gen.pdbx_host_org_tissue_fraction      ? 
_entity_src_gen.pdbx_host_org_strain               BL21 
_entity_src_gen.pdbx_host_org_variant              ? 
_entity_src_gen.pdbx_host_org_cell_line            ? 
_entity_src_gen.pdbx_host_org_atcc                 ? 
_entity_src_gen.pdbx_host_org_culture_collection   ? 
_entity_src_gen.pdbx_host_org_cell                 ? 
_entity_src_gen.pdbx_host_org_organelle            ? 
_entity_src_gen.pdbx_host_org_cellular_location    ? 
_entity_src_gen.pdbx_host_org_vector_type          plasmid 
_entity_src_gen.pdbx_host_org_vector               ? 
_entity_src_gen.host_org_details                   ? 
_entity_src_gen.expression_system_id               ? 
_entity_src_gen.plasmid_name                       pET28 
_entity_src_gen.plasmid_details                    ? 
_entity_src_gen.pdbx_description                   ? 
# 
loop_
_chem_comp.id 
_chem_comp.type 
_chem_comp.mon_nstd_flag 
_chem_comp.name 
_chem_comp.pdbx_synonyms 
_chem_comp.formula 
_chem_comp.formula_weight 
ALA 'L-peptide linking' y ALANINE ? 'C3 H7 N O2'     89.093  
ARG 'L-peptide linking' y ARGININE ? 'C6 H15 N4 O2 1' 175.209 
ASN 'L-peptide linking' y ASPARAGINE ? 'C4 H8 N2 O3'    132.118 
ASP 'L-peptide linking' y 'ASPARTIC ACID' ? 'C4 H7 N O4'     133.103 
CYS 'L-peptide linking' y CYSTEINE ? 'C3 H7 N O2 S'   121.158 
GLN 'L-peptide linking' y GLUTAMINE ? 'C5 H10 N2 O3'   146.144 
GLU 'L-peptide linking' y 'GLUTAMIC ACID' ? 'C5 H9 N O4'     147.129 
GLY 'peptide linking'   y GLYCINE ? 'C2 H5 N O2'     75.067  
HIS 'L-peptide linking' y HISTIDINE ? 'C6 H10 N3 O2 1' 156.162 
HOH non-polymer         . WATER ? 'H2 O'           18.015  
ILE 'L-peptide linking' y ISOLEUCINE ? 'C6 H13 N O2'    131.173 
LEU 'L-peptide linking' y LEUCINE ? 'C6 H13 N O2'    131.173 
LYS 'L-peptide linking' y LYSINE ? 'C6 H15 N2 O2 1' 147.195 
MET 'L-peptide linking' y METHIONINE ? 'C5 H11 N O2 S'  149.211 
PHE 'L-peptide linking' y PHENYLALANINE ? 'C9 H11 N O2'    165.189 
PRO 'L-peptide linking' y PROLINE ? 'C5 H9 N O2'     115.130 
SER 'L-peptide linking' y SERINE ? 'C3 H7 N O3'     105.093 
THR 'L-peptide linking' y THREONINE ? 'C4 H9 N O3'     119.119 
TRP 'L-peptide linking' y TRYPTOPHAN ? 'C11 H12 N2 O2'  204.225 
TYR 'L-peptide linking' y TYROSINE ? 'C9 H11 N O3'    181.189 
V69 non-polymer         . 
'(4S,7S,17R)-7-(hydroxymethyl)-4-(2-methylpropyl)-17-pentyl-1-oxa-3,6,11-triazacycloheptadecane-2,5,10-trione' ? 'C23 H43 N3 O5'  
441.605 
VAL 'L-peptide linking' y VALINE ? 'C5 H11 N O2'    117.146 
# 
loop_
_pdbx_poly_seq_scheme.asym_id 
_pdbx_poly_seq_scheme.entity_id 
_pdbx_poly_seq_scheme.seq_id 
_pdbx_poly_seq_scheme.mon_id 
_pdbx_poly_seq_scheme.ndb_seq_num 
_pdbx_poly_seq_scheme.pdb_seq_num 
_pdbx_poly_seq_scheme.auth_seq_num 
_pdbx_poly_seq_scheme.pdb_mon_id 
_pdbx_poly_seq_scheme.auth_mon_id 
_pdbx_poly_seq_scheme.pdb_strand_id 
_pdbx_poly_seq_scheme.pdb_ins_code 
_pdbx_poly_seq_scheme.hetero 
A 1 1   MET 1   -6  ?   ?   ?   A . n 
A 1 2   HIS 2   -5  ?   ?   ?   A . n 
A 1 3   HIS 3   -4  ?   ?   ?   A . n 
A 1 4   HIS 4   -3  ?   ?   ?   A . n 
A 1 5   HIS 5   -2  ?   ?   ?   A . n 
A 1 6   HIS 6   -1  ?   ?   ?   A . n 
A 1 7   HIS 7   0   ?   ?   ?   A . n 
A 1 8   ALA 8   1   ?   ?   ?   A . n 
A 1 9   PRO 9   2   2   PRO PRO A . n 
A 1 10  PRO 10  3   3   PRO PRO A . n 
A 1 11  THR 11  4   4   THR THR A . n 
A 1 12  LEU 12  5   5   LEU LEU A . n 
A 1 13  TRP 13  6   6   TRP TRP A . n 
A 1 14  SER 14  7   7   SER SER A . n 
A 1 15  ARG 15  8   8   ARG ARG A . n 
A 1 16  VAL 16  9   9   VAL VAL A . n 
A 1 17  THR 17  10  10  THR THR A . n 
A 1 18  LYS 18  11  11  LYS LYS A . n 
A 1 19  PHE 19  12  12  PHE PHE A . n 
A 1 20  GLY 20  13  13  GLY GLY A . n 
A 1 21  SER 21  14  14  SER SER A . n 
A 1 22  GLY 22  15  15  GLY GLY A . n 
A 1 23  TRP 23  16  16  TRP TRP A . n 
A 1 24  GLY 24  17  17  GLY GLY A . n 
A 1 25  PHE 25  18  18  PHE PHE A . n 
A 1 26  TRP 26  19  19  TRP TRP A . n 
A 1 27  VAL 27  20  20  VAL VAL A . n 
A 1 28  SER 28  21  21  SER SER A . n 
A 1 29  PRO 29  22  22  PRO PRO A . n 
A 1 30  THR 30  23  23  THR THR A . n 
A 1 31  VAL 31  24  24  VAL VAL A . n 
A 1 32  PHE 32  25  25  PHE PHE A . n 
A 1 33  ILE 33  26  26  ILE ILE A . n 
A 1 34  THR 34  27  27  THR THR A . n 
A 1 35  THR 35  28  28  THR THR A . n 
A 1 36  THR 36  29  29  THR THR A . n 
A 1 37  HIS 37  30  30  HIS HIS A . n 
A 1 38  VAL 38  31  31  VAL VAL A . n 
A 1 39  VAL 39  32  32  VAL VAL A . n 
A 1 40  PRO 40  33  33  PRO PRO A . n 
A 1 41  THR 41  34  34  THR THR A . n 
A 1 42  GLY 42  35  35  GLY GLY A . n 
A 1 43  VAL 43  36  36  VAL VAL A . n 
A 1 44  LYS 44  37  37  LYS LYS A . n 
A 1 45  GLU 45  38  38  GLU GLU A . n 
A 1 46  PHE 46  39  39  PHE PHE A . n 
A 1 47  PHE 47  40  40  PHE PHE A . n 
A 1 48  GLY 48  41  41  GLY GLY A . n 
A 1 49  GLU 49  42  42  GLU GLU A . n 
A 1 50  PRO 50  43  43  PRO PRO A . n 
A 1 51  LEU 51  44  44  LEU LEU A . n 
A 1 52  SER 52  45  45  SER SER A . n 
A 1 53  SER 53  46  46  SER SER A . n 
A 1 54  ILE 54  47  47  ILE ILE A . n 
A 1 55  ALA 55  48  48  ALA ALA A . n 
A 1 56  ILE 56  49  49  ILE ILE A . n 
A 1 57  HIS 57  50  50  HIS HIS A . n 
A 1 58  GLN 58  51  51  GLN GLN A . n 
A 1 59  ALA 59  52  52  ALA ALA A . n 
A 1 60  GLY 60  53  53  GLY GLY A . n 
A 1 61  GLU 61  54  54  GLU GLU A . n 
A 1 62  PHE 62  55  55  PHE PHE A . n 
A 1 63  THR 63  56  56  THR THR A . n 
A 1 64  GLN 64  57  57  GLN GLN A . n 
A 1 65  PHE 65  58  58  PHE PHE A . n 
A 1 66  ARG 66  59  59  ARG ARG A . n 
A 1 67  PHE 67  60  60  PHE PHE A . n 
A 1 68  SER 68  61  61  SER SER A . n 
A 1 69  LYS 69  62  62  LYS LYS A . n 
A 1 70  LYS 70  63  63  LYS LYS A . n 
A 1 71  MET 71  64  64  MET MET A . n 
A 1 72  ARG 72  65  65  ARG ARG A . n 
A 1 73  PRO 73  66  66  PRO PRO A . n 
A 1 74  ASP 74  67  67  ASP ASP A . n 
A 1 75  LEU 75  68  68  LEU LEU A . n 
A 1 76  THR 76  69  69  THR THR A . n 
A 1 77  GLY 77  70  70  GLY GLY A . n 
A 1 78  MET 78  71  71  MET MET A . n 
A 1 79  VAL 79  72  72  VAL VAL A . n 
A 1 80  LEU 80  73  73  LEU LEU A . n 
A 1 81  GLU 81  74  74  GLU GLU A . n 
A 1 82  GLU 82  75  75  GLU GLU A . n 
A 1 83  GLY 83  76  76  GLY GLY A . n 
A 1 84  CYS 84  77  77  CYS CYS A . n 
A 1 85  PRO 85  78  78  PRO PRO A . n 
A 1 86  GLU 86  79  79  GLU GLU A . n 
A 1 87  GLY 87  80  80  GLY GLY A . n 
A 1 88  THR 88  81  81  THR THR A . n 
A 1 89  VAL 89  82  82  VAL VAL A . n 
A 1 90  CYS 90  83  83  CYS CYS A . n 
A 1 91  SER 91  84  84  SER SER A . n 
A 1 92  VAL 92  85  85  VAL VAL A . n 
A 1 93  LEU 93  86  86  LEU LEU A . n 
A 1 94  ILE 94  87  87  ILE ILE A . n 
A 1 95  LYS 95  88  88  LYS LYS A . n 
A 1 96  ARG 96  89  89  ARG ARG A . n 
A 1 97  ASP 97  90  90  ASP ASP A . n 
A 1 98  SER 98  91  91  SER SER A . n 
A 1 99  GLY 99  92  92  GLY GLY A . n 
A 1 100 GLU 100 93  93  GLU GLU A . n 
A 1 101 LEU 101 94  94  LEU LEU A . n 
A 1 102 LEU 102 95  95  LEU LEU A . n 
A 1 103 PRO 103 96  96  PRO PRO A . n 
A 1 104 LEU 104 97  97  LEU LEU A . n 
A 1 105 ALA 105 98  98  ALA ALA A . n 
A 1 106 VAL 106 99  99  VAL VAL A . n 
A 1 107 ARG 107 100 100 ARG ARG A . n 
A 1 108 MET 108 101 101 MET MET A . n 
A 1 109 GLY 109 102 102 GLY GLY A . n 
A 1 110 ALA 110 103 103 ALA ALA A . n 
A 1 111 ILE 111 104 104 ILE ILE A . n 
A 1 112 ALA 112 105 105 ALA ALA A . n 
A 1 113 SER 113 106 106 SER SER A . n 
A 1 114 MET 114 107 107 MET MET A . n 
A 1 115 ARG 115 108 108 ARG ARG A . n 
A 1 116 ILE 116 109 109 ILE ILE A . n 
A 1 117 GLN 117 110 110 GLN GLN A . n 
A 1 118 GLY 118 111 111 GLY GLY A . n 
A 1 119 ARG 119 112 112 ARG ARG A . n 
A 1 120 LEU 120 113 113 LEU LEU A . n 
A 1 121 VAL 121 114 114 VAL VAL A . n 
A 1 122 HIS 122 115 115 HIS HIS A . n 
A 1 123 GLY 123 116 116 GLY GLY A . n 
A 1 124 GLN 124 117 117 GLN GLN A . n 
A 1 125 SER 125 118 118 SER SER A . n 
A 1 126 GLY 126 119 119 GLY GLY A . n 
A 1 127 MET 127 120 120 MET MET A . n 
A 1 128 LEU 128 121 121 LEU LEU A . n 
A 1 129 LEU 129 122 122 LEU LEU A . n 
A 1 130 THR 130 123 123 THR THR A . n 
A 1 131 GLY 131 124 124 GLY GLY A . n 
A 1 132 ALA 132 125 125 ALA ALA A . n 
A 1 133 ASN 133 126 126 ASN ASN A . n 
A 1 134 ALA 134 127 127 ALA ALA A . n 
A 1 135 LYS 135 128 128 LYS LYS A . n 
A 1 136 GLY 136 129 ?   ?   ?   A . n 
A 1 137 MET 137 130 ?   ?   ?   A . n 
A 1 138 ASP 138 131 ?   ?   ?   A . n 
A 1 139 LEU 139 132 ?   ?   ?   A . n 
A 1 140 GLY 140 133 ?   ?   ?   A . n 
A 1 141 THR 141 134 ?   ?   ?   A . n 
A 1 142 ILE 142 135 ?   ?   ?   A . n 
A 1 143 PRO 143 136 ?   ?   ?   A . n 
A 1 144 GLY 144 137 137 GLY GLY A . n 
A 1 145 ASP 145 138 138 ASP ASP A . n 
A 1 146 CYS 146 139 139 CYS CYS A . n 
A 1 147 GLY 147 140 140 GLY GLY A . n 
A 1 148 ALA 148 141 141 ALA ALA A . n 
A 1 149 PRO 149 142 142 PRO PRO A . n 
A 1 150 TYR 150 143 143 TYR TYR A . n 
A 1 151 VAL 151 144 144 VAL VAL A . n 
A 1 152 HIS 152 145 145 HIS HIS A . n 
A 1 153 LYS 153 146 146 LYS LYS A . n 
A 1 154 ARG 154 147 147 ARG ARG A . n 
A 1 155 GLY 155 148 148 GLY GLY A . n 
A 1 156 ASN 156 149 149 ASN ASN A . n 
A 1 157 ASP 157 150 150 ASP ASP A . n 
A 1 158 TRP 158 151 151 TRP TRP A . n 
A 1 159 VAL 159 152 152 VAL VAL A . n 
A 1 160 VAL 160 153 153 VAL VAL A . n 
A 1 161 CYS 161 154 154 CYS CYS A . n 
A 1 162 GLY 162 155 155 GLY GLY A . n 
A 1 163 VAL 163 156 156 VAL VAL A . n 
A 1 164 HIS 164 157 157 HIS HIS A . n 
A 1 165 ALA 165 158 158 ALA ALA A . n 
A 1 166 ALA 166 159 159 ALA ALA A . n 
A 1 167 ALA 167 160 160 ALA ALA A . n 
A 1 168 THR 168 161 161 THR THR A . n 
A 1 169 LYS 169 162 ?   ?   ?   A . n 
A 1 170 SER 170 163 ?   ?   ?   A . n 
A 1 171 GLY 171 164 164 GLY GLY A . n 
A 1 172 ASN 172 165 165 ASN ASN A . n 
A 1 173 THR 173 166 166 THR THR A . n 
A 1 174 VAL 174 167 167 VAL VAL A . n 
A 1 175 VAL 175 168 168 VAL VAL A . n 
A 1 176 CYS 176 169 169 CYS CYS A . n 
A 1 177 ALA 177 170 170 ALA ALA A . n 
A 1 178 VAL 178 171 171 VAL VAL A . n 
A 1 179 GLN 179 172 172 GLN GLN A . n 
A 1 180 ALA 180 173 173 ALA ALA A . n 
A 1 181 GLY 181 174 ?   ?   ?   A . n 
A 1 182 GLU 182 175 ?   ?   ?   A . n 
A 1 183 GLY 183 176 ?   ?   ?   A . n 
A 1 184 GLU 184 177 ?   ?   ?   A . n 
A 1 185 THR 185 178 ?   ?   ?   A . n 
A 1 186 ALA 186 179 ?   ?   ?   A . n 
A 1 187 LEU 187 180 ?   ?   ?   A . n 
A 1 188 GLU 188 181 ?   ?   ?   A . n 
# 
loop_
_pdbx_nonpoly_scheme.asym_id 
_pdbx_nonpoly_scheme.entity_id 
_pdbx_nonpoly_scheme.mon_id 
_pdbx_nonpoly_scheme.ndb_seq_num 
_pdbx_nonpoly_scheme.pdb_seq_num 
_pdbx_nonpoly_scheme.auth_seq_num 
_pdbx_nonpoly_scheme.pdb_mon_id 
_pdbx_nonpoly_scheme.auth_mon_id 
_pdbx_nonpoly_scheme.pdb_strand_id 
_pdbx_nonpoly_scheme.pdb_ins_code 
B 2 V69 1  201 1  V69 V69 A . 
C 3 HOH 1  301 82 HOH HOH A . 
C 3 HOH 2  302 78 HOH HOH A . 
C 3 HOH 3  303 80 HOH HOH A . 
C 3 HOH 4  304 15 HOH HOH A . 
C 3 HOH 5  305 35 HOH HOH A . 
C 3 HOH 6  306 46 HOH HOH A . 
C 3 HOH 7  307 30 HOH HOH A . 
C 3 HOH 8  308 51 HOH HOH A . 
C 3 HOH 9  309 33 HOH HOH A . 
C 3 HOH 10 310 64 HOH HOH A . 
C 3 HOH 11 311 69 HOH HOH A . 
C 3 HOH 12 312 65 HOH HOH A . 
C 3 HOH 13 313 81 HOH HOH A . 
C 3 HOH 14 314 37 HOH HOH A . 
C 3 HOH 15 315 58 HOH HOH A . 
C 3 HOH 16 316 71 HOH HOH A . 
C 3 HOH 17 317 8  HOH HOH A . 
C 3 HOH 18 318 47 HOH HOH A . 
C 3 HOH 19 319 60 HOH HOH A . 
C 3 HOH 20 320 2  HOH HOH A . 
C 3 HOH 21 321 36 HOH HOH A . 
C 3 HOH 22 322 31 HOH HOH A . 
C 3 HOH 23 323 43 HOH HOH A . 
C 3 HOH 24 324 55 HOH HOH A . 
C 3 HOH 25 325 6  HOH HOH A . 
C 3 HOH 26 326 1  HOH HOH A . 
C 3 HOH 27 327 13 HOH HOH A . 
C 3 HOH 28 328 48 HOH HOH A . 
C 3 HOH 29 329 3  HOH HOH A . 
C 3 HOH 30 330 18 HOH HOH A . 
C 3 HOH 31 331 5  HOH HOH A . 
C 3 HOH 32 332 67 HOH HOH A . 
C 3 HOH 33 333 14 HOH HOH A . 
C 3 HOH 34 334 34 HOH HOH A . 
C 3 HOH 35 335 40 HOH HOH A . 
C 3 HOH 36 336 22 HOH HOH A . 
C 3 HOH 37 337 28 HOH HOH A . 
C 3 HOH 38 338 11 HOH HOH A . 
C 3 HOH 39 339 42 HOH HOH A . 
C 3 HOH 40 340 9  HOH HOH A . 
C 3 HOH 41 341 19 HOH HOH A . 
C 3 HOH 42 342 68 HOH HOH A . 
C 3 HOH 43 343 39 HOH HOH A . 
C 3 HOH 44 344 72 HOH HOH A . 
C 3 HOH 45 345 12 HOH HOH A . 
C 3 HOH 46 346 7  HOH HOH A . 
C 3 HOH 47 347 4  HOH HOH A . 
C 3 HOH 48 348 38 HOH HOH A . 
C 3 HOH 49 349 17 HOH HOH A . 
C 3 HOH 50 350 66 HOH HOH A . 
C 3 HOH 51 351 73 HOH HOH A . 
C 3 HOH 52 352 49 HOH HOH A . 
C 3 HOH 53 353 23 HOH HOH A . 
C 3 HOH 54 354 57 HOH HOH A . 
C 3 HOH 55 355 25 HOH HOH A . 
C 3 HOH 56 356 29 HOH HOH A . 
C 3 HOH 57 357 26 HOH HOH A . 
C 3 HOH 58 358 20 HOH HOH A . 
C 3 HOH 59 359 21 HOH HOH A . 
C 3 HOH 60 360 32 HOH HOH A . 
C 3 HOH 61 361 54 HOH HOH A . 
C 3 HOH 62 362 44 HOH HOH A . 
C 3 HOH 63 363 83 HOH HOH A . 
C 3 HOH 64 364 41 HOH HOH A . 
C 3 HOH 65 365 74 HOH HOH A . 
C 3 HOH 66 366 27 HOH HOH A . 
C 3 HOH 67 367 63 HOH HOH A . 
C 3 HOH 68 368 62 HOH HOH A . 
C 3 HOH 69 369 16 HOH HOH A . 
C 3 HOH 70 370 77 HOH HOH A . 
C 3 HOH 71 371 61 HOH HOH A . 
C 3 HOH 72 372 10 HOH HOH A . 
C 3 HOH 73 373 53 HOH HOH A . 
C 3 HOH 74 374 75 HOH HOH A . 
C 3 HOH 75 375 45 HOH HOH A . 
C 3 HOH 76 376 50 HOH HOH A . 
C 3 HOH 77 377 76 HOH HOH A . 
C 3 HOH 78 378 56 HOH HOH A . 
C 3 HOH 79 379 59 HOH HOH A . 
C 3 HOH 80 380 24 HOH HOH A . 
C 3 HOH 81 381 79 HOH HOH A . 
C 3 HOH 82 382 52 HOH HOH A . 
C 3 HOH 83 383 70 HOH HOH A . 
# 
loop_
_pdbx_unobs_or_zero_occ_atoms.id 
_pdbx_unobs_or_zero_occ_atoms.PDB_model_num 
_pdbx_unobs_or_zero_occ_atoms.polymer_flag 
_pdbx_unobs_or_zero_occ_atoms.occupancy_flag 
_pdbx_unobs_or_zero_occ_atoms.auth_asym_id 
_pdbx_unobs_or_zero_occ_atoms.auth_comp_id 
_pdbx_unobs_or_zero_occ_atoms.auth_seq_id 
_pdbx_unobs_or_zero_occ_atoms.PDB_ins_code 
_pdbx_unobs_or_zero_occ_atoms.auth_atom_id 
_pdbx_unobs_or_zero_occ_atoms.label_alt_id 
_pdbx_unobs_or_zero_occ_atoms.label_asym_id 
_pdbx_unobs_or_zero_occ_atoms.label_comp_id 
_pdbx_unobs_or_zero_occ_atoms.label_seq_id 
_pdbx_unobs_or_zero_occ_atoms.label_atom_id 
1  1 Y 1 A HIS 50  ? CG  ? A HIS 57  CG  
2  1 Y 1 A HIS 50  ? ND1 ? A HIS 57  ND1 
3  1 Y 1 A HIS 50  ? CD2 ? A HIS 57  CD2 
4  1 Y 1 A HIS 50  ? CE1 ? A HIS 57  CE1 
5  1 Y 1 A HIS 50  ? NE2 ? A HIS 57  NE2 
6  1 Y 1 A GLU 75  ? CD  ? A GLU 82  CD  
7  1 Y 1 A GLU 75  ? OE1 ? A GLU 82  OE1 
8  1 Y 1 A GLU 75  ? OE2 ? A GLU 82  OE2 
9  1 Y 1 A ARG 89  ? CG  ? A ARG 96  CG  
10 1 Y 1 A ARG 89  ? CD  ? A ARG 96  CD  
11 1 Y 1 A ARG 89  ? NE  ? A ARG 96  NE  
12 1 Y 1 A ARG 89  ? CZ  ? A ARG 96  CZ  
13 1 Y 1 A ARG 89  ? NH1 ? A ARG 96  NH1 
14 1 Y 1 A ARG 89  ? NH2 ? A ARG 96  NH2 
15 1 Y 1 A ARG 108 ? CG  ? A ARG 115 CG  
16 1 Y 1 A ARG 108 ? CD  ? A ARG 115 CD  
17 1 Y 1 A ARG 108 ? NE  ? A ARG 115 NE  
18 1 Y 1 A ARG 108 ? CZ  ? A ARG 115 CZ  
19 1 Y 1 A ARG 108 ? NH1 ? A ARG 115 NH1 
20 1 Y 1 A ARG 108 ? NH2 ? A ARG 115 NH2 
21 1 Y 1 A LYS 128 ? CG  ? A LYS 135 CG  
22 1 Y 1 A LYS 128 ? CD  ? A LYS 135 CD  
23 1 Y 1 A LYS 128 ? CE  ? A LYS 135 CE  
24 1 Y 1 A LYS 128 ? NZ  ? A LYS 135 NZ  
25 1 Y 1 A ASN 165 ? CG  ? A ASN 172 CG  
26 1 Y 1 A ASN 165 ? OD1 ? A ASN 172 OD1 
27 1 Y 1 A ASN 165 ? ND2 ? A ASN 172 ND2 
# 
loop_
_software.citation_id 
_software.classification 
_software.compiler_name 
_software.compiler_version 
_software.contact_author 
_software.contact_author_email 
_software.date 
_software.description 
_software.dependencies 
_software.hardware 
_software.language 
_software.location 
_software.mods 
_software.name 
_software.os 
_software.os_version 
_software.type 
_software.version 
_software.pdbx_ordinal 
? 'data scaling'    ? ? ? ? ? ? ? ? ? ? ? Aimless     ? ? ? 0.5.27   1 
? phasing           ? ? ? ? ? ? ? ? ? ? ? PHASER      ? ? ? 2.6.1    2 
? refinement        ? ? ? ? ? ? ? ? ? ? ? PHENIX      ? ? ? dev_2502 3 
? 'data extraction' ? ? ? ? ? ? ? ? ? ? ? PDB_EXTRACT ? ? ? 3.20     4 
? 'data reduction'  ? ? ? ? ? ? ? ? ? ? ? XDS         ? ? ? .        5 
# 
_cell.angle_alpha                  90.000 
_cell.angle_alpha_esd              ? 
_cell.angle_beta                   110.230 
_cell.angle_beta_esd               ? 
_cell.angle_gamma                  90.000 
_cell.angle_gamma_esd              ? 
_cell.entry_id                     5TG2 
_cell.details                      ? 
_cell.formula_units_Z              ? 
_cell.length_a                     67.020 
_cell.length_a_esd                 ? 
_cell.length_b                     36.703 
_cell.length_b_esd                 ? 
_cell.length_c                     61.721 
_cell.length_c_esd                 ? 
_cell.volume                       ? 
_cell.volume_esd                   ? 
_cell.Z_PDB                        4 
_cell.reciprocal_angle_alpha       ? 
_cell.reciprocal_angle_beta        ? 
_cell.reciprocal_angle_gamma       ? 
_cell.reciprocal_angle_alpha_esd   ? 
_cell.reciprocal_angle_beta_esd    ? 
_cell.reciprocal_angle_gamma_esd   ? 
_cell.reciprocal_length_a          ? 
_cell.reciprocal_length_b          ? 
_cell.reciprocal_length_c          ? 
_cell.reciprocal_length_a_esd      ? 
_cell.reciprocal_length_b_esd      ? 
_cell.reciprocal_length_c_esd      ? 
_cell.pdbx_unique_axis             ? 
# 
_symmetry.entry_id                         5TG2 
_symmetry.cell_setting                     ? 
_symmetry.Int_Tables_number                5 
_symmetry.space_group_name_Hall            ? 
_symmetry.space_group_name_H-M             'C 1 2 1' 
_symmetry.pdbx_full_space_group_name_H-M   ? 
# 
_exptl.absorpt_coefficient_mu     ? 
_exptl.absorpt_correction_T_max   ? 
_exptl.absorpt_correction_T_min   ? 
_exptl.absorpt_correction_type    ? 
_exptl.absorpt_process_details    ? 
_exptl.entry_id                   5TG2 
_exptl.crystals_number            1 
_exptl.details                    ? 
_exptl.method                     'X-RAY DIFFRACTION' 
_exptl.method_details             ? 
# 
_exptl_crystal.colour                      ? 
_exptl_crystal.density_diffrn              ? 
_exptl_crystal.density_Matthews            1.77 
_exptl_crystal.density_method              ? 
_exptl_crystal.density_percent_sol         30.49 
_exptl_crystal.description                 prism 
_exptl_crystal.F_000                       ? 
_exptl_crystal.id                          1 
_exptl_crystal.preparation                 ? 
_exptl_crystal.size_max                    ? 
_exptl_crystal.size_mid                    ? 
_exptl_crystal.size_min                    ? 
_exptl_crystal.size_rad                    ? 
_exptl_crystal.colour_lustre               ? 
_exptl_crystal.colour_modifier             ? 
_exptl_crystal.colour_primary              ? 
_exptl_crystal.density_meas                ? 
_exptl_crystal.density_meas_esd            ? 
_exptl_crystal.density_meas_gt             ? 
_exptl_crystal.density_meas_lt             ? 
_exptl_crystal.density_meas_temp           ? 
_exptl_crystal.density_meas_temp_esd       ? 
_exptl_crystal.density_meas_temp_gt        ? 
_exptl_crystal.density_meas_temp_lt        ? 
_exptl_crystal.pdbx_crystal_image_url      ? 
_exptl_crystal.pdbx_crystal_image_format   ? 
_exptl_crystal.pdbx_mosaicity              ? 
_exptl_crystal.pdbx_mosaicity_esd          ? 
# 
_exptl_crystal_grow.apparatus       ? 
_exptl_crystal_grow.atmosphere      ? 
_exptl_crystal_grow.crystal_id      1 
_exptl_crystal_grow.details         ? 
_exptl_crystal_grow.method          'VAPOR DIFFUSION, SITTING DROP' 
_exptl_crystal_grow.method_ref      ? 
_exptl_crystal_grow.pH              6.5 
_exptl_crystal_grow.pressure        ? 
_exptl_crystal_grow.pressure_esd    ? 
_exptl_crystal_grow.seeding         ? 
_exptl_crystal_grow.seeding_ref     ? 
_exptl_crystal_grow.temp            293 
_exptl_crystal_grow.temp_details    ? 
_exptl_crystal_grow.temp_esd        ? 
_exptl_crystal_grow.time            ? 
_exptl_crystal_grow.pdbx_details    '28% (w/v) Polyethylene glycol monomethyl ether 2,000, 100 mM Bis-Tris' 
_exptl_crystal_grow.pdbx_pH_range   ? 
# 
_diffrn.ambient_environment    ? 
_diffrn.ambient_temp           100 
_diffrn.ambient_temp_details   ? 
_diffrn.ambient_temp_esd       ? 
_diffrn.crystal_id             1 
_diffrn.crystal_support        ? 
_diffrn.crystal_treatment      ? 
_diffrn.details                ? 
_diffrn.id                     1 
_diffrn.ambient_pressure       ? 
_diffrn.ambient_pressure_esd   ? 
_diffrn.ambient_pressure_gt    ? 
_diffrn.ambient_pressure_lt    ? 
_diffrn.ambient_temp_gt        ? 
_diffrn.ambient_temp_lt        ? 
# 
_diffrn_detector.details                      ? 
_diffrn_detector.detector                     PIXEL 
_diffrn_detector.diffrn_id                    1 
_diffrn_detector.type                         'DECTRIS PILATUS 6M' 
_diffrn_detector.area_resol_mean              ? 
_diffrn_detector.dtime                        ? 
_diffrn_detector.pdbx_frames_total            ? 
_diffrn_detector.pdbx_collection_time_total   ? 
_diffrn_detector.pdbx_collection_date         2016-08-14 
# 
_diffrn_radiation.collimation                      ? 
_diffrn_radiation.diffrn_id                        1 
_diffrn_radiation.filter_edge                      ? 
_diffrn_radiation.inhomogeneity                    ? 
_diffrn_radiation.monochromator                    ? 
_diffrn_radiation.polarisn_norm                    ? 
_diffrn_radiation.polarisn_ratio                   ? 
_diffrn_radiation.probe                            ? 
_diffrn_radiation.type                             ? 
_diffrn_radiation.xray_symbol                      ? 
_diffrn_radiation.wavelength_id                    1 
_diffrn_radiation.pdbx_monochromatic_or_laue_m_l   M 
_diffrn_radiation.pdbx_wavelength_list             ? 
_diffrn_radiation.pdbx_wavelength                  ? 
_diffrn_radiation.pdbx_diffrn_protocol             'SINGLE WAVELENGTH' 
_diffrn_radiation.pdbx_analyzer                    ? 
_diffrn_radiation.pdbx_scattering_type             x-ray 
# 
_diffrn_radiation_wavelength.id           1 
_diffrn_radiation_wavelength.wavelength   1.00000 
_diffrn_radiation_wavelength.wt           1.0 
# 
_diffrn_source.current                     ? 
_diffrn_source.details                     ? 
_diffrn_source.diffrn_id                   1 
_diffrn_source.power                       ? 
_diffrn_source.size                        ? 
_diffrn_source.source                      SYNCHROTRON 
_diffrn_source.target                      ? 
_diffrn_source.type                        'APS BEAMLINE 17-ID' 
_diffrn_source.voltage                     ? 
_diffrn_source.take-off_angle              ? 
_diffrn_source.pdbx_wavelength_list        1.00000 
_diffrn_source.pdbx_wavelength             ? 
_diffrn_source.pdbx_synchrotron_beamline   17-ID 
_diffrn_source.pdbx_synchrotron_site       APS 
# 
_reflns.B_iso_Wilson_estimate            14.920 
_reflns.entry_id                         5TG2 
_reflns.data_reduction_details           ? 
_reflns.data_reduction_method            ? 
_reflns.d_resolution_high                1.750 
_reflns.d_resolution_low                 32.790 
_reflns.details                          ? 
_reflns.limit_h_max                      ? 
_reflns.limit_h_min                      ? 
_reflns.limit_k_max                      ? 
_reflns.limit_k_min                      ? 
_reflns.limit_l_max                      ? 
_reflns.limit_l_min                      ? 
_reflns.number_all                       ? 
_reflns.number_obs                       14350 
_reflns.observed_criterion               ? 
_reflns.observed_criterion_F_max         ? 
_reflns.observed_criterion_F_min         ? 
_reflns.observed_criterion_I_max         ? 
_reflns.observed_criterion_I_min         ? 
_reflns.observed_criterion_sigma_F       ? 
_reflns.observed_criterion_sigma_I       ? 
_reflns.percent_possible_obs             99.600 
_reflns.R_free_details                   ? 
_reflns.Rmerge_F_all                     ? 
_reflns.Rmerge_F_obs                     ? 
_reflns.Friedel_coverage                 ? 
_reflns.number_gt                        ? 
_reflns.threshold_expression             ? 
_reflns.pdbx_redundancy                  3.200 
_reflns.pdbx_Rmerge_I_obs                0.082 
_reflns.pdbx_Rmerge_I_all                ? 
_reflns.pdbx_Rsym_value                  ? 
_reflns.pdbx_netI_over_av_sigmaI         ? 
_reflns.pdbx_netI_over_sigmaI            9.500 
_reflns.pdbx_res_netI_over_av_sigmaI_2   ? 
_reflns.pdbx_res_netI_over_sigmaI_2      ? 
_reflns.pdbx_chi_squared                 ? 
_reflns.pdbx_scaling_rejects             38 
_reflns.pdbx_d_res_high_opt              ? 
_reflns.pdbx_d_res_low_opt               ? 
_reflns.pdbx_d_res_opt_method            ? 
_reflns.phase_calculation_details        ? 
_reflns.pdbx_Rrim_I_all                  ? 
_reflns.pdbx_Rpim_I_all                  ? 
_reflns.pdbx_d_opt                       ? 
_reflns.pdbx_number_measured_all         46353 
_reflns.pdbx_diffrn_id                   1 
_reflns.pdbx_ordinal                     1 
_reflns.pdbx_CC_half                     0.996 
_reflns.pdbx_R_split                     ? 
# 
loop_
_reflns_shell.d_res_high 
_reflns_shell.d_res_low 
_reflns_shell.meanI_over_sigI_all 
_reflns_shell.meanI_over_sigI_obs 
_reflns_shell.number_measured_all 
_reflns_shell.number_measured_obs 
_reflns_shell.number_possible 
_reflns_shell.number_unique_all 
_reflns_shell.number_unique_obs 
_reflns_shell.percent_possible_all 
_reflns_shell.percent_possible_obs 
_reflns_shell.Rmerge_F_all 
_reflns_shell.Rmerge_F_obs 
_reflns_shell.Rmerge_I_all 
_reflns_shell.Rmerge_I_obs 
_reflns_shell.meanI_over_sigI_gt 
_reflns_shell.meanI_over_uI_all 
_reflns_shell.meanI_over_uI_gt 
_reflns_shell.number_measured_gt 
_reflns_shell.number_unique_gt 
_reflns_shell.percent_possible_gt 
_reflns_shell.Rmerge_F_gt 
_reflns_shell.Rmerge_I_gt 
_reflns_shell.pdbx_redundancy 
_reflns_shell.pdbx_Rsym_value 
_reflns_shell.pdbx_chi_squared 
_reflns_shell.pdbx_netI_over_sigmaI_all 
_reflns_shell.pdbx_netI_over_sigmaI_obs 
_reflns_shell.pdbx_Rrim_I_all 
_reflns_shell.pdbx_Rpim_I_all 
_reflns_shell.pdbx_rejects 
_reflns_shell.pdbx_ordinal 
_reflns_shell.pdbx_diffrn_id 
_reflns_shell.pdbx_CC_half 
_reflns_shell.pdbx_R_split 
1.750 1.780  ? ? ? ? ? ? ? 94.600 ? ? ? ? 0.464 ? ? ? ? ? ? ? ? 2.400 ? ? ? ? ? ? ? 1 1 0.780 ? 
9.090 32.790 ? ? ? ? ? ? ? 99.000 ? ? ? ? 0.029 ? ? ? ? ? ? ? ? 3.100 ? ? ? ? ? ? ? 2 1 0.998 ? 
# 
_refine.aniso_B[1][1]                            ? 
_refine.aniso_B[1][2]                            ? 
_refine.aniso_B[1][3]                            ? 
_refine.aniso_B[2][2]                            ? 
_refine.aniso_B[2][3]                            ? 
_refine.aniso_B[3][3]                            ? 
_refine.B_iso_max                                57.930 
_refine.B_iso_mean                               20.4205 
_refine.B_iso_min                                4.950 
_refine.correlation_coeff_Fo_to_Fc               ? 
_refine.correlation_coeff_Fo_to_Fc_free          ? 
_refine.details                                  ? 
_refine.diff_density_max                         ? 
_refine.diff_density_max_esd                     ? 
_refine.diff_density_min                         ? 
_refine.diff_density_min_esd                     ? 
_refine.diff_density_rms                         ? 
_refine.diff_density_rms_esd                     ? 
_refine.entry_id                                 5TG2 
_refine.pdbx_refine_id                           'X-RAY DIFFRACTION' 
_refine.ls_abs_structure_details                 ? 
_refine.ls_abs_structure_Flack                   ? 
_refine.ls_abs_structure_Flack_esd               ? 
_refine.ls_abs_structure_Rogers                  ? 
_refine.ls_abs_structure_Rogers_esd              ? 
_refine.ls_d_res_high                            1.7500 
_refine.ls_d_res_low                             32.790 
_refine.ls_extinction_coef                       ? 
_refine.ls_extinction_coef_esd                   ? 
_refine.ls_extinction_expression                 ? 
_refine.ls_extinction_method                     ? 
_refine.ls_goodness_of_fit_all                   ? 
_refine.ls_goodness_of_fit_all_esd               ? 
_refine.ls_goodness_of_fit_obs                   ? 
_refine.ls_goodness_of_fit_obs_esd               ? 
_refine.ls_hydrogen_treatment                    ? 
_refine.ls_matrix_type                           ? 
_refine.ls_number_constraints                    ? 
_refine.ls_number_parameters                     ? 
_refine.ls_number_reflns_all                     ? 
_refine.ls_number_reflns_obs                     14334 
_refine.ls_number_reflns_R_free                  710 
_refine.ls_number_reflns_R_work                  ? 
_refine.ls_number_restraints                     ? 
_refine.ls_percent_reflns_obs                    99.4900 
_refine.ls_percent_reflns_R_free                 4.9500 
_refine.ls_R_factor_all                          ? 
_refine.ls_R_factor_obs                          0.1781 
_refine.ls_R_factor_R_free                       0.2268 
_refine.ls_R_factor_R_free_error                 ? 
_refine.ls_R_factor_R_free_error_details         ? 
_refine.ls_R_factor_R_work                       0.1756 
_refine.ls_R_Fsqd_factor_obs                     ? 
_refine.ls_R_I_factor_obs                        ? 
_refine.ls_redundancy_reflns_all                 ? 
_refine.ls_redundancy_reflns_obs                 ? 
_refine.ls_restrained_S_all                      ? 
_refine.ls_restrained_S_obs                      ? 
_refine.ls_shift_over_esd_max                    ? 
_refine.ls_shift_over_esd_mean                   ? 
_refine.ls_structure_factor_coef                 ? 
_refine.ls_weighting_details                     ? 
_refine.ls_weighting_scheme                      ? 
_refine.ls_wR_factor_all                         ? 
_refine.ls_wR_factor_obs                         ? 
_refine.ls_wR_factor_R_free                      ? 
_refine.ls_wR_factor_R_work                      ? 
_refine.occupancy_max                            ? 
_refine.occupancy_min                            ? 
_refine.solvent_model_details                    ? 
_refine.solvent_model_param_bsol                 ? 
_refine.solvent_model_param_ksol                 ? 
_refine.ls_R_factor_gt                           ? 
_refine.ls_goodness_of_fit_gt                    ? 
_refine.ls_goodness_of_fit_ref                   ? 
_refine.ls_shift_over_su_max                     ? 
_refine.ls_shift_over_su_max_lt                  ? 
_refine.ls_shift_over_su_mean                    ? 
_refine.ls_shift_over_su_mean_lt                 ? 
_refine.pdbx_ls_sigma_I                          ? 
_refine.pdbx_ls_sigma_F                          1.100 
_refine.pdbx_ls_sigma_Fsqd                       ? 
_refine.pdbx_data_cutoff_high_absF               ? 
_refine.pdbx_data_cutoff_high_rms_absF           ? 
_refine.pdbx_data_cutoff_low_absF                ? 
_refine.pdbx_isotropic_thermal_model             ? 
_refine.pdbx_ls_cross_valid_method               'FREE R-VALUE' 
_refine.pdbx_method_to_determine_struct          'MOLECULAR REPLACEMENT' 
_refine.pdbx_starting_model                      5E0G 
_refine.pdbx_stereochemistry_target_values       ? 
_refine.pdbx_R_Free_selection_details            ? 
_refine.pdbx_stereochem_target_val_spec_case     ? 
_refine.pdbx_overall_ESU_R                       ? 
_refine.pdbx_overall_ESU_R_Free                  ? 
_refine.pdbx_solvent_vdw_probe_radii             1.1100 
_refine.pdbx_solvent_ion_probe_radii             ? 
_refine.pdbx_solvent_shrinkage_radii             0.9000 
_refine.pdbx_real_space_R                        ? 
_refine.pdbx_density_correlation                 ? 
_refine.pdbx_pd_number_of_powder_patterns        ? 
_refine.pdbx_pd_number_of_points                 ? 
_refine.pdbx_pd_meas_number_of_points            ? 
_refine.pdbx_pd_proc_ls_prof_R_factor            ? 
_refine.pdbx_pd_proc_ls_prof_wR_factor           ? 
_refine.pdbx_pd_Marquardt_correlation_coeff      ? 
_refine.pdbx_pd_Fsqrd_R_factor                   ? 
_refine.pdbx_pd_ls_matrix_band_width             ? 
_refine.pdbx_overall_phase_error                 23.3700 
_refine.pdbx_overall_SU_R_free_Cruickshank_DPI   ? 
_refine.pdbx_overall_SU_R_free_Blow_DPI          ? 
_refine.pdbx_overall_SU_R_Blow_DPI               ? 
_refine.pdbx_TLS_residual_ADP_flag               ? 
_refine.pdbx_diffrn_id                           1 
_refine.overall_SU_B                             ? 
_refine.overall_SU_ML                            0.1900 
_refine.overall_SU_R_Cruickshank_DPI             ? 
_refine.overall_SU_R_free                        ? 
_refine.overall_FOM_free_R_set                   ? 
_refine.overall_FOM_work_R_set                   ? 
_refine.pdbx_average_fsc_overall                 ? 
_refine.pdbx_average_fsc_work                    ? 
_refine.pdbx_average_fsc_free                    ? 
# 
_refine_hist.cycle_id                         final 
_refine_hist.pdbx_refine_id                   'X-RAY DIFFRACTION' 
_refine_hist.d_res_high                       1.7500 
_refine_hist.d_res_low                        32.790 
_refine_hist.pdbx_number_atoms_ligand         31 
_refine_hist.number_atoms_solvent             83 
_refine_hist.number_atoms_total               1299 
_refine_hist.pdbx_number_residues_total       162 
_refine_hist.pdbx_B_iso_mean_ligand           22.04 
_refine_hist.pdbx_B_iso_mean_solvent          29.94 
_refine_hist.pdbx_number_atoms_protein        1185 
_refine_hist.pdbx_number_atoms_nucleic_acid   0 
# 
loop_
_refine_ls_restr.pdbx_refine_id 
_refine_ls_restr.criterion 
_refine_ls_restr.dev_ideal 
_refine_ls_restr.dev_ideal_target 
_refine_ls_restr.number 
_refine_ls_restr.rejects 
_refine_ls_restr.type 
_refine_ls_restr.weight 
_refine_ls_restr.pdbx_restraint_function 
'X-RAY DIFFRACTION' ? 0.010  ? 1258 ? f_bond_d           ? ? 
'X-RAY DIFFRACTION' ? 0.998  ? 1705 ? f_angle_d          ? ? 
'X-RAY DIFFRACTION' ? 0.060  ? 195  ? f_chiral_restr     ? ? 
'X-RAY DIFFRACTION' ? 0.007  ? 213  ? f_plane_restr      ? ? 
'X-RAY DIFFRACTION' ? 14.848 ? 734  ? f_dihedral_angle_d ? ? 
# 
loop_
_refine_ls_shell.pdbx_refine_id 
_refine_ls_shell.d_res_high 
_refine_ls_shell.d_res_low 
_refine_ls_shell.number_reflns_all 
_refine_ls_shell.number_reflns_obs 
_refine_ls_shell.number_reflns_R_free 
_refine_ls_shell.number_reflns_R_work 
_refine_ls_shell.percent_reflns_obs 
_refine_ls_shell.percent_reflns_R_free 
_refine_ls_shell.R_factor_all 
_refine_ls_shell.R_factor_obs 
_refine_ls_shell.R_factor_R_free 
_refine_ls_shell.R_factor_R_free_error 
_refine_ls_shell.R_factor_R_work 
_refine_ls_shell.redundancy_reflns_all 
_refine_ls_shell.redundancy_reflns_obs 
_refine_ls_shell.wR_factor_all 
_refine_ls_shell.wR_factor_obs 
_refine_ls_shell.wR_factor_R_free 
_refine_ls_shell.wR_factor_R_work 
_refine_ls_shell.pdbx_total_number_of_bins_used 
_refine_ls_shell.pdbx_phase_error 
_refine_ls_shell.pdbx_fsc_work 
_refine_ls_shell.pdbx_fsc_free 
'X-RAY DIFFRACTION' 1.7500 1.8851  2781 . 116 2665 98.0000  . . . 0.2744 . 0.1851 . . . . . . 5 . . . 
'X-RAY DIFFRACTION' 1.8851 2.0748  2849 . 158 2691 100.0000 . . . 0.2246 . 0.1693 . . . . . . 5 . . . 
'X-RAY DIFFRACTION' 2.0748 2.3750  2888 . 171 2717 100.0000 . . . 0.2158 . 0.1626 . . . . . . 5 . . . 
'X-RAY DIFFRACTION' 2.3750 2.9919  2858 . 128 2730 100.0000 . . . 0.2530 . 0.1876 . . . . . . 5 . . . 
'X-RAY DIFFRACTION' 2.9919 32.8000 2958 . 137 2821 100.0000 . . . 0.2129 . 0.1744 . . . . . . 5 . . . 
# 
_struct.entry_id                     5TG2 
_struct.title                        
'1.75 A resolution structure of Norovirus 3CL protease in complex with the a n-pentyl substituted macrocyclic inhibitor (17-mer)' 
_struct.pdbx_model_details           ? 
_struct.pdbx_formula_weight          ? 
_struct.pdbx_formula_weight_method   ? 
_struct.pdbx_model_type_details      ? 
_struct.pdbx_CASP_flag               N 
# 
_struct_keywords.entry_id        5TG2 
_struct_keywords.text            
;PROTEASE, NOROVIRUS, NORWALK VIRUS, ANTIVIRAL INHIBITORS, MACROCYCLIC INHIBITOR, HYDROLASE-HYDROLASE inhibitor complex, PROTEASE-PROTEASE INHIBITOR complex
;
_struct_keywords.pdbx_keywords   'PROTEASE/PROTEASE INHIBITOR' 
# 
loop_
_struct_asym.id 
_struct_asym.pdbx_blank_PDB_chainid_flag 
_struct_asym.pdbx_modified 
_struct_asym.entity_id 
_struct_asym.details 
A N N 1 ? 
B N N 2 ? 
C N N 3 ? 
# 
_struct_ref.id                         1 
_struct_ref.db_name                    UNP 
_struct_ref.db_code                    POLG_NVN68 
_struct_ref.pdbx_db_accession          Q83883 
_struct_ref.pdbx_db_isoform            ? 
_struct_ref.entity_id                  1 
_struct_ref.pdbx_seq_one_letter_code   
;APPTLWSRVTKFGSGWGFWVSPTVFITTTHVVPTGVKEFFGEPLSSIAIHQAGEFTQFRFSKKMRPDLTGMVLEEGCPEG
TVCSVLIKRDSGELLPLAVRMGAIASMRIQGRLVHGQSGMLLTGANAKGMDLGTIPGDCGAPYVHKRGNDWVVCGVHAAA
TKSGNTVVCAVQAGEGETALE
;
_struct_ref.pdbx_align_begin           1101 
# 
_struct_ref_seq.align_id                      1 
_struct_ref_seq.ref_id                        1 
_struct_ref_seq.pdbx_PDB_id_code              5TG2 
_struct_ref_seq.pdbx_strand_id                A 
_struct_ref_seq.seq_align_beg                 8 
_struct_ref_seq.pdbx_seq_align_beg_ins_code   ? 
_struct_ref_seq.seq_align_end                 188 
_struct_ref_seq.pdbx_seq_align_end_ins_code   ? 
_struct_ref_seq.pdbx_db_accession             Q83883 
_struct_ref_seq.db_align_beg                  1101 
_struct_ref_seq.pdbx_db_align_beg_ins_code    ? 
_struct_ref_seq.db_align_end                  1281 
_struct_ref_seq.pdbx_db_align_end_ins_code    ? 
_struct_ref_seq.pdbx_auth_seq_align_beg       1 
_struct_ref_seq.pdbx_auth_seq_align_end       181 
# 
loop_
_struct_ref_seq_dif.align_id 
_struct_ref_seq_dif.pdbx_pdb_id_code 
_struct_ref_seq_dif.mon_id 
_struct_ref_seq_dif.pdbx_pdb_strand_id 
_struct_ref_seq_dif.seq_num 
_struct_ref_seq_dif.pdbx_pdb_ins_code 
_struct_ref_seq_dif.pdbx_seq_db_name 
_struct_ref_seq_dif.pdbx_seq_db_accession_code 
_struct_ref_seq_dif.db_mon_id 
_struct_ref_seq_dif.pdbx_seq_db_seq_num 
_struct_ref_seq_dif.details 
_struct_ref_seq_dif.pdbx_auth_seq_num 
_struct_ref_seq_dif.pdbx_ordinal 
1 5TG2 MET A 1 ? UNP Q83883 ? ? 'initiating methionine' -6 1 
1 5TG2 HIS A 2 ? UNP Q83883 ? ? 'expression tag'        -5 2 
1 5TG2 HIS A 3 ? UNP Q83883 ? ? 'expression tag'        -4 3 
1 5TG2 HIS A 4 ? UNP Q83883 ? ? 'expression tag'        -3 4 
1 5TG2 HIS A 5 ? UNP Q83883 ? ? 'expression tag'        -2 5 
1 5TG2 HIS A 6 ? UNP Q83883 ? ? 'expression tag'        -1 6 
1 5TG2 HIS A 7 ? UNP Q83883 ? ? 'expression tag'        0  7 
# 
_pdbx_struct_assembly.id                   1 
_pdbx_struct_assembly.details              author_defined_assembly 
_pdbx_struct_assembly.method_details       ? 
_pdbx_struct_assembly.oligomeric_details   monomeric 
_pdbx_struct_assembly.oligomeric_count     1 
# 
_pdbx_struct_assembly_gen.assembly_id       1 
_pdbx_struct_assembly_gen.oper_expression   1 
_pdbx_struct_assembly_gen.asym_id_list      A,B,C 
# 
_pdbx_struct_oper_list.id                   1 
_pdbx_struct_oper_list.type                 'identity operation' 
_pdbx_struct_oper_list.name                 1_555 
_pdbx_struct_oper_list.symmetry_operation   x,y,z 
_pdbx_struct_oper_list.matrix[1][1]         1.0000000000 
_pdbx_struct_oper_list.matrix[1][2]         0.0000000000 
_pdbx_struct_oper_list.matrix[1][3]         0.0000000000 
_pdbx_struct_oper_list.vector[1]            0.0000000000 
_pdbx_struct_oper_list.matrix[2][1]         0.0000000000 
_pdbx_struct_oper_list.matrix[2][2]         1.0000000000 
_pdbx_struct_oper_list.matrix[2][3]         0.0000000000 
_pdbx_struct_oper_list.vector[2]            0.0000000000 
_pdbx_struct_oper_list.matrix[3][1]         0.0000000000 
_pdbx_struct_oper_list.matrix[3][2]         0.0000000000 
_pdbx_struct_oper_list.matrix[3][3]         1.0000000000 
_pdbx_struct_oper_list.vector[3]            0.0000000000 
# 
loop_
_struct_conf.conf_type_id 
_struct_conf.id 
_struct_conf.pdbx_PDB_helix_id 
_struct_conf.beg_label_comp_id 
_struct_conf.beg_label_asym_id 
_struct_conf.beg_label_seq_id 
_struct_conf.pdbx_beg_PDB_ins_code 
_struct_conf.end_label_comp_id 
_struct_conf.end_label_asym_id 
_struct_conf.end_label_seq_id 
_struct_conf.pdbx_end_PDB_ins_code 
_struct_conf.beg_auth_comp_id 
_struct_conf.beg_auth_asym_id 
_struct_conf.beg_auth_seq_id 
_struct_conf.end_auth_comp_id 
_struct_conf.end_auth_asym_id 
_struct_conf.end_auth_seq_id 
_struct_conf.pdbx_PDB_helix_class 
_struct_conf.details 
_struct_conf.pdbx_PDB_helix_length 
HELX_P HELX_P1 AA1 PRO A 9   ? SER A 14  ? PRO A 2   SER A 7   1 ? 6 
HELX_P HELX_P2 AA2 HIS A 37  ? VAL A 39  ? HIS A 30  VAL A 32  5 ? 3 
HELX_P HELX_P3 AA3 THR A 130 ? ASN A 133 ? THR A 123 ASN A 126 5 ? 4 
# 
_struct_conf_type.id          HELX_P 
_struct_conf_type.criteria    ? 
_struct_conf_type.reference   ? 
# 
_struct_conn.id                            covale1 
_struct_conn.conn_type_id                  covale 
_struct_conn.pdbx_leaving_atom_flag        none 
_struct_conn.pdbx_PDB_id                   ? 
_struct_conn.ptnr1_label_asym_id           A 
_struct_conn.ptnr1_label_comp_id           CYS 
_struct_conn.ptnr1_label_seq_id            146 
_struct_conn.ptnr1_label_atom_id           SG 
_struct_conn.pdbx_ptnr1_label_alt_id       ? 
_struct_conn.pdbx_ptnr1_PDB_ins_code       ? 
_struct_conn.pdbx_ptnr1_standard_comp_id   ? 
_struct_conn.ptnr1_symmetry                1_555 
_struct_conn.ptnr2_label_asym_id           B 
_struct_conn.ptnr2_label_comp_id           V69 
_struct_conn.ptnr2_label_seq_id            . 
_struct_conn.ptnr2_label_atom_id           C20 
_struct_conn.pdbx_ptnr2_label_alt_id       ? 
_struct_conn.pdbx_ptnr2_PDB_ins_code       ? 
_struct_conn.ptnr1_auth_asym_id            A 
_struct_conn.ptnr1_auth_comp_id            CYS 
_struct_conn.ptnr1_auth_seq_id             139 
_struct_conn.ptnr2_auth_asym_id            A 
_struct_conn.ptnr2_auth_comp_id            V69 
_struct_conn.ptnr2_auth_seq_id             201 
_struct_conn.ptnr2_symmetry                1_555 
_struct_conn.pdbx_ptnr3_label_atom_id      ? 
_struct_conn.pdbx_ptnr3_label_seq_id       ? 
_struct_conn.pdbx_ptnr3_label_comp_id      ? 
_struct_conn.pdbx_ptnr3_label_asym_id      ? 
_struct_conn.pdbx_ptnr3_label_alt_id       ? 
_struct_conn.pdbx_ptnr3_PDB_ins_code       ? 
_struct_conn.details                       ? 
_struct_conn.pdbx_dist_value               1.798 
_struct_conn.pdbx_value_order              ? 
_struct_conn.pdbx_role                     ? 
# 
_struct_conn_type.id          covale 
_struct_conn_type.criteria    ? 
_struct_conn_type.reference   ? 
# 
_pdbx_modification_feature.ordinal                            1 
_pdbx_modification_feature.label_comp_id                      V69 
_pdbx_modification_feature.label_asym_id                      B 
_pdbx_modification_feature.label_seq_id                       . 
_pdbx_modification_feature.label_alt_id                       ? 
_pdbx_modification_feature.modified_residue_label_comp_id     CYS 
_pdbx_modification_feature.modified_residue_label_asym_id     A 
_pdbx_modification_feature.modified_residue_label_seq_id      146 
_pdbx_modification_feature.modified_residue_label_alt_id      ? 
_pdbx_modification_feature.auth_comp_id                       V69 
_pdbx_modification_feature.auth_asym_id                       A 
_pdbx_modification_feature.auth_seq_id                        201 
_pdbx_modification_feature.PDB_ins_code                       ? 
_pdbx_modification_feature.symmetry                           1_555 
_pdbx_modification_feature.modified_residue_auth_comp_id      CYS 
_pdbx_modification_feature.modified_residue_auth_asym_id      A 
_pdbx_modification_feature.modified_residue_auth_seq_id       139 
_pdbx_modification_feature.modified_residue_PDB_ins_code      ? 
_pdbx_modification_feature.modified_residue_symmetry          1_555 
_pdbx_modification_feature.comp_id_linking_atom               C20 
_pdbx_modification_feature.modified_residue_id_linking_atom   SG 
_pdbx_modification_feature.modified_residue_id                CYS 
_pdbx_modification_feature.ref_pcm_id                         1 
_pdbx_modification_feature.ref_comp_id                        V69 
_pdbx_modification_feature.type                               None 
_pdbx_modification_feature.category                           'Covalent chemical modification' 
# 
loop_
_struct_sheet.id 
_struct_sheet.type 
_struct_sheet.number_strands 
_struct_sheet.details 
AA1 ? 5 ? 
AA2 ? 2 ? 
AA3 ? 8 ? 
# 
loop_
_struct_sheet_order.sheet_id 
_struct_sheet_order.range_id_1 
_struct_sheet_order.range_id_2 
_struct_sheet_order.offset 
_struct_sheet_order.sense 
AA1 1 2 ? anti-parallel 
AA1 2 3 ? anti-parallel 
AA1 3 4 ? anti-parallel 
AA1 4 5 ? anti-parallel 
AA2 1 2 ? anti-parallel 
AA3 1 2 ? parallel      
AA3 2 3 ? anti-parallel 
AA3 3 4 ? anti-parallel 
AA3 4 5 ? anti-parallel 
AA3 5 6 ? anti-parallel 
AA3 6 7 ? anti-parallel 
AA3 7 8 ? anti-parallel 
# 
loop_
_struct_sheet_range.sheet_id 
_struct_sheet_range.id 
_struct_sheet_range.beg_label_comp_id 
_struct_sheet_range.beg_label_asym_id 
_struct_sheet_range.beg_label_seq_id 
_struct_sheet_range.pdbx_beg_PDB_ins_code 
_struct_sheet_range.end_label_comp_id 
_struct_sheet_range.end_label_asym_id 
_struct_sheet_range.end_label_seq_id 
_struct_sheet_range.pdbx_end_PDB_ins_code 
_struct_sheet_range.beg_auth_comp_id 
_struct_sheet_range.beg_auth_asym_id 
_struct_sheet_range.beg_auth_seq_id 
_struct_sheet_range.end_auth_comp_id 
_struct_sheet_range.end_auth_asym_id 
_struct_sheet_range.end_auth_seq_id 
AA1 1 VAL A 16  ? PHE A 19  ? VAL A 9   PHE A 12  
AA1 2 GLY A 22  ? TRP A 26  ? GLY A 15  TRP A 19  
AA1 3 VAL A 31  ? THR A 35  ? VAL A 24  THR A 28  
AA1 4 PHE A 62  ? PHE A 67  ? PHE A 55  PHE A 60  
AA1 5 ILE A 54  ? ALA A 59  ? ILE A 47  ALA A 52  
AA2 1 GLU A 45  ? PHE A 46  ? GLU A 38  PHE A 39  
AA2 2 GLU A 49  ? PRO A 50  ? GLU A 42  PRO A 43  
AA3 1 VAL A 79  ? LEU A 80  ? VAL A 72  LEU A 73  
AA3 2 ASP A 157 ? THR A 168 ? ASP A 150 THR A 161 
AA3 3 THR A 173 ? ALA A 177 ? THR A 166 ALA A 170 
AA3 4 ARG A 119 ? LEU A 128 ? ARG A 112 LEU A 121 
AA3 5 LEU A 101 ? ILE A 116 ? LEU A 94  ILE A 109 
AA3 6 VAL A 89  ? LYS A 95  ? VAL A 82  LYS A 88  
AA3 7 PRO A 149 ? ARG A 154 ? PRO A 142 ARG A 147 
AA3 8 ASP A 157 ? THR A 168 ? ASP A 150 THR A 161 
# 
loop_
_pdbx_struct_sheet_hbond.sheet_id 
_pdbx_struct_sheet_hbond.range_id_1 
_pdbx_struct_sheet_hbond.range_id_2 
_pdbx_struct_sheet_hbond.range_1_label_atom_id 
_pdbx_struct_sheet_hbond.range_1_label_comp_id 
_pdbx_struct_sheet_hbond.range_1_label_asym_id 
_pdbx_struct_sheet_hbond.range_1_label_seq_id 
_pdbx_struct_sheet_hbond.range_1_PDB_ins_code 
_pdbx_struct_sheet_hbond.range_1_auth_atom_id 
_pdbx_struct_sheet_hbond.range_1_auth_comp_id 
_pdbx_struct_sheet_hbond.range_1_auth_asym_id 
_pdbx_struct_sheet_hbond.range_1_auth_seq_id 
_pdbx_struct_sheet_hbond.range_2_label_atom_id 
_pdbx_struct_sheet_hbond.range_2_label_comp_id 
_pdbx_struct_sheet_hbond.range_2_label_asym_id 
_pdbx_struct_sheet_hbond.range_2_label_seq_id 
_pdbx_struct_sheet_hbond.range_2_PDB_ins_code 
_pdbx_struct_sheet_hbond.range_2_auth_atom_id 
_pdbx_struct_sheet_hbond.range_2_auth_comp_id 
_pdbx_struct_sheet_hbond.range_2_auth_asym_id 
_pdbx_struct_sheet_hbond.range_2_auth_seq_id 
AA1 1 2 N PHE A 19  ? N PHE A 12  O GLY A 22  ? O GLY A 15  
AA1 2 3 N PHE A 25  ? N PHE A 18  O ILE A 33  ? O ILE A 26  
AA1 3 4 N PHE A 32  ? N PHE A 25  O PHE A 65  ? O PHE A 58  
AA1 4 5 O ARG A 66  ? O ARG A 59  N ALA A 55  ? N ALA A 48  
AA2 1 2 N PHE A 46  ? N PHE A 39  O GLU A 49  ? O GLU A 42  
AA3 1 2 N VAL A 79  ? N VAL A 72  O VAL A 160 ? O VAL A 153 
AA3 2 3 N VAL A 163 ? N VAL A 156 O ALA A 177 ? O ALA A 170 
AA3 3 4 O CYS A 176 ? O CYS A 169 N GLN A 124 ? N GLN A 117 
AA3 4 5 O VAL A 121 ? O VAL A 114 N MET A 114 ? N MET A 107 
AA3 5 6 O LEU A 102 ? O LEU A 95  N ILE A 94  ? N ILE A 87  
AA3 6 7 N SER A 91  ? N SER A 84  O VAL A 151 ? O VAL A 144 
AA3 7 8 N ARG A 154 ? N ARG A 147 O ASP A 157 ? O ASP A 150 
# 
_struct_site.id                   AC1 
_struct_site.pdbx_evidence_code   Software 
_struct_site.pdbx_auth_asym_id    A 
_struct_site.pdbx_auth_comp_id    V69 
_struct_site.pdbx_auth_seq_id     201 
_struct_site.pdbx_auth_ins_code   ? 
_struct_site.pdbx_num_residues    8 
_struct_site.details              'binding site for residue V69 A 201' 
# 
loop_
_struct_site_gen.id 
_struct_site_gen.site_id 
_struct_site_gen.pdbx_num_res 
_struct_site_gen.label_comp_id 
_struct_site_gen.label_asym_id 
_struct_site_gen.label_seq_id 
_struct_site_gen.pdbx_auth_ins_code 
_struct_site_gen.auth_comp_id 
_struct_site_gen.auth_asym_id 
_struct_site_gen.auth_seq_id 
_struct_site_gen.label_atom_id 
_struct_site_gen.label_alt_id 
_struct_site_gen.symmetry 
_struct_site_gen.details 
1 AC1 8 HIS A 37  ? HIS A 30  . ? 1_555 ? 
2 AC1 8 GLN A 117 ? GLN A 110 . ? 1_555 ? 
3 AC1 8 CYS A 146 ? CYS A 139 . ? 1_555 ? 
4 AC1 8 GLY A 155 ? GLY A 148 . ? 1_545 ? 
5 AC1 8 ALA A 165 ? ALA A 158 . ? 1_555 ? 
6 AC1 8 ALA A 166 ? ALA A 159 . ? 1_555 ? 
7 AC1 8 ALA A 167 ? ALA A 160 . ? 1_555 ? 
8 AC1 8 HOH C .   ? HOH A 351 . ? 1_555 ? 
# 
_pdbx_entry_details.entry_id                   5TG2 
_pdbx_entry_details.compound_details           ? 
_pdbx_entry_details.source_details             ? 
_pdbx_entry_details.nonpolymer_details         ? 
_pdbx_entry_details.sequence_details           ? 
_pdbx_entry_details.has_ligand_of_interest     ? 
_pdbx_entry_details.has_protein_modification   Y 
# 
_pdbx_validate_close_contact.id               1 
_pdbx_validate_close_contact.PDB_model_num    1 
_pdbx_validate_close_contact.auth_atom_id_1   OE2 
_pdbx_validate_close_contact.auth_asym_id_1   A 
_pdbx_validate_close_contact.auth_comp_id_1   GLU 
_pdbx_validate_close_contact.auth_seq_id_1    79 
_pdbx_validate_close_contact.PDB_ins_code_1   ? 
_pdbx_validate_close_contact.label_alt_id_1   ? 
_pdbx_validate_close_contact.auth_atom_id_2   O 
_pdbx_validate_close_contact.auth_asym_id_2   A 
_pdbx_validate_close_contact.auth_comp_id_2   HOH 
_pdbx_validate_close_contact.auth_seq_id_2    301 
_pdbx_validate_close_contact.PDB_ins_code_2   ? 
_pdbx_validate_close_contact.label_alt_id_2   ? 
_pdbx_validate_close_contact.dist             2.06 
# 
_pdbx_validate_symm_contact.id                1 
_pdbx_validate_symm_contact.PDB_model_num     1 
_pdbx_validate_symm_contact.auth_atom_id_1    O 
_pdbx_validate_symm_contact.auth_asym_id_1    A 
_pdbx_validate_symm_contact.auth_comp_id_1    HOH 
_pdbx_validate_symm_contact.auth_seq_id_1     303 
_pdbx_validate_symm_contact.PDB_ins_code_1    ? 
_pdbx_validate_symm_contact.label_alt_id_1    ? 
_pdbx_validate_symm_contact.site_symmetry_1   1_555 
_pdbx_validate_symm_contact.auth_atom_id_2    O 
_pdbx_validate_symm_contact.auth_asym_id_2    A 
_pdbx_validate_symm_contact.auth_comp_id_2    HOH 
_pdbx_validate_symm_contact.auth_seq_id_2     326 
_pdbx_validate_symm_contact.PDB_ins_code_2    ? 
_pdbx_validate_symm_contact.label_alt_id_2    ? 
_pdbx_validate_symm_contact.site_symmetry_2   4_745 
_pdbx_validate_symm_contact.dist              2.07 
# 
loop_
_pdbx_validate_torsion.id 
_pdbx_validate_torsion.PDB_model_num 
_pdbx_validate_torsion.auth_comp_id 
_pdbx_validate_torsion.auth_asym_id 
_pdbx_validate_torsion.auth_seq_id 
_pdbx_validate_torsion.PDB_ins_code 
_pdbx_validate_torsion.label_alt_id 
_pdbx_validate_torsion.phi 
_pdbx_validate_torsion.psi 
1 1 ALA A 52  ? ? -172.79 146.52 
2 1 ASN A 165 ? ? 34.82   57.82  
# 
_pdbx_molecule_features.prd_id    PRD_002248 
_pdbx_molecule_features.name      ? 
_pdbx_molecule_features.type      'Cyclic peptide' 
_pdbx_molecule_features.class     Inhibitor 
_pdbx_molecule_features.details   ? 
# 
_pdbx_molecule.instance_id   1 
_pdbx_molecule.prd_id        PRD_002248 
_pdbx_molecule.asym_id       B 
# 
_pdbx_struct_special_symmetry.id              1 
_pdbx_struct_special_symmetry.PDB_model_num   1 
_pdbx_struct_special_symmetry.auth_asym_id    A 
_pdbx_struct_special_symmetry.auth_comp_id    HOH 
_pdbx_struct_special_symmetry.auth_seq_id     376 
_pdbx_struct_special_symmetry.PDB_ins_code    ? 
_pdbx_struct_special_symmetry.label_asym_id   C 
_pdbx_struct_special_symmetry.label_comp_id   HOH 
_pdbx_struct_special_symmetry.label_seq_id    . 
# 
_pdbx_phasing_MR.entry_id                     5TG2 
_pdbx_phasing_MR.method_rotation              ? 
_pdbx_phasing_MR.method_translation           ? 
_pdbx_phasing_MR.model_details                'Phaser MODE: MR_AUTO' 
_pdbx_phasing_MR.R_factor                     ? 
_pdbx_phasing_MR.R_rigid_body                 ? 
_pdbx_phasing_MR.correlation_coeff_Fo_to_Fc   ? 
_pdbx_phasing_MR.correlation_coeff_Io_to_Ic   ? 
_pdbx_phasing_MR.d_res_high_rotation          1.900 
_pdbx_phasing_MR.d_res_low_rotation           33.190 
_pdbx_phasing_MR.d_res_high_translation       1.900 
_pdbx_phasing_MR.d_res_low_translation        33.190 
_pdbx_phasing_MR.packing                      ? 
_pdbx_phasing_MR.reflns_percent_rotation      ? 
_pdbx_phasing_MR.reflns_percent_translation   ? 
_pdbx_phasing_MR.sigma_F_rotation             ? 
_pdbx_phasing_MR.sigma_F_translation          ? 
_pdbx_phasing_MR.sigma_I_rotation             ? 
_pdbx_phasing_MR.sigma_I_translation          ? 
# 
_phasing.method   MR 
# 
loop_
_pdbx_unobs_or_zero_occ_residues.id 
_pdbx_unobs_or_zero_occ_residues.PDB_model_num 
_pdbx_unobs_or_zero_occ_residues.polymer_flag 
_pdbx_unobs_or_zero_occ_residues.occupancy_flag 
_pdbx_unobs_or_zero_occ_residues.auth_asym_id 
_pdbx_unobs_or_zero_occ_residues.auth_comp_id 
_pdbx_unobs_or_zero_occ_residues.auth_seq_id 
_pdbx_unobs_or_zero_occ_residues.PDB_ins_code 
_pdbx_unobs_or_zero_occ_residues.label_asym_id 
_pdbx_unobs_or_zero_occ_residues.label_comp_id 
_pdbx_unobs_or_zero_occ_residues.label_seq_id 
1  1 Y 1 A MET -6  ? A MET 1   
2  1 Y 1 A HIS -5  ? A HIS 2   
3  1 Y 1 A HIS -4  ? A HIS 3   
4  1 Y 1 A HIS -3  ? A HIS 4   
5  1 Y 1 A HIS -2  ? A HIS 5   
6  1 Y 1 A HIS -1  ? A HIS 6   
7  1 Y 1 A HIS 0   ? A HIS 7   
8  1 Y 1 A ALA 1   ? A ALA 8   
9  1 Y 1 A GLY 129 ? A GLY 136 
10 1 Y 1 A MET 130 ? A MET 137 
11 1 Y 1 A ASP 131 ? A ASP 138 
12 1 Y 1 A LEU 132 ? A LEU 139 
13 1 Y 1 A GLY 133 ? A GLY 140 
14 1 Y 1 A THR 134 ? A THR 141 
15 1 Y 1 A ILE 135 ? A ILE 142 
16 1 Y 1 A PRO 136 ? A PRO 143 
17 1 Y 1 A LYS 162 ? A LYS 169 
18 1 Y 1 A SER 163 ? A SER 170 
19 1 Y 1 A GLY 174 ? A GLY 181 
20 1 Y 1 A GLU 175 ? A GLU 182 
21 1 Y 1 A GLY 176 ? A GLY 183 
22 1 Y 1 A GLU 177 ? A GLU 184 
23 1 Y 1 A THR 178 ? A THR 185 
24 1 Y 1 A ALA 179 ? A ALA 186 
25 1 Y 1 A LEU 180 ? A LEU 187 
26 1 Y 1 A GLU 181 ? A GLU 188 
# 
loop_
_chem_comp_atom.comp_id 
_chem_comp_atom.atom_id 
_chem_comp_atom.type_symbol 
_chem_comp_atom.pdbx_aromatic_flag 
_chem_comp_atom.pdbx_stereo_config 
_chem_comp_atom.pdbx_ordinal 
ALA N    N N N 1   
ALA CA   C N S 2   
ALA C    C N N 3   
ALA O    O N N 4   
ALA CB   C N N 5   
ALA OXT  O N N 6   
ALA H    H N N 7   
ALA H2   H N N 8   
ALA HA   H N N 9   
ALA HB1  H N N 10  
ALA HB2  H N N 11  
ALA HB3  H N N 12  
ALA HXT  H N N 13  
ARG N    N N N 14  
ARG CA   C N S 15  
ARG C    C N N 16  
ARG O    O N N 17  
ARG CB   C N N 18  
ARG CG   C N N 19  
ARG CD   C N N 20  
ARG NE   N N N 21  
ARG CZ   C N N 22  
ARG NH1  N N N 23  
ARG NH2  N N N 24  
ARG OXT  O N N 25  
ARG H    H N N 26  
ARG H2   H N N 27  
ARG HA   H N N 28  
ARG HB2  H N N 29  
ARG HB3  H N N 30  
ARG HG2  H N N 31  
ARG HG3  H N N 32  
ARG HD2  H N N 33  
ARG HD3  H N N 34  
ARG HE   H N N 35  
ARG HH11 H N N 36  
ARG HH12 H N N 37  
ARG HH21 H N N 38  
ARG HH22 H N N 39  
ARG HXT  H N N 40  
ASN N    N N N 41  
ASN CA   C N S 42  
ASN C    C N N 43  
ASN O    O N N 44  
ASN CB   C N N 45  
ASN CG   C N N 46  
ASN OD1  O N N 47  
ASN ND2  N N N 48  
ASN OXT  O N N 49  
ASN H    H N N 50  
ASN H2   H N N 51  
ASN HA   H N N 52  
ASN HB2  H N N 53  
ASN HB3  H N N 54  
ASN HD21 H N N 55  
ASN HD22 H N N 56  
ASN HXT  H N N 57  
ASP N    N N N 58  
ASP CA   C N S 59  
ASP C    C N N 60  
ASP O    O N N 61  
ASP CB   C N N 62  
ASP CG   C N N 63  
ASP OD1  O N N 64  
ASP OD2  O N N 65  
ASP OXT  O N N 66  
ASP H    H N N 67  
ASP H2   H N N 68  
ASP HA   H N N 69  
ASP HB2  H N N 70  
ASP HB3  H N N 71  
ASP HD2  H N N 72  
ASP HXT  H N N 73  
CYS N    N N N 74  
CYS CA   C N R 75  
CYS C    C N N 76  
CYS O    O N N 77  
CYS CB   C N N 78  
CYS SG   S N N 79  
CYS OXT  O N N 80  
CYS H    H N N 81  
CYS H2   H N N 82  
CYS HA   H N N 83  
CYS HB2  H N N 84  
CYS HB3  H N N 85  
CYS HG   H N N 86  
CYS HXT  H N N 87  
GLN N    N N N 88  
GLN CA   C N S 89  
GLN C    C N N 90  
GLN O    O N N 91  
GLN CB   C N N 92  
GLN CG   C N N 93  
GLN CD   C N N 94  
GLN OE1  O N N 95  
GLN NE2  N N N 96  
GLN OXT  O N N 97  
GLN H    H N N 98  
GLN H2   H N N 99  
GLN HA   H N N 100 
GLN HB2  H N N 101 
GLN HB3  H N N 102 
GLN HG2  H N N 103 
GLN HG3  H N N 104 
GLN HE21 H N N 105 
GLN HE22 H N N 106 
GLN HXT  H N N 107 
GLU N    N N N 108 
GLU CA   C N S 109 
GLU C    C N N 110 
GLU O    O N N 111 
GLU CB   C N N 112 
GLU CG   C N N 113 
GLU CD   C N N 114 
GLU OE1  O N N 115 
GLU OE2  O N N 116 
GLU OXT  O N N 117 
GLU H    H N N 118 
GLU H2   H N N 119 
GLU HA   H N N 120 
GLU HB2  H N N 121 
GLU HB3  H N N 122 
GLU HG2  H N N 123 
GLU HG3  H N N 124 
GLU HE2  H N N 125 
GLU HXT  H N N 126 
GLY N    N N N 127 
GLY CA   C N N 128 
GLY C    C N N 129 
GLY O    O N N 130 
GLY OXT  O N N 131 
GLY H    H N N 132 
GLY H2   H N N 133 
GLY HA2  H N N 134 
GLY HA3  H N N 135 
GLY HXT  H N N 136 
HIS N    N N N 137 
HIS CA   C N S 138 
HIS C    C N N 139 
HIS O    O N N 140 
HIS CB   C N N 141 
HIS CG   C Y N 142 
HIS ND1  N Y N 143 
HIS CD2  C Y N 144 
HIS CE1  C Y N 145 
HIS NE2  N Y N 146 
HIS OXT  O N N 147 
HIS H    H N N 148 
HIS H2   H N N 149 
HIS HA   H N N 150 
HIS HB2  H N N 151 
HIS HB3  H N N 152 
HIS HD1  H N N 153 
HIS HD2  H N N 154 
HIS HE1  H N N 155 
HIS HE2  H N N 156 
HIS HXT  H N N 157 
HOH O    O N N 158 
HOH H1   H N N 159 
HOH H2   H N N 160 
ILE N    N N N 161 
ILE CA   C N S 162 
ILE C    C N N 163 
ILE O    O N N 164 
ILE CB   C N S 165 
ILE CG1  C N N 166 
ILE CG2  C N N 167 
ILE CD1  C N N 168 
ILE OXT  O N N 169 
ILE H    H N N 170 
ILE H2   H N N 171 
ILE HA   H N N 172 
ILE HB   H N N 173 
ILE HG12 H N N 174 
ILE HG13 H N N 175 
ILE HG21 H N N 176 
ILE HG22 H N N 177 
ILE HG23 H N N 178 
ILE HD11 H N N 179 
ILE HD12 H N N 180 
ILE HD13 H N N 181 
ILE HXT  H N N 182 
LEU N    N N N 183 
LEU CA   C N S 184 
LEU C    C N N 185 
LEU O    O N N 186 
LEU CB   C N N 187 
LEU CG   C N N 188 
LEU CD1  C N N 189 
LEU CD2  C N N 190 
LEU OXT  O N N 191 
LEU H    H N N 192 
LEU H2   H N N 193 
LEU HA   H N N 194 
LEU HB2  H N N 195 
LEU HB3  H N N 196 
LEU HG   H N N 197 
LEU HD11 H N N 198 
LEU HD12 H N N 199 
LEU HD13 H N N 200 
LEU HD21 H N N 201 
LEU HD22 H N N 202 
LEU HD23 H N N 203 
LEU HXT  H N N 204 
LYS N    N N N 205 
LYS CA   C N S 206 
LYS C    C N N 207 
LYS O    O N N 208 
LYS CB   C N N 209 
LYS CG   C N N 210 
LYS CD   C N N 211 
LYS CE   C N N 212 
LYS NZ   N N N 213 
LYS OXT  O N N 214 
LYS H    H N N 215 
LYS H2   H N N 216 
LYS HA   H N N 217 
LYS HB2  H N N 218 
LYS HB3  H N N 219 
LYS HG2  H N N 220 
LYS HG3  H N N 221 
LYS HD2  H N N 222 
LYS HD3  H N N 223 
LYS HE2  H N N 224 
LYS HE3  H N N 225 
LYS HZ1  H N N 226 
LYS HZ2  H N N 227 
LYS HZ3  H N N 228 
LYS HXT  H N N 229 
MET N    N N N 230 
MET CA   C N S 231 
MET C    C N N 232 
MET O    O N N 233 
MET CB   C N N 234 
MET CG   C N N 235 
MET SD   S N N 236 
MET CE   C N N 237 
MET OXT  O N N 238 
MET H    H N N 239 
MET H2   H N N 240 
MET HA   H N N 241 
MET HB2  H N N 242 
MET HB3  H N N 243 
MET HG2  H N N 244 
MET HG3  H N N 245 
MET HE1  H N N 246 
MET HE2  H N N 247 
MET HE3  H N N 248 
MET HXT  H N N 249 
PHE N    N N N 250 
PHE CA   C N S 251 
PHE C    C N N 252 
PHE O    O N N 253 
PHE CB   C N N 254 
PHE CG   C Y N 255 
PHE CD1  C Y N 256 
PHE CD2  C Y N 257 
PHE CE1  C Y N 258 
PHE CE2  C Y N 259 
PHE CZ   C Y N 260 
PHE OXT  O N N 261 
PHE H    H N N 262 
PHE H2   H N N 263 
PHE HA   H N N 264 
PHE HB2  H N N 265 
PHE HB3  H N N 266 
PHE HD1  H N N 267 
PHE HD2  H N N 268 
PHE HE1  H N N 269 
PHE HE2  H N N 270 
PHE HZ   H N N 271 
PHE HXT  H N N 272 
PRO N    N N N 273 
PRO CA   C N S 274 
PRO C    C N N 275 
PRO O    O N N 276 
PRO CB   C N N 277 
PRO CG   C N N 278 
PRO CD   C N N 279 
PRO OXT  O N N 280 
PRO H    H N N 281 
PRO HA   H N N 282 
PRO HB2  H N N 283 
PRO HB3  H N N 284 
PRO HG2  H N N 285 
PRO HG3  H N N 286 
PRO HD2  H N N 287 
PRO HD3  H N N 288 
PRO HXT  H N N 289 
SER N    N N N 290 
SER CA   C N S 291 
SER C    C N N 292 
SER O    O N N 293 
SER CB   C N N 294 
SER OG   O N N 295 
SER OXT  O N N 296 
SER H    H N N 297 
SER H2   H N N 298 
SER HA   H N N 299 
SER HB2  H N N 300 
SER HB3  H N N 301 
SER HG   H N N 302 
SER HXT  H N N 303 
THR N    N N N 304 
THR CA   C N S 305 
THR C    C N N 306 
THR O    O N N 307 
THR CB   C N R 308 
THR OG1  O N N 309 
THR CG2  C N N 310 
THR OXT  O N N 311 
THR H    H N N 312 
THR H2   H N N 313 
THR HA   H N N 314 
THR HB   H N N 315 
THR HG1  H N N 316 
THR HG21 H N N 317 
THR HG22 H N N 318 
THR HG23 H N N 319 
THR HXT  H N N 320 
TRP N    N N N 321 
TRP CA   C N S 322 
TRP C    C N N 323 
TRP O    O N N 324 
TRP CB   C N N 325 
TRP CG   C Y N 326 
TRP CD1  C Y N 327 
TRP CD2  C Y N 328 
TRP NE1  N Y N 329 
TRP CE2  C Y N 330 
TRP CE3  C Y N 331 
TRP CZ2  C Y N 332 
TRP CZ3  C Y N 333 
TRP CH2  C Y N 334 
TRP OXT  O N N 335 
TRP H    H N N 336 
TRP H2   H N N 337 
TRP HA   H N N 338 
TRP HB2  H N N 339 
TRP HB3  H N N 340 
TRP HD1  H N N 341 
TRP HE1  H N N 342 
TRP HE3  H N N 343 
TRP HZ2  H N N 344 
TRP HZ3  H N N 345 
TRP HH2  H N N 346 
TRP HXT  H N N 347 
TYR N    N N N 348 
TYR CA   C N S 349 
TYR C    C N N 350 
TYR O    O N N 351 
TYR CB   C N N 352 
TYR CG   C Y N 353 
TYR CD1  C Y N 354 
TYR CD2  C Y N 355 
TYR CE1  C Y N 356 
TYR CE2  C Y N 357 
TYR CZ   C Y N 358 
TYR OH   O N N 359 
TYR OXT  O N N 360 
TYR H    H N N 361 
TYR H2   H N N 362 
TYR HA   H N N 363 
TYR HB2  H N N 364 
TYR HB3  H N N 365 
TYR HD1  H N N 366 
TYR HD2  H N N 367 
TYR HE1  H N N 368 
TYR HE2  H N N 369 
TYR HH   H N N 370 
TYR HXT  H N N 371 
V69 C01  C N N 372 
V69 C02  C N N 373 
V69 C03  C N N 374 
V69 C04  C N N 375 
V69 C05  C N N 376 
V69 C06  C N R 377 
V69 C08  C N N 378 
V69 C24  C N N 379 
V69 C25  C N N 380 
V69 C26  C N N 381 
V69 C27  C N N 382 
V69 C28  C N N 383 
V69 N29  N N N 384 
V69 O07  O N N 385 
V69 O23  O N N 386 
V69 N09  N N N 387 
V69 C10  C N S 388 
V69 C15  C N N 389 
V69 O22  O N N 390 
V69 C11  C N N 391 
V69 C12  C N N 392 
V69 C13  C N N 393 
V69 C14  C N N 394 
V69 N16  N N N 395 
V69 C17  C N S 396 
V69 C18  C N N 397 
V69 C19  C N N 398 
V69 C30  C N N 399 
V69 O31  O N N 400 
V69 C20  C N N 401 
V69 O21  O N N 402 
V69 H1   H N N 403 
V69 H2   H N N 404 
V69 H3   H N N 405 
V69 H4   H N N 406 
V69 H5   H N N 407 
V69 H6   H N N 408 
V69 H7   H N N 409 
V69 H8   H N N 410 
V69 H9   H N N 411 
V69 H10  H N N 412 
V69 H11  H N N 413 
V69 H12  H N N 414 
V69 H30  H N N 415 
V69 H31  H N N 416 
V69 H32  H N N 417 
V69 H33  H N N 418 
V69 H34  H N N 419 
V69 H35  H N N 420 
V69 H36  H N N 421 
V69 H37  H N N 422 
V69 H38  H N N 423 
V69 H39  H N N 424 
V69 H42  H N N 425 
V69 H40  H N N 426 
V69 H13  H N N 427 
V69 H14  H N N 428 
V69 H15  H N N 429 
V69 H16  H N N 430 
V69 H17  H N N 431 
V69 H18  H N N 432 
V69 H19  H N N 433 
V69 H20  H N N 434 
V69 H21  H N N 435 
V69 H22  H N N 436 
V69 H41  H N N 437 
V69 H23  H N N 438 
V69 H24  H N N 439 
V69 H25  H N N 440 
V69 H26  H N N 441 
V69 H27  H N N 442 
V69 H28  H N N 443 
V69 H29  H N N 444 
V69 H43  H N N 445 
VAL N    N N N 446 
VAL CA   C N S 447 
VAL C    C N N 448 
VAL O    O N N 449 
VAL CB   C N N 450 
VAL CG1  C N N 451 
VAL CG2  C N N 452 
VAL OXT  O N N 453 
VAL H    H N N 454 
VAL H2   H N N 455 
VAL HA   H N N 456 
VAL HB   H N N 457 
VAL HG11 H N N 458 
VAL HG12 H N N 459 
VAL HG13 H N N 460 
VAL HG21 H N N 461 
VAL HG22 H N N 462 
VAL HG23 H N N 463 
VAL HXT  H N N 464 
# 
loop_
_chem_comp_bond.comp_id 
_chem_comp_bond.atom_id_1 
_chem_comp_bond.atom_id_2 
_chem_comp_bond.value_order 
_chem_comp_bond.pdbx_aromatic_flag 
_chem_comp_bond.pdbx_stereo_config 
_chem_comp_bond.pdbx_ordinal 
ALA N   CA   sing N N 1   
ALA N   H    sing N N 2   
ALA N   H2   sing N N 3   
ALA CA  C    sing N N 4   
ALA CA  CB   sing N N 5   
ALA CA  HA   sing N N 6   
ALA C   O    doub N N 7   
ALA C   OXT  sing N N 8   
ALA CB  HB1  sing N N 9   
ALA CB  HB2  sing N N 10  
ALA CB  HB3  sing N N 11  
ALA OXT HXT  sing N N 12  
ARG N   CA   sing N N 13  
ARG N   H    sing N N 14  
ARG N   H2   sing N N 15  
ARG CA  C    sing N N 16  
ARG CA  CB   sing N N 17  
ARG CA  HA   sing N N 18  
ARG C   O    doub N N 19  
ARG C   OXT  sing N N 20  
ARG CB  CG   sing N N 21  
ARG CB  HB2  sing N N 22  
ARG CB  HB3  sing N N 23  
ARG CG  CD   sing N N 24  
ARG CG  HG2  sing N N 25  
ARG CG  HG3  sing N N 26  
ARG CD  NE   sing N N 27  
ARG CD  HD2  sing N N 28  
ARG CD  HD3  sing N N 29  
ARG NE  CZ   sing N N 30  
ARG NE  HE   sing N N 31  
ARG CZ  NH1  sing N N 32  
ARG CZ  NH2  doub N N 33  
ARG NH1 HH11 sing N N 34  
ARG NH1 HH12 sing N N 35  
ARG NH2 HH21 sing N N 36  
ARG NH2 HH22 sing N N 37  
ARG OXT HXT  sing N N 38  
ASN N   CA   sing N N 39  
ASN N   H    sing N N 40  
ASN N   H2   sing N N 41  
ASN CA  C    sing N N 42  
ASN CA  CB   sing N N 43  
ASN CA  HA   sing N N 44  
ASN C   O    doub N N 45  
ASN C   OXT  sing N N 46  
ASN CB  CG   sing N N 47  
ASN CB  HB2  sing N N 48  
ASN CB  HB3  sing N N 49  
ASN CG  OD1  doub N N 50  
ASN CG  ND2  sing N N 51  
ASN ND2 HD21 sing N N 52  
ASN ND2 HD22 sing N N 53  
ASN OXT HXT  sing N N 54  
ASP N   CA   sing N N 55  
ASP N   H    sing N N 56  
ASP N   H2   sing N N 57  
ASP CA  C    sing N N 58  
ASP CA  CB   sing N N 59  
ASP CA  HA   sing N N 60  
ASP C   O    doub N N 61  
ASP C   OXT  sing N N 62  
ASP CB  CG   sing N N 63  
ASP CB  HB2  sing N N 64  
ASP CB  HB3  sing N N 65  
ASP CG  OD1  doub N N 66  
ASP CG  OD2  sing N N 67  
ASP OD2 HD2  sing N N 68  
ASP OXT HXT  sing N N 69  
CYS N   CA   sing N N 70  
CYS N   H    sing N N 71  
CYS N   H2   sing N N 72  
CYS CA  C    sing N N 73  
CYS CA  CB   sing N N 74  
CYS CA  HA   sing N N 75  
CYS C   O    doub N N 76  
CYS C   OXT  sing N N 77  
CYS CB  SG   sing N N 78  
CYS CB  HB2  sing N N 79  
CYS CB  HB3  sing N N 80  
CYS SG  HG   sing N N 81  
CYS OXT HXT  sing N N 82  
GLN N   CA   sing N N 83  
GLN N   H    sing N N 84  
GLN N   H2   sing N N 85  
GLN CA  C    sing N N 86  
GLN CA  CB   sing N N 87  
GLN CA  HA   sing N N 88  
GLN C   O    doub N N 89  
GLN C   OXT  sing N N 90  
GLN CB  CG   sing N N 91  
GLN CB  HB2  sing N N 92  
GLN CB  HB3  sing N N 93  
GLN CG  CD   sing N N 94  
GLN CG  HG2  sing N N 95  
GLN CG  HG3  sing N N 96  
GLN CD  OE1  doub N N 97  
GLN CD  NE2  sing N N 98  
GLN NE2 HE21 sing N N 99  
GLN NE2 HE22 sing N N 100 
GLN OXT HXT  sing N N 101 
GLU N   CA   sing N N 102 
GLU N   H    sing N N 103 
GLU N   H2   sing N N 104 
GLU CA  C    sing N N 105 
GLU CA  CB   sing N N 106 
GLU CA  HA   sing N N 107 
GLU C   O    doub N N 108 
GLU C   OXT  sing N N 109 
GLU CB  CG   sing N N 110 
GLU CB  HB2  sing N N 111 
GLU CB  HB3  sing N N 112 
GLU CG  CD   sing N N 113 
GLU CG  HG2  sing N N 114 
GLU CG  HG3  sing N N 115 
GLU CD  OE1  doub N N 116 
GLU CD  OE2  sing N N 117 
GLU OE2 HE2  sing N N 118 
GLU OXT HXT  sing N N 119 
GLY N   CA   sing N N 120 
GLY N   H    sing N N 121 
GLY N   H2   sing N N 122 
GLY CA  C    sing N N 123 
GLY CA  HA2  sing N N 124 
GLY CA  HA3  sing N N 125 
GLY C   O    doub N N 126 
GLY C   OXT  sing N N 127 
GLY OXT HXT  sing N N 128 
HIS N   CA   sing N N 129 
HIS N   H    sing N N 130 
HIS N   H2   sing N N 131 
HIS CA  C    sing N N 132 
HIS CA  CB   sing N N 133 
HIS CA  HA   sing N N 134 
HIS C   O    doub N N 135 
HIS C   OXT  sing N N 136 
HIS CB  CG   sing N N 137 
HIS CB  HB2  sing N N 138 
HIS CB  HB3  sing N N 139 
HIS CG  ND1  sing Y N 140 
HIS CG  CD2  doub Y N 141 
HIS ND1 CE1  doub Y N 142 
HIS ND1 HD1  sing N N 143 
HIS CD2 NE2  sing Y N 144 
HIS CD2 HD2  sing N N 145 
HIS CE1 NE2  sing Y N 146 
HIS CE1 HE1  sing N N 147 
HIS NE2 HE2  sing N N 148 
HIS OXT HXT  sing N N 149 
HOH O   H1   sing N N 150 
HOH O   H2   sing N N 151 
ILE N   CA   sing N N 152 
ILE N   H    sing N N 153 
ILE N   H2   sing N N 154 
ILE CA  C    sing N N 155 
ILE CA  CB   sing N N 156 
ILE CA  HA   sing N N 157 
ILE C   O    doub N N 158 
ILE C   OXT  sing N N 159 
ILE CB  CG1  sing N N 160 
ILE CB  CG2  sing N N 161 
ILE CB  HB   sing N N 162 
ILE CG1 CD1  sing N N 163 
ILE CG1 HG12 sing N N 164 
ILE CG1 HG13 sing N N 165 
ILE CG2 HG21 sing N N 166 
ILE CG2 HG22 sing N N 167 
ILE CG2 HG23 sing N N 168 
ILE CD1 HD11 sing N N 169 
ILE CD1 HD12 sing N N 170 
ILE CD1 HD13 sing N N 171 
ILE OXT HXT  sing N N 172 
LEU N   CA   sing N N 173 
LEU N   H    sing N N 174 
LEU N   H2   sing N N 175 
LEU CA  C    sing N N 176 
LEU CA  CB   sing N N 177 
LEU CA  HA   sing N N 178 
LEU C   O    doub N N 179 
LEU C   OXT  sing N N 180 
LEU CB  CG   sing N N 181 
LEU CB  HB2  sing N N 182 
LEU CB  HB3  sing N N 183 
LEU CG  CD1  sing N N 184 
LEU CG  CD2  sing N N 185 
LEU CG  HG   sing N N 186 
LEU CD1 HD11 sing N N 187 
LEU CD1 HD12 sing N N 188 
LEU CD1 HD13 sing N N 189 
LEU CD2 HD21 sing N N 190 
LEU CD2 HD22 sing N N 191 
LEU CD2 HD23 sing N N 192 
LEU OXT HXT  sing N N 193 
LYS N   CA   sing N N 194 
LYS N   H    sing N N 195 
LYS N   H2   sing N N 196 
LYS CA  C    sing N N 197 
LYS CA  CB   sing N N 198 
LYS CA  HA   sing N N 199 
LYS C   O    doub N N 200 
LYS C   OXT  sing N N 201 
LYS CB  CG   sing N N 202 
LYS CB  HB2  sing N N 203 
LYS CB  HB3  sing N N 204 
LYS CG  CD   sing N N 205 
LYS CG  HG2  sing N N 206 
LYS CG  HG3  sing N N 207 
LYS CD  CE   sing N N 208 
LYS CD  HD2  sing N N 209 
LYS CD  HD3  sing N N 210 
LYS CE  NZ   sing N N 211 
LYS CE  HE2  sing N N 212 
LYS CE  HE3  sing N N 213 
LYS NZ  HZ1  sing N N 214 
LYS NZ  HZ2  sing N N 215 
LYS NZ  HZ3  sing N N 216 
LYS OXT HXT  sing N N 217 
MET N   CA   sing N N 218 
MET N   H    sing N N 219 
MET N   H2   sing N N 220 
MET CA  C    sing N N 221 
MET CA  CB   sing N N 222 
MET CA  HA   sing N N 223 
MET C   O    doub N N 224 
MET C   OXT  sing N N 225 
MET CB  CG   sing N N 226 
MET CB  HB2  sing N N 227 
MET CB  HB3  sing N N 228 
MET CG  SD   sing N N 229 
MET CG  HG2  sing N N 230 
MET CG  HG3  sing N N 231 
MET SD  CE   sing N N 232 
MET CE  HE1  sing N N 233 
MET CE  HE2  sing N N 234 
MET CE  HE3  sing N N 235 
MET OXT HXT  sing N N 236 
PHE N   CA   sing N N 237 
PHE N   H    sing N N 238 
PHE N   H2   sing N N 239 
PHE CA  C    sing N N 240 
PHE CA  CB   sing N N 241 
PHE CA  HA   sing N N 242 
PHE C   O    doub N N 243 
PHE C   OXT  sing N N 244 
PHE CB  CG   sing N N 245 
PHE CB  HB2  sing N N 246 
PHE CB  HB3  sing N N 247 
PHE CG  CD1  doub Y N 248 
PHE CG  CD2  sing Y N 249 
PHE CD1 CE1  sing Y N 250 
PHE CD1 HD1  sing N N 251 
PHE CD2 CE2  doub Y N 252 
PHE CD2 HD2  sing N N 253 
PHE CE1 CZ   doub Y N 254 
PHE CE1 HE1  sing N N 255 
PHE CE2 CZ   sing Y N 256 
PHE CE2 HE2  sing N N 257 
PHE CZ  HZ   sing N N 258 
PHE OXT HXT  sing N N 259 
PRO N   CA   sing N N 260 
PRO N   CD   sing N N 261 
PRO N   H    sing N N 262 
PRO CA  C    sing N N 263 
PRO CA  CB   sing N N 264 
PRO CA  HA   sing N N 265 
PRO C   O    doub N N 266 
PRO C   OXT  sing N N 267 
PRO CB  CG   sing N N 268 
PRO CB  HB2  sing N N 269 
PRO CB  HB3  sing N N 270 
PRO CG  CD   sing N N 271 
PRO CG  HG2  sing N N 272 
PRO CG  HG3  sing N N 273 
PRO CD  HD2  sing N N 274 
PRO CD  HD3  sing N N 275 
PRO OXT HXT  sing N N 276 
SER N   CA   sing N N 277 
SER N   H    sing N N 278 
SER N   H2   sing N N 279 
SER CA  C    sing N N 280 
SER CA  CB   sing N N 281 
SER CA  HA   sing N N 282 
SER C   O    doub N N 283 
SER C   OXT  sing N N 284 
SER CB  OG   sing N N 285 
SER CB  HB2  sing N N 286 
SER CB  HB3  sing N N 287 
SER OG  HG   sing N N 288 
SER OXT HXT  sing N N 289 
THR N   CA   sing N N 290 
THR N   H    sing N N 291 
THR N   H2   sing N N 292 
THR CA  C    sing N N 293 
THR CA  CB   sing N N 294 
THR CA  HA   sing N N 295 
THR C   O    doub N N 296 
THR C   OXT  sing N N 297 
THR CB  OG1  sing N N 298 
THR CB  CG2  sing N N 299 
THR CB  HB   sing N N 300 
THR OG1 HG1  sing N N 301 
THR CG2 HG21 sing N N 302 
THR CG2 HG22 sing N N 303 
THR CG2 HG23 sing N N 304 
THR OXT HXT  sing N N 305 
TRP N   CA   sing N N 306 
TRP N   H    sing N N 307 
TRP N   H2   sing N N 308 
TRP CA  C    sing N N 309 
TRP CA  CB   sing N N 310 
TRP CA  HA   sing N N 311 
TRP C   O    doub N N 312 
TRP C   OXT  sing N N 313 
TRP CB  CG   sing N N 314 
TRP CB  HB2  sing N N 315 
TRP CB  HB3  sing N N 316 
TRP CG  CD1  doub Y N 317 
TRP CG  CD2  sing Y N 318 
TRP CD1 NE1  sing Y N 319 
TRP CD1 HD1  sing N N 320 
TRP CD2 CE2  doub Y N 321 
TRP CD2 CE3  sing Y N 322 
TRP NE1 CE2  sing Y N 323 
TRP NE1 HE1  sing N N 324 
TRP CE2 CZ2  sing Y N 325 
TRP CE3 CZ3  doub Y N 326 
TRP CE3 HE3  sing N N 327 
TRP CZ2 CH2  doub Y N 328 
TRP CZ2 HZ2  sing N N 329 
TRP CZ3 CH2  sing Y N 330 
TRP CZ3 HZ3  sing N N 331 
TRP CH2 HH2  sing N N 332 
TRP OXT HXT  sing N N 333 
TYR N   CA   sing N N 334 
TYR N   H    sing N N 335 
TYR N   H2   sing N N 336 
TYR CA  C    sing N N 337 
TYR CA  CB   sing N N 338 
TYR CA  HA   sing N N 339 
TYR C   O    doub N N 340 
TYR C   OXT  sing N N 341 
TYR CB  CG   sing N N 342 
TYR CB  HB2  sing N N 343 
TYR CB  HB3  sing N N 344 
TYR CG  CD1  doub Y N 345 
TYR CG  CD2  sing Y N 346 
TYR CD1 CE1  sing Y N 347 
TYR CD1 HD1  sing N N 348 
TYR CD2 CE2  doub Y N 349 
TYR CD2 HD2  sing N N 350 
TYR CE1 CZ   doub Y N 351 
TYR CE1 HE1  sing N N 352 
TYR CE2 CZ   sing Y N 353 
TYR CE2 HE2  sing N N 354 
TYR CZ  OH   sing N N 355 
TYR OH  HH   sing N N 356 
TYR OXT HXT  sing N N 357 
V69 O21 C20  sing N N 358 
V69 C20 C17  sing N N 359 
V69 O31 C30  doub N N 360 
V69 C17 C18  sing N N 361 
V69 C17 N16  sing N N 362 
V69 C18 C19  sing N N 363 
V69 C30 C19  sing N N 364 
V69 C30 N29  sing N N 365 
V69 C28 N29  sing N N 366 
V69 C28 C27  sing N N 367 
V69 N16 C15  sing N N 368 
V69 O22 C15  doub N N 369 
V69 C27 C26  sing N N 370 
V69 C15 C10  sing N N 371 
V69 C11 C10  sing N N 372 
V69 C11 C12  sing N N 373 
V69 C26 C25  sing N N 374 
V69 C10 N09  sing N N 375 
V69 C25 C24  sing N N 376 
V69 C13 C12  sing N N 377 
V69 N09 C08  sing N N 378 
V69 C12 C14  sing N N 379 
V69 O23 C08  doub N N 380 
V69 C08 O07  sing N N 381 
V69 C24 C06  sing N N 382 
V69 O07 C06  sing N N 383 
V69 C06 C05  sing N N 384 
V69 C05 C04  sing N N 385 
V69 C04 C03  sing N N 386 
V69 C01 C02  sing N N 387 
V69 C03 C02  sing N N 388 
V69 C01 H1   sing N N 389 
V69 C01 H2   sing N N 390 
V69 C01 H3   sing N N 391 
V69 C02 H4   sing N N 392 
V69 C02 H5   sing N N 393 
V69 C03 H6   sing N N 394 
V69 C03 H7   sing N N 395 
V69 C04 H8   sing N N 396 
V69 C04 H9   sing N N 397 
V69 C05 H10  sing N N 398 
V69 C05 H11  sing N N 399 
V69 C06 H12  sing N N 400 
V69 C10 H13  sing N N 401 
V69 C11 H14  sing N N 402 
V69 C11 H15  sing N N 403 
V69 C12 H16  sing N N 404 
V69 C13 H17  sing N N 405 
V69 C13 H18  sing N N 406 
V69 C13 H19  sing N N 407 
V69 C14 H20  sing N N 408 
V69 C14 H21  sing N N 409 
V69 C14 H22  sing N N 410 
V69 C17 H23  sing N N 411 
V69 C18 H24  sing N N 412 
V69 C18 H25  sing N N 413 
V69 C19 H26  sing N N 414 
V69 C19 H27  sing N N 415 
V69 C20 H28  sing N N 416 
V69 C20 H29  sing N N 417 
V69 C24 H30  sing N N 418 
V69 C24 H31  sing N N 419 
V69 C25 H32  sing N N 420 
V69 C25 H33  sing N N 421 
V69 C26 H34  sing N N 422 
V69 C26 H35  sing N N 423 
V69 C27 H36  sing N N 424 
V69 C27 H37  sing N N 425 
V69 C28 H38  sing N N 426 
V69 C28 H39  sing N N 427 
V69 N09 H40  sing N N 428 
V69 N16 H41  sing N N 429 
V69 N29 H42  sing N N 430 
V69 O21 H43  sing N N 431 
VAL N   CA   sing N N 432 
VAL N   H    sing N N 433 
VAL N   H2   sing N N 434 
VAL CA  C    sing N N 435 
VAL CA  CB   sing N N 436 
VAL CA  HA   sing N N 437 
VAL C   O    doub N N 438 
VAL C   OXT  sing N N 439 
VAL CB  CG1  sing N N 440 
VAL CB  CG2  sing N N 441 
VAL CB  HB   sing N N 442 
VAL CG1 HG11 sing N N 443 
VAL CG1 HG12 sing N N 444 
VAL CG1 HG13 sing N N 445 
VAL CG2 HG21 sing N N 446 
VAL CG2 HG22 sing N N 447 
VAL CG2 HG23 sing N N 448 
VAL OXT HXT  sing N N 449 
# 
loop_
_pdbx_audit_support.funding_organization 
_pdbx_audit_support.country 
_pdbx_audit_support.grant_number 
_pdbx_audit_support.ordinal 
'National Institutes of Health/National Institute Of Allergy and Infectious Diseases (NIH/NIAID)' 'United States' AI109039    1 
'National Institutes of Health/National Institute of General Medical Sciences (NIH/NIGMS)'        'United States' P30GM110761 2 
# 
_pdbx_initial_refinement_model.id               1 
_pdbx_initial_refinement_model.entity_id_list   ? 
_pdbx_initial_refinement_model.type             'experimental model' 
_pdbx_initial_refinement_model.source_name      PDB 
_pdbx_initial_refinement_model.accession_code   5E0G 
_pdbx_initial_refinement_model.details          ? 
# 
_atom_sites.entry_id                    5TG2 
_atom_sites.fract_transf_matrix[1][1]   0.00917413 
_atom_sites.fract_transf_matrix[1][2]   0.00566768 
_atom_sites.fract_transf_matrix[1][3]   -0.01168709 
_atom_sites.fract_transf_matrix[2][1]   0.01630765 
_atom_sites.fract_transf_matrix[2][2]   0.01165602 
_atom_sites.fract_transf_matrix[2][3]   0.01845379 
_atom_sites.fract_transf_matrix[3][1]   0.01244988 
_atom_sites.fract_transf_matrix[3][2]   -0.01132957 
_atom_sites.fract_transf_matrix[3][3]   -0.00384585 
_atom_sites.fract_transf_vector[1]      1.117280 
_atom_sites.fract_transf_vector[2]      -1.191339 
_atom_sites.fract_transf_vector[3]      0.258903 
# 
loop_
_atom_type.symbol 
C 
N 
O 
S 
# 
loop_
_atom_site.group_PDB 
_atom_site.id 
_atom_site.type_symbol 
_atom_site.label_atom_id 
_atom_site.label_alt_id 
_atom_site.label_comp_id 
_atom_site.label_asym_id 
_atom_site.label_entity_id 
_atom_site.label_seq_id 
_atom_site.pdbx_PDB_ins_code 
_atom_site.Cartn_x 
_atom_site.Cartn_y 
_atom_site.Cartn_z 
_atom_site.occupancy 
_atom_site.B_iso_or_equiv 
_atom_site.pdbx_formal_charge 
_atom_site.auth_seq_id 
_atom_site.auth_comp_id 
_atom_site.auth_asym_id 
_atom_site.auth_atom_id 
_atom_site.pdbx_PDB_model_num 
ATOM   1    N N   . PRO A 1 9   ? 1.416   7.389   14.288  1.00 43.38 ? 2   PRO A N   1 
ATOM   2    C CA  . PRO A 1 9   ? 0.773   8.680   14.559  1.00 44.16 ? 2   PRO A CA  1 
ATOM   3    C C   . PRO A 1 9   ? -0.388  8.986   13.610  1.00 38.66 ? 2   PRO A C   1 
ATOM   4    O O   . PRO A 1 9   ? -0.498  8.371   12.554  1.00 39.84 ? 2   PRO A O   1 
ATOM   5    C CB  . PRO A 1 9   ? 1.909   9.689   14.357  1.00 41.77 ? 2   PRO A CB  1 
ATOM   6    C CG  . PRO A 1 9   ? 2.827   9.031   13.378  1.00 41.07 ? 2   PRO A CG  1 
ATOM   7    C CD  . PRO A 1 9   ? 2.744   7.550   13.668  1.00 47.17 ? 2   PRO A CD  1 
ATOM   8    N N   . PRO A 1 10  ? -1.240  9.942   13.976  1.00 42.63 ? 3   PRO A N   1 
ATOM   9    C CA  . PRO A 1 10  ? -2.415  10.214  13.129  1.00 34.97 ? 3   PRO A CA  1 
ATOM   10   C C   . PRO A 1 10  ? -2.078  10.711  11.736  1.00 28.94 ? 3   PRO A C   1 
ATOM   11   O O   . PRO A 1 10  ? -2.816  10.391  10.795  1.00 25.76 ? 3   PRO A O   1 
ATOM   12   C CB  . PRO A 1 10  ? -3.190  11.267  13.935  1.00 48.72 ? 3   PRO A CB  1 
ATOM   13   C CG  . PRO A 1 10  ? -2.787  11.017  15.348  1.00 46.17 ? 3   PRO A CG  1 
ATOM   14   C CD  . PRO A 1 10  ? -1.333  10.629  15.277  1.00 53.19 ? 3   PRO A CD  1 
ATOM   15   N N   . THR A 1 11  ? -1.020  11.514  11.559  1.00 28.26 ? 4   THR A N   1 
ATOM   16   C CA  . THR A 1 11  ? -0.696  11.945  10.202  1.00 28.47 ? 4   THR A CA  1 
ATOM   17   C C   . THR A 1 11  ? -0.425  10.745  9.307   1.00 23.69 ? 4   THR A C   1 
ATOM   18   O O   . THR A 1 11  ? -0.744  10.771  8.114   1.00 23.97 ? 4   THR A O   1 
ATOM   19   C CB  . THR A 1 11  ? 0.508   12.888  10.186  1.00 34.81 ? 4   THR A CB  1 
ATOM   20   O OG1 . THR A 1 11  ? 1.642   12.245  10.787  1.00 37.43 ? 4   THR A OG1 1 
ATOM   21   C CG2 . THR A 1 11  ? 0.181   14.199  10.909  1.00 37.13 ? 4   THR A CG2 1 
ATOM   22   N N   . LEU A 1 12  ? 0.127   9.668   9.863   1.00 25.21 ? 5   LEU A N   1 
ATOM   23   C CA  . LEU A 1 12  ? 0.344   8.488   9.030   1.00 19.79 ? 5   LEU A CA  1 
ATOM   24   C C   . LEU A 1 12  ? -0.979  7.877   8.587   1.00 15.09 ? 5   LEU A C   1 
ATOM   25   O O   . LEU A 1 12  ? -1.132  7.485   7.426   1.00 14.72 ? 5   LEU A O   1 
ATOM   26   C CB  . LEU A 1 12  ? 1.203   7.457   9.773   1.00 26.87 ? 5   LEU A CB  1 
ATOM   27   C CG  . LEU A 1 12  ? 1.779   6.360   8.880   1.00 21.08 ? 5   LEU A CG  1 
ATOM   28   C CD1 . LEU A 1 12  ? 2.810   6.914   7.926   1.00 28.24 ? 5   LEU A CD1 1 
ATOM   29   C CD2 . LEU A 1 12  ? 2.396   5.269   9.723   1.00 23.62 ? 5   LEU A CD2 1 
ATOM   30   N N   . TRP A 1 13  ? -1.943  7.762   9.504   1.00 15.59 ? 6   TRP A N   1 
ATOM   31   C CA  . TRP A 1 13  ? -3.223  7.168   9.157   1.00 18.12 ? 6   TRP A CA  1 
ATOM   32   C C   . TRP A 1 13  ? -4.047  8.073   8.231   1.00 16.83 ? 6   TRP A C   1 
ATOM   33   O O   . TRP A 1 13  ? -4.821  7.575   7.410   1.00 13.70 ? 6   TRP A O   1 
ATOM   34   C CB  . TRP A 1 13  ? -3.984  6.845   10.449  1.00 20.25 ? 6   TRP A CB  1 
ATOM   35   C CG  . TRP A 1 13  ? -3.453  5.627   11.199  1.00 18.14 ? 6   TRP A CG  1 
ATOM   36   C CD1 . TRP A 1 13  ? -2.590  5.608   12.266  1.00 22.53 ? 6   TRP A CD1 1 
ATOM   37   C CD2 . TRP A 1 13  ? -3.770  4.258   10.913  1.00 18.17 ? 6   TRP A CD2 1 
ATOM   38   N NE1 . TRP A 1 13  ? -2.374  4.299   12.671  1.00 22.27 ? 6   TRP A NE1 1 
ATOM   39   C CE2 . TRP A 1 13  ? -3.097  3.459   11.859  1.00 19.92 ? 6   TRP A CE2 1 
ATOM   40   C CE3 . TRP A 1 13  ? -4.585  3.638   9.962   1.00 24.46 ? 6   TRP A CE3 1 
ATOM   41   C CZ2 . TRP A 1 13  ? -3.185  2.074   11.847  1.00 18.41 ? 6   TRP A CZ2 1 
ATOM   42   C CZ3 . TRP A 1 13  ? -4.697  2.289   9.973   1.00 18.24 ? 6   TRP A CZ3 1 
ATOM   43   C CH2 . TRP A 1 13  ? -3.994  1.507   10.906  1.00 20.98 ? 6   TRP A CH2 1 
ATOM   44   N N   . SER A 1 14  ? -3.860  9.396   8.299   1.00 11.43 ? 7   SER A N   1 
ATOM   45   C CA  . SER A 1 14  ? -4.577  10.301  7.397   1.00 14.07 ? 7   SER A CA  1 
ATOM   46   C C   . SER A 1 14  ? -4.202  10.076  5.939   1.00 15.49 ? 7   SER A C   1 
ATOM   47   O O   . SER A 1 14  ? -4.856  10.623  5.042   1.00 12.92 ? 7   SER A O   1 
ATOM   48   C CB  . SER A 1 14  ? -4.270  11.759  7.743   1.00 13.13 ? 7   SER A CB  1 
ATOM   49   O OG  . SER A 1 14  ? -2.983  12.159  7.294   1.00 17.65 ? 7   SER A OG  1 
ATOM   50   N N   . ARG A 1 15  ? -3.120  9.354   5.699   1.00 9.57  ? 8   ARG A N   1 
ATOM   51   C CA  . ARG A 1 15  ? -2.663  9.055   4.347   1.00 9.70  ? 8   ARG A CA  1 
ATOM   52   C C   . ARG A 1 15  ? -3.410  7.882   3.728   1.00 11.69 ? 8   ARG A C   1 
ATOM   53   O O   . ARG A 1 15  ? -3.372  7.716   2.506   1.00 10.59 ? 8   ARG A O   1 
ATOM   54   C CB  . ARG A 1 15  ? -1.163  8.730   4.366   1.00 11.27 ? 8   ARG A CB  1 
ATOM   55   C CG  . ARG A 1 15  ? -0.271  9.838   4.897   1.00 15.52 ? 8   ARG A CG  1 
ATOM   56   C CD  . ARG A 1 15  ? 1.132   9.323   5.156   1.00 10.36 ? 8   ARG A CD  1 
ATOM   57   N NE  . ARG A 1 15  ? 2.015   10.362  5.683   1.00 15.18 ? 8   ARG A NE  1 
ATOM   58   C CZ  . ARG A 1 15  ? 2.847   11.096  4.953   1.00 18.38 ? 8   ARG A CZ  1 
ATOM   59   N NH1 . ARG A 1 15  ? 2.937   10.918  3.640   1.00 14.27 ? 8   ARG A NH1 1 
ATOM   60   N NH2 . ARG A 1 15  ? 3.600   12.006  5.554   1.00 16.83 ? 8   ARG A NH2 1 
ATOM   61   N N   . VAL A 1 16  ? -4.075  7.073   4.542   1.00 10.43 ? 9   VAL A N   1 
ATOM   62   C CA  . VAL A 1 16  ? -4.770  5.876   4.059   1.00 9.29  ? 9   VAL A CA  1 
ATOM   63   C C   . VAL A 1 16  ? -6.155  6.301   3.577   1.00 15.80 ? 9   VAL A C   1 
ATOM   64   O O   . VAL A 1 16  ? -6.978  6.769   4.366   1.00 16.64 ? 9   VAL A O   1 
ATOM   65   C CB  . VAL A 1 16  ? -4.880  4.811   5.154   1.00 9.30  ? 9   VAL A CB  1 
ATOM   66   C CG1 . VAL A 1 16  ? -5.688  3.609   4.646   1.00 9.37  ? 9   VAL A CG1 1 
ATOM   67   C CG2 . VAL A 1 16  ? -3.495  4.401   5.694   1.00 11.44 ? 9   VAL A CG2 1 
ATOM   68   N N   . THR A 1 17  ? -6.421  6.097   2.293   1.00 9.23  ? 10  THR A N   1 
ATOM   69   C CA  . THR A 1 17  ? -7.584  6.662   1.614   1.00 11.98 ? 10  THR A CA  1 
ATOM   70   C C   . THR A 1 17  ? -8.392  5.591   0.902   1.00 13.83 ? 10  THR A C   1 
ATOM   71   O O   . THR A 1 17  ? -7.826  4.748   0.200   1.00 14.09 ? 10  THR A O   1 
ATOM   72   C CB  . THR A 1 17  ? -7.118  7.693   0.598   1.00 17.06 ? 10  THR A CB  1 
ATOM   73   O OG1 . THR A 1 17  ? -6.185  8.565   1.233   1.00 16.57 ? 10  THR A OG1 1 
ATOM   74   C CG2 . THR A 1 17  ? -8.278  8.487   0.080   1.00 19.62 ? 10  THR A CG2 1 
ATOM   75   N N   . LYS A 1 18  ? -9.712  5.636   1.067   1.00 10.36 ? 11  LYS A N   1 
ATOM   76   C CA  . LYS A 1 18  ? -10.574 4.720   0.338   1.00 9.54  ? 11  LYS A CA  1 
ATOM   77   C C   . LYS A 1 18  ? -10.391 4.964   -1.153  1.00 13.39 ? 11  LYS A C   1 
ATOM   78   O O   . LYS A 1 18  ? -10.348 6.105   -1.607  1.00 15.90 ? 11  LYS A O   1 
ATOM   79   C CB  . LYS A 1 18  ? -12.035 4.897   0.769   1.00 14.78 ? 11  LYS A CB  1 
ATOM   80   C CG  . LYS A 1 18  ? -12.984 3.775   0.321   1.00 24.71 ? 11  LYS A CG  1 
ATOM   81   C CD  . LYS A 1 18  ? -12.695 2.460   1.072   1.00 21.17 ? 11  LYS A CD  1 
ATOM   82   C CE  . LYS A 1 18  ? -13.497 1.258   0.540   1.00 39.35 ? 11  LYS A CE  1 
ATOM   83   N NZ  . LYS A 1 18  ? -13.073 0.808   -0.825  1.00 34.33 ? 11  LYS A NZ  1 
ATOM   84   N N   . PHE A 1 19  ? -10.264 3.888   -1.917  1.00 11.33 ? 12  PHE A N   1 
ATOM   85   C CA  . PHE A 1 19  ? -9.960  4.014   -3.337  1.00 9.41  ? 12  PHE A CA  1 
ATOM   86   C C   . PHE A 1 19  ? -10.465 2.779   -4.068  1.00 14.15 ? 12  PHE A C   1 
ATOM   87   O O   . PHE A 1 19  ? -10.010 1.663   -3.796  1.00 13.00 ? 12  PHE A O   1 
ATOM   88   C CB  . PHE A 1 19  ? -8.463  4.202   -3.561  1.00 11.52 ? 12  PHE A CB  1 
ATOM   89   C CG  . PHE A 1 19  ? -8.108  4.581   -4.962  1.00 12.05 ? 12  PHE A CG  1 
ATOM   90   C CD1 . PHE A 1 19  ? -8.405  5.841   -5.435  1.00 14.44 ? 12  PHE A CD1 1 
ATOM   91   C CD2 . PHE A 1 19  ? -7.489  3.700   -5.817  1.00 12.22 ? 12  PHE A CD2 1 
ATOM   92   C CE1 . PHE A 1 19  ? -8.082  6.213   -6.730  1.00 14.03 ? 12  PHE A CE1 1 
ATOM   93   C CE2 . PHE A 1 19  ? -7.160  4.076   -7.119  1.00 13.35 ? 12  PHE A CE2 1 
ATOM   94   C CZ  . PHE A 1 19  ? -7.466  5.345   -7.569  1.00 17.08 ? 12  PHE A CZ  1 
ATOM   95   N N   . GLY A 1 20  ? -11.372 2.981   -5.026  1.00 20.72 ? 13  GLY A N   1 
ATOM   96   C CA  . GLY A 1 20  ? -11.911 1.854   -5.783  1.00 15.98 ? 13  GLY A CA  1 
ATOM   97   C C   . GLY A 1 20  ? -12.504 0.805   -4.874  1.00 22.30 ? 13  GLY A C   1 
ATOM   98   O O   . GLY A 1 20  ? -13.307 1.093   -3.985  1.00 19.27 ? 13  GLY A O   1 
ATOM   99   N N   . SER A 1 21  ? -12.112 -0.441  -5.090  1.00 18.10 ? 14  SER A N   1 
ATOM   100  C CA  . SER A 1 21  ? -12.605 -1.532  -4.276  1.00 22.20 ? 14  SER A CA  1 
ATOM   101  C C   . SER A 1 21  ? -11.735 -1.781  -3.042  1.00 24.56 ? 14  SER A C   1 
ATOM   102  O O   . SER A 1 21  ? -11.904 -2.804  -2.377  1.00 17.65 ? 14  SER A O   1 
ATOM   103  C CB  . SER A 1 21  ? -12.695 -2.801  -5.120  1.00 17.81 ? 14  SER A CB  1 
ATOM   104  O OG  . SER A 1 21  ? -11.431 -3.161  -5.635  1.00 23.32 ? 14  SER A OG  1 
ATOM   105  N N   . GLY A 1 22  ? -10.815 -0.867  -2.727  1.00 13.34 ? 15  GLY A N   1 
ATOM   106  C CA  . GLY A 1 22  ? -9.983  -0.993  -1.541  1.00 12.38 ? 15  GLY A CA  1 
ATOM   107  C C   . GLY A 1 22  ? -9.472  0.335   -1.025  1.00 11.26 ? 15  GLY A C   1 
ATOM   108  O O   . GLY A 1 22  ? -10.259 1.250   -0.784  1.00 13.67 ? 15  GLY A O   1 
ATOM   109  N N   . TRP A 1 23  ? -8.147  0.461   -0.932  1.00 9.14  ? 16  TRP A N   1 
ATOM   110  C CA  . TRP A 1 23  ? -7.487  1.569   -0.277  1.00 8.01  ? 16  TRP A CA  1 
ATOM   111  C C   . TRP A 1 23  ? -6.270  1.943   -1.090  1.00 9.24  ? 16  TRP A C   1 
ATOM   112  O O   . TRP A 1 23  ? -5.847  1.217   -1.988  1.00 12.18 ? 16  TRP A O   1 
ATOM   113  C CB  . TRP A 1 23  ? -7.069  1.198   1.162   1.00 15.35 ? 16  TRP A CB  1 
ATOM   114  C CG  . TRP A 1 23  ? -8.247  0.769   1.975   1.00 13.57 ? 16  TRP A CG  1 
ATOM   115  C CD1 . TRP A 1 23  ? -8.750  -0.493  2.078   1.00 17.60 ? 16  TRP A CD1 1 
ATOM   116  C CD2 . TRP A 1 23  ? -9.115  1.610   2.745   1.00 13.88 ? 16  TRP A CD2 1 
ATOM   117  N NE1 . TRP A 1 23  ? -9.870  -0.494  2.878   1.00 22.24 ? 16  TRP A NE1 1 
ATOM   118  C CE2 . TRP A 1 23  ? -10.105 0.787   3.309   1.00 20.60 ? 16  TRP A CE2 1 
ATOM   119  C CE3 . TRP A 1 23  ? -9.133  2.970   3.041   1.00 13.24 ? 16  TRP A CE3 1 
ATOM   120  C CZ2 . TRP A 1 23  ? -11.108 1.288   4.132   1.00 19.80 ? 16  TRP A CZ2 1 
ATOM   121  C CZ3 . TRP A 1 23  ? -10.125 3.460   3.866   1.00 16.57 ? 16  TRP A CZ3 1 
ATOM   122  C CH2 . TRP A 1 23  ? -11.102 2.625   4.394   1.00 20.67 ? 16  TRP A CH2 1 
ATOM   123  N N   . GLY A 1 24  ? -5.708  3.094   -0.761  1.00 8.73  ? 17  GLY A N   1 
ATOM   124  C CA  . GLY A 1 24  ? -4.408  3.486   -1.256  1.00 9.79  ? 17  GLY A CA  1 
ATOM   125  C C   . GLY A 1 24  ? -3.797  4.398   -0.214  1.00 5.72  ? 17  GLY A C   1 
ATOM   126  O O   . GLY A 1 24  ? -4.370  4.618   0.857   1.00 7.16  ? 17  GLY A O   1 
ATOM   127  N N   . PHE A 1 25  ? -2.605  4.901   -0.507  1.00 6.48  ? 18  PHE A N   1 
ATOM   128  C CA  . PHE A 1 25  ? -1.817  5.593   0.504   1.00 5.52  ? 18  PHE A CA  1 
ATOM   129  C C   . PHE A 1 25  ? -1.047  6.756   -0.098  1.00 11.60 ? 18  PHE A C   1 
ATOM   130  O O   . PHE A 1 25  ? -0.361  6.597   -1.114  1.00 7.61  ? 18  PHE A O   1 
ATOM   131  C CB  . PHE A 1 25  ? -0.844  4.580   1.128   1.00 6.37  ? 18  PHE A CB  1 
ATOM   132  C CG  . PHE A 1 25  ? 0.047   5.112   2.215   1.00 8.12  ? 18  PHE A CG  1 
ATOM   133  C CD1 . PHE A 1 25  ? -0.405  5.242   3.518   1.00 9.17  ? 18  PHE A CD1 1 
ATOM   134  C CD2 . PHE A 1 25  ? 1.369   5.376   1.953   1.00 10.09 ? 18  PHE A CD2 1 
ATOM   135  C CE1 . PHE A 1 25  ? 0.436   5.638   4.513   1.00 8.57  ? 18  PHE A CE1 1 
ATOM   136  C CE2 . PHE A 1 25  ? 2.206   5.791   2.952   1.00 12.85 ? 18  PHE A CE2 1 
ATOM   137  C CZ  . PHE A 1 25  ? 1.724   5.941   4.225   1.00 12.21 ? 18  PHE A CZ  1 
ATOM   138  N N   . TRP A 1 26  ? -1.140  7.913   0.544   1.00 10.26 ? 19  TRP A N   1 
ATOM   139  C CA  . TRP A 1 26  ? -0.363  9.088   0.118   1.00 8.38  ? 19  TRP A CA  1 
ATOM   140  C C   . TRP A 1 26  ? 1.047   9.023   0.687   1.00 7.07  ? 19  TRP A C   1 
ATOM   141  O O   . TRP A 1 26  ? 1.235   9.206   1.891   1.00 9.25  ? 19  TRP A O   1 
ATOM   142  C CB  . TRP A 1 26  ? -1.055  10.380  0.564   1.00 8.05  ? 19  TRP A CB  1 
ATOM   143  C CG  . TRP A 1 26  ? -2.329  10.620  -0.179  1.00 7.88  ? 19  TRP A CG  1 
ATOM   144  C CD1 . TRP A 1 26  ? -3.611  10.348  0.250   1.00 9.78  ? 19  TRP A CD1 1 
ATOM   145  C CD2 . TRP A 1 26  ? -2.451  11.148  -1.493  1.00 10.31 ? 19  TRP A CD2 1 
ATOM   146  N NE1 . TRP A 1 26  ? -4.503  10.670  -0.730  1.00 12.15 ? 19  TRP A NE1 1 
ATOM   147  C CE2 . TRP A 1 26  ? -3.815  11.165  -1.811  1.00 12.44 ? 19  TRP A CE2 1 
ATOM   148  C CE3 . TRP A 1 26  ? -1.529  11.620  -2.440  1.00 11.17 ? 19  TRP A CE3 1 
ATOM   149  C CZ2 . TRP A 1 26  ? -4.286  11.658  -3.029  1.00 11.21 ? 19  TRP A CZ2 1 
ATOM   150  C CZ3 . TRP A 1 26  ? -1.997  12.082  -3.638  1.00 11.05 ? 19  TRP A CZ3 1 
ATOM   151  C CH2 . TRP A 1 26  ? -3.358  12.089  -3.927  1.00 11.49 ? 19  TRP A CH2 1 
ATOM   152  N N   . VAL A 1 27  ? 2.031   8.792   -0.193  1.00 8.14  ? 20  VAL A N   1 
ATOM   153  C CA  . VAL A 1 27  ? 3.452   8.842   0.145   1.00 9.72  ? 20  VAL A CA  1 
ATOM   154  C C   . VAL A 1 27  ? 3.900   10.269  0.371   1.00 12.49 ? 20  VAL A C   1 
ATOM   155  O O   . VAL A 1 27  ? 4.794   10.537  1.186   1.00 11.44 ? 20  VAL A O   1 
ATOM   156  C CB  . VAL A 1 27  ? 4.265   8.176   -0.981  1.00 9.72  ? 20  VAL A CB  1 
ATOM   157  C CG1 . VAL A 1 27  ? 5.726   8.230   -0.682  1.00 15.69 ? 20  VAL A CG1 1 
ATOM   158  C CG2 . VAL A 1 27  ? 3.786   6.709   -1.179  1.00 10.00 ? 20  VAL A CG2 1 
ATOM   159  N N   . SER A 1 28  ? 3.322   11.192  -0.360  1.00 9.44  ? 21  SER A N   1 
ATOM   160  C CA  . SER A 1 28  ? 3.690   12.606  -0.339  1.00 11.39 ? 21  SER A CA  1 
ATOM   161  C C   . SER A 1 28  ? 2.499   13.414  -0.833  1.00 9.90  ? 21  SER A C   1 
ATOM   162  O O   . SER A 1 28  ? 1.466   12.843  -1.179  1.00 9.79  ? 21  SER A O   1 
ATOM   163  C CB  . SER A 1 28  ? 4.909   12.856  -1.225  1.00 12.50 ? 21  SER A CB  1 
ATOM   164  O OG  . SER A 1 28  ? 4.578   12.716  -2.593  1.00 13.84 ? 21  SER A OG  1 
ATOM   165  N N   . PRO A 1 29  ? 2.570   14.751  -0.853  1.00 10.80 ? 22  PRO A N   1 
ATOM   166  C CA  . PRO A 1 29  ? 1.460   15.513  -1.426  1.00 12.49 ? 22  PRO A CA  1 
ATOM   167  C C   . PRO A 1 29  ? 1.121   15.141  -2.866  1.00 11.32 ? 22  PRO A C   1 
ATOM   168  O O   . PRO A 1 29  ? 0.003   15.401  -3.302  1.00 12.82 ? 22  PRO A O   1 
ATOM   169  C CB  . PRO A 1 29  ? 1.958   16.967  -1.332  1.00 10.41 ? 22  PRO A CB  1 
ATOM   170  C CG  . PRO A 1 29  ? 2.892   16.985  -0.176  1.00 15.93 ? 22  PRO A CG  1 
ATOM   171  C CD  . PRO A 1 29  ? 3.568   15.621  -0.204  1.00 15.09 ? 22  PRO A CD  1 
ATOM   172  N N   . THR A 1 30  ? 2.054   14.582  -3.630  1.00 9.25  ? 23  THR A N   1 
ATOM   173  C CA  . THR A 1 30  ? 1.828   14.320  -5.037  1.00 7.52  ? 23  THR A CA  1 
ATOM   174  C C   . THR A 1 30  ? 1.837   12.842  -5.414  1.00 9.94  ? 23  THR A C   1 
ATOM   175  O O   . THR A 1 30  ? 1.488   12.522  -6.545  1.00 10.83 ? 23  THR A O   1 
ATOM   176  C CB  . THR A 1 30  ? 2.896   15.045  -5.883  1.00 13.91 ? 23  THR A CB  1 
ATOM   177  O OG1 . THR A 1 30  ? 4.201   14.610  -5.497  1.00 16.57 ? 23  THR A OG1 1 
ATOM   178  C CG2 . THR A 1 30  ? 2.813   16.504  -5.680  1.00 14.98 ? 23  THR A CG2 1 
ATOM   179  N N   . VAL A 1 31  ? 2.200   11.928  -4.513  1.00 7.99  ? 24  VAL A N   1 
ATOM   180  C CA  . VAL A 1 31  ? 2.358   10.515  -4.863  1.00 8.92  ? 24  VAL A CA  1 
ATOM   181  C C   . VAL A 1 31  ? 1.355   9.658   -4.095  1.00 9.21  ? 24  VAL A C   1 
ATOM   182  O O   . VAL A 1 31  ? 1.356   9.647   -2.855  1.00 7.94  ? 24  VAL A O   1 
ATOM   183  C CB  . VAL A 1 31  ? 3.786   10.023  -4.587  1.00 11.79 ? 24  VAL A CB  1 
ATOM   184  C CG1 . VAL A 1 31  ? 3.881   8.520   -4.807  1.00 16.02 ? 24  VAL A CG1 1 
ATOM   185  C CG2 . VAL A 1 31  ? 4.765   10.772  -5.488  1.00 16.16 ? 24  VAL A CG2 1 
ATOM   186  N N   . PHE A 1 32  ? 0.542   8.915   -4.834  1.00 6.96  ? 25  PHE A N   1 
ATOM   187  C CA  . PHE A 1 32  ? -0.458  7.986   -4.285  1.00 7.40  ? 25  PHE A CA  1 
ATOM   188  C C   . PHE A 1 32  ? -0.146  6.578   -4.777  1.00 9.71  ? 25  PHE A C   1 
ATOM   189  O O   . PHE A 1 32  ? 0.109   6.383   -5.963  1.00 10.54 ? 25  PHE A O   1 
ATOM   190  C CB  . PHE A 1 32  ? -1.849  8.391   -4.737  1.00 6.01  ? 25  PHE A CB  1 
ATOM   191  C CG  . PHE A 1 32  ? -2.989  7.651   -4.090  1.00 6.99  ? 25  PHE A CG  1 
ATOM   192  C CD1 . PHE A 1 32  ? -3.353  7.907   -2.783  1.00 9.53  ? 25  PHE A CD1 1 
ATOM   193  C CD2 . PHE A 1 32  ? -3.764  6.770   -4.840  1.00 11.27 ? 25  PHE A CD2 1 
ATOM   194  C CE1 . PHE A 1 32  ? -4.438  7.251   -2.209  1.00 12.21 ? 25  PHE A CE1 1 
ATOM   195  C CE2 . PHE A 1 32  ? -4.830  6.124   -4.287  1.00 12.87 ? 25  PHE A CE2 1 
ATOM   196  C CZ  . PHE A 1 32  ? -5.173  6.371   -2.960  1.00 11.03 ? 25  PHE A CZ  1 
ATOM   197  N N   . ILE A 1 33  ? -0.134  5.612   -3.870  1.00 7.26  ? 26  ILE A N   1 
ATOM   198  C CA  . ILE A 1 33  ? 0.120   4.215   -4.236  1.00 4.95  ? 26  ILE A CA  1 
ATOM   199  C C   . ILE A 1 33  ? -1.069  3.358   -3.823  1.00 9.54  ? 26  ILE A C   1 
ATOM   200  O O   . ILE A 1 33  ? -1.764  3.634   -2.838  1.00 7.22  ? 26  ILE A O   1 
ATOM   201  C CB  . ILE A 1 33  ? 1.454   3.698   -3.625  1.00 5.54  ? 26  ILE A CB  1 
ATOM   202  C CG1 . ILE A 1 33  ? 1.413   3.676   -2.086  1.00 9.22  ? 26  ILE A CG1 1 
ATOM   203  C CG2 . ILE A 1 33  ? 2.619   4.537   -4.155  1.00 8.71  ? 26  ILE A CG2 1 
ATOM   204  C CD1 . ILE A 1 33  ? 2.605   2.940   -1.458  1.00 9.50  ? 26  ILE A CD1 1 
ATOM   205  N N   . THR A 1 34  ? -1.298  2.307   -4.609  1.00 9.42  ? 27  THR A N   1 
ATOM   206  C CA  . THR A 1 34  ? -2.386  1.372   -4.374  1.00 5.94  ? 27  THR A CA  1 
ATOM   207  C C   . THR A 1 34  ? -2.046  0.061   -5.087  1.00 6.85  ? 27  THR A C   1 
ATOM   208  O O   . THR A 1 34  ? -1.012  -0.063  -5.744  1.00 10.07 ? 27  THR A O   1 
ATOM   209  C CB  . THR A 1 34  ? -3.723  1.950   -4.843  1.00 11.76 ? 27  THR A CB  1 
ATOM   210  O OG1 . THR A 1 34  ? -4.790  1.066   -4.458  1.00 13.51 ? 27  THR A OG1 1 
ATOM   211  C CG2 . THR A 1 34  ? -3.722  2.140   -6.341  1.00 17.93 ? 27  THR A CG2 1 
ATOM   212  N N   . THR A 1 35  ? -2.932  -0.905  -4.961  1.00 7.13  ? 28  THR A N   1 
ATOM   213  C CA  . THR A 1 35  ? -2.804  -2.179  -5.651  1.00 8.53  ? 28  THR A CA  1 
ATOM   214  C C   . THR A 1 35  ? -3.603  -2.136  -6.937  1.00 9.97  ? 28  THR A C   1 
ATOM   215  O O   . THR A 1 35  ? -4.779  -1.765  -6.925  1.00 13.74 ? 28  THR A O   1 
ATOM   216  C CB  . THR A 1 35  ? -3.291  -3.302  -4.753  1.00 18.40 ? 28  THR A CB  1 
ATOM   217  O OG1 . THR A 1 35  ? -2.526  -3.255  -3.544  1.00 14.43 ? 28  THR A OG1 1 
ATOM   218  C CG2 . THR A 1 35  ? -3.108  -4.660  -5.430  1.00 12.43 ? 28  THR A CG2 1 
ATOM   219  N N   . THR A 1 36  ? -2.973  -2.550  -8.034  1.00 15.20 ? 29  THR A N   1 
ATOM   220  C CA  . THR A 1 36  ? -3.565  -2.312  -9.347  1.00 14.48 ? 29  THR A CA  1 
ATOM   221  C C   . THR A 1 36  ? -4.999  -2.818  -9.432  1.00 11.84 ? 29  THR A C   1 
ATOM   222  O O   . THR A 1 36  ? -5.880  -2.113  -9.974  1.00 14.08 ? 29  THR A O   1 
ATOM   223  C CB  . THR A 1 36  ? -2.707  -2.956  -10.430 1.00 13.39 ? 29  THR A CB  1 
ATOM   224  O OG1 . THR A 1 36  ? -1.343  -2.536  -10.251 1.00 10.69 ? 29  THR A OG1 1 
ATOM   225  C CG2 . THR A 1 36  ? -3.206  -2.550  -11.834 1.00 15.72 ? 29  THR A CG2 1 
ATOM   226  N N   . HIS A 1 37  ? -5.275  -4.029  -8.922  1.00 16.01 ? 30  HIS A N   1 
ATOM   227  C CA  . HIS A 1 37  ? -6.588  -4.603  -9.180  1.00 16.20 ? 30  HIS A CA  1 
ATOM   228  C C   . HIS A 1 37  ? -7.722  -3.911  -8.427  1.00 21.27 ? 30  HIS A C   1 
ATOM   229  O O   . HIS A 1 37  ? -8.885  -4.211  -8.725  1.00 23.05 ? 30  HIS A O   1 
ATOM   230  C CB  . HIS A 1 37  ? -6.612  -6.127  -8.897  1.00 14.64 ? 30  HIS A CB  1 
ATOM   231  C CG  . HIS A 1 37  ? -6.614  -6.498  -7.441  1.00 17.14 ? 30  HIS A CG  1 
ATOM   232  N ND1 . HIS A 1 37  ? -5.460  -6.812  -6.757  1.00 16.45 ? 30  HIS A ND1 1 
ATOM   233  C CD2 . HIS A 1 37  ? -7.628  -6.669  -6.559  1.00 21.26 ? 30  HIS A CD2 1 
ATOM   234  C CE1 . HIS A 1 37  ? -5.758  -7.124  -5.508  1.00 13.16 ? 30  HIS A CE1 1 
ATOM   235  N NE2 . HIS A 1 37  ? -7.067  -7.052  -5.361  1.00 16.38 ? 30  HIS A NE2 1 
ATOM   236  N N   . VAL A 1 38  ? -7.458  -2.960  -7.519  1.00 14.50 ? 31  VAL A N   1 
ATOM   237  C CA  . VAL A 1 38  ? -8.567  -2.209  -6.932  1.00 17.32 ? 31  VAL A CA  1 
ATOM   238  C C   . VAL A 1 38  ? -8.822  -0.898  -7.663  1.00 12.70 ? 31  VAL A C   1 
ATOM   239  O O   . VAL A 1 38  ? -9.808  -0.239  -7.356  1.00 11.20 ? 31  VAL A O   1 
ATOM   240  C CB  . VAL A 1 38  ? -8.378  -1.940  -5.422  1.00 17.60 ? 31  VAL A CB  1 
ATOM   241  C CG1 . VAL A 1 38  ? -8.006  -3.236  -4.688  1.00 15.54 ? 31  VAL A CG1 1 
ATOM   242  C CG2 . VAL A 1 38  ? -7.348  -0.844  -5.160  1.00 17.81 ? 31  VAL A CG2 1 
ATOM   243  N N   . VAL A 1 39  ? -8.005  -0.550  -8.651  1.00 17.55 ? 32  VAL A N   1 
ATOM   244  C CA  . VAL A 1 39  ? -8.130  0.735   -9.357  1.00 16.08 ? 32  VAL A CA  1 
ATOM   245  C C   . VAL A 1 39  ? -9.383  0.719   -10.224 1.00 19.20 ? 32  VAL A C   1 
ATOM   246  O O   . VAL A 1 39  ? -9.596  -0.252  -10.976 1.00 17.32 ? 32  VAL A O   1 
ATOM   247  C CB  . VAL A 1 39  ? -6.889  1.005   -10.209 1.00 14.71 ? 32  VAL A CB  1 
ATOM   248  C CG1 . VAL A 1 39  ? -7.053  2.307   -10.970 1.00 16.32 ? 32  VAL A CG1 1 
ATOM   249  C CG2 . VAL A 1 39  ? -5.662  1.128   -9.331  1.00 16.03 ? 32  VAL A CG2 1 
ATOM   250  N N   . PRO A 1 40  ? -10.208 1.774   -10.184 1.00 19.32 ? 33  PRO A N   1 
ATOM   251  C CA  . PRO A 1 40  ? -11.352 1.857   -11.100 1.00 21.87 ? 33  PRO A CA  1 
ATOM   252  C C   . PRO A 1 40  ? -10.905 1.830   -12.551 1.00 23.75 ? 33  PRO A C   1 
ATOM   253  O O   . PRO A 1 40  ? -9.865  2.384   -12.916 1.00 22.12 ? 33  PRO A O   1 
ATOM   254  C CB  . PRO A 1 40  ? -11.997 3.203   -10.754 1.00 27.06 ? 33  PRO A CB  1 
ATOM   255  C CG  . PRO A 1 40  ? -11.522 3.571   -9.422  1.00 31.98 ? 33  PRO A CG  1 
ATOM   256  C CD  . PRO A 1 40  ? -10.210 2.866   -9.192  1.00 21.96 ? 33  PRO A CD  1 
ATOM   257  N N   . THR A 1 41  ? -11.731 1.211   -13.387 1.00 33.35 ? 34  THR A N   1 
ATOM   258  C CA  . THR A 1 41  ? -11.539 1.227   -14.828 1.00 34.83 ? 34  THR A CA  1 
ATOM   259  C C   . THR A 1 41  ? -12.545 2.173   -15.473 1.00 32.77 ? 34  THR A C   1 
ATOM   260  O O   . THR A 1 41  ? -13.638 2.408   -14.944 1.00 27.15 ? 34  THR A O   1 
ATOM   261  C CB  . THR A 1 41  ? -11.693 -0.171  -15.420 1.00 30.06 ? 34  THR A CB  1 
ATOM   262  O OG1 . THR A 1 41  ? -12.990 -0.675  -15.094 1.00 46.63 ? 34  THR A OG1 1 
ATOM   263  C CG2 . THR A 1 41  ? -10.627 -1.104  -14.879 1.00 40.61 ? 34  THR A CG2 1 
ATOM   264  N N   . GLY A 1 42  ? -12.155 2.737   -16.610 1.00 35.95 ? 35  GLY A N   1 
ATOM   265  C CA  . GLY A 1 42  ? -13.052 3.612   -17.348 1.00 36.68 ? 35  GLY A CA  1 
ATOM   266  C C   . GLY A 1 42  ? -13.442 4.897   -16.646 1.00 39.18 ? 35  GLY A C   1 
ATOM   267  O O   . GLY A 1 42  ? -14.588 5.352   -16.789 1.00 41.55 ? 35  GLY A O   1 
ATOM   268  N N   . VAL A 1 43  ? -12.520 5.504   -15.895 1.00 29.64 ? 36  VAL A N   1 
ATOM   269  C CA  . VAL A 1 43  ? -12.758 6.814   -15.291 1.00 26.03 ? 36  VAL A CA  1 
ATOM   270  C C   . VAL A 1 43  ? -11.969 7.863   -16.064 1.00 22.10 ? 36  VAL A C   1 
ATOM   271  O O   . VAL A 1 43  ? -10.982 7.570   -16.742 1.00 22.80 ? 36  VAL A O   1 
ATOM   272  C CB  . VAL A 1 43  ? -12.392 6.848   -13.786 1.00 27.30 ? 36  VAL A CB  1 
ATOM   273  C CG1 . VAL A 1 43  ? -13.273 5.880   -12.992 1.00 24.12 ? 36  VAL A CG1 1 
ATOM   274  C CG2 . VAL A 1 43  ? -10.937 6.533   -13.579 1.00 22.60 ? 36  VAL A CG2 1 
ATOM   275  N N   . LYS A 1 44  ? -12.432 9.116   -15.992 1.00 22.45 ? 37  LYS A N   1 
ATOM   276  C CA  . LYS A 1 44  ? -11.749 10.208  -16.670 1.00 22.69 ? 37  LYS A CA  1 
ATOM   277  C C   . LYS A 1 44  ? -10.829 10.984  -15.753 1.00 24.93 ? 37  LYS A C   1 
ATOM   278  O O   . LYS A 1 44  ? -10.101 11.859  -16.226 1.00 21.03 ? 37  LYS A O   1 
ATOM   279  C CB  . LYS A 1 44  ? -12.758 11.187  -17.285 1.00 26.14 ? 37  LYS A CB  1 
ATOM   280  C CG  . LYS A 1 44  ? -13.686 10.536  -18.272 1.00 23.96 ? 37  LYS A CG  1 
ATOM   281  C CD  . LYS A 1 44  ? -14.559 11.575  -18.953 1.00 21.29 ? 37  LYS A CD  1 
ATOM   282  C CE  . LYS A 1 44  ? -15.595 10.910  -19.802 1.00 28.02 ? 37  LYS A CE  1 
ATOM   283  N NZ  . LYS A 1 44  ? -14.986 10.016  -20.789 1.00 26.63 ? 37  LYS A NZ  1 
ATOM   284  N N   . GLU A 1 45  ? -10.845 10.682  -14.461 1.00 22.25 ? 38  GLU A N   1 
ATOM   285  C CA  . GLU A 1 45  ? -10.024 11.395  -13.509 1.00 18.83 ? 38  GLU A CA  1 
ATOM   286  C C   . GLU A 1 45  ? -9.827  10.505  -12.303 1.00 17.07 ? 38  GLU A C   1 
ATOM   287  O O   . GLU A 1 45  ? -10.597 9.575   -12.051 1.00 15.67 ? 38  GLU A O   1 
ATOM   288  C CB  . GLU A 1 45  ? -10.647 12.723  -13.064 1.00 17.74 ? 38  GLU A CB  1 
ATOM   289  C CG  . GLU A 1 45  ? -12.155 12.701  -12.858 1.00 20.92 ? 38  GLU A CG  1 
ATOM   290  C CD  . GLU A 1 45  ? -12.629 12.128  -11.546 1.00 33.11 ? 38  GLU A CD  1 
ATOM   291  O OE1 . GLU A 1 45  ? -13.852 11.857  -11.477 1.00 32.44 ? 38  GLU A OE1 1 
ATOM   292  O OE2 . GLU A 1 45  ? -11.824 11.950  -10.592 1.00 27.74 ? 38  GLU A OE2 1 
ATOM   293  N N   . PHE A 1 46  ? -8.786  10.819  -11.564 1.00 12.82 ? 39  PHE A N   1 
ATOM   294  C CA  . PHE A 1 46  ? -8.635  10.327  -10.216 1.00 15.28 ? 39  PHE A CA  1 
ATOM   295  C C   . PHE A 1 46  ? -8.557  11.532  -9.302  1.00 10.00 ? 39  PHE A C   1 
ATOM   296  O O   . PHE A 1 46  ? -7.719  12.403  -9.514  1.00 11.80 ? 39  PHE A O   1 
ATOM   297  C CB  . PHE A 1 46  ? -7.379  9.456   -10.087 1.00 12.03 ? 39  PHE A CB  1 
ATOM   298  C CG  . PHE A 1 46  ? -7.407  8.210   -10.959 1.00 17.19 ? 39  PHE A CG  1 
ATOM   299  C CD1 . PHE A 1 46  ? -8.299  7.187   -10.703 1.00 19.28 ? 39  PHE A CD1 1 
ATOM   300  C CD2 . PHE A 1 46  ? -6.516  8.062   -12.006 1.00 23.03 ? 39  PHE A CD2 1 
ATOM   301  C CE1 . PHE A 1 46  ? -8.316  6.054   -11.503 1.00 16.97 ? 39  PHE A CE1 1 
ATOM   302  C CE2 . PHE A 1 46  ? -6.522  6.937   -12.806 1.00 23.70 ? 39  PHE A CE2 1 
ATOM   303  C CZ  . PHE A 1 46  ? -7.417  5.931   -12.558 1.00 15.60 ? 39  PHE A CZ  1 
ATOM   304  N N   . PHE A 1 47  ? -9.400  11.543  -8.268  1.00 10.74 ? 40  PHE A N   1 
ATOM   305  C CA  . PHE A 1 47  ? -9.420  12.606  -7.269  1.00 14.77 ? 40  PHE A CA  1 
ATOM   306  C C   . PHE A 1 47  ? -9.610  13.962  -7.934  1.00 16.05 ? 40  PHE A C   1 
ATOM   307  O O   . PHE A 1 47  ? -9.052  14.977  -7.505  1.00 14.39 ? 40  PHE A O   1 
ATOM   308  C CB  . PHE A 1 47  ? -8.164  12.580  -6.398  1.00 14.53 ? 40  PHE A CB  1 
ATOM   309  C CG  . PHE A 1 47  ? -7.992  11.302  -5.615  1.00 11.51 ? 40  PHE A CG  1 
ATOM   310  C CD1 . PHE A 1 47  ? -9.051  10.714  -4.946  1.00 14.22 ? 40  PHE A CD1 1 
ATOM   311  C CD2 . PHE A 1 47  ? -6.750  10.699  -5.549  1.00 12.90 ? 40  PHE A CD2 1 
ATOM   312  C CE1 . PHE A 1 47  ? -8.865  9.549   -4.226  1.00 19.75 ? 40  PHE A CE1 1 
ATOM   313  C CE2 . PHE A 1 47  ? -6.572  9.556   -4.842  1.00 11.86 ? 40  PHE A CE2 1 
ATOM   314  C CZ  . PHE A 1 47  ? -7.639  8.980   -4.174  1.00 11.72 ? 40  PHE A CZ  1 
ATOM   315  N N   . GLY A 1 48  ? -10.423 13.967  -8.987  1.00 14.45 ? 41  GLY A N   1 
ATOM   316  C CA  . GLY A 1 48  ? -10.814 15.186  -9.671  1.00 13.65 ? 41  GLY A CA  1 
ATOM   317  C C   . GLY A 1 48  ? -9.825  15.657  -10.704 1.00 18.96 ? 41  GLY A C   1 
ATOM   318  O O   . GLY A 1 48  ? -10.102 16.641  -11.393 1.00 18.04 ? 41  GLY A O   1 
ATOM   319  N N   . GLU A 1 49  ? -8.653  14.974  -10.831 1.00 20.39 ? 42  GLU A N   1 
ATOM   320  C CA  . GLU A 1 49  ? -7.584  15.390  -11.724 1.00 17.48 ? 42  GLU A CA  1 
ATOM   321  C C   . GLU A 1 49  ? -7.650  14.630  -13.034 1.00 17.48 ? 42  GLU A C   1 
ATOM   322  O O   . GLU A 1 49  ? -7.803  13.405  -13.022 1.00 12.15 ? 42  GLU A O   1 
ATOM   323  C CB  . GLU A 1 49  ? -6.223  15.137  -11.076 1.00 14.45 ? 42  GLU A CB  1 
ATOM   324  C CG  . GLU A 1 49  ? -5.958  16.022  -9.875  1.00 19.33 ? 42  GLU A CG  1 
ATOM   325  C CD  . GLU A 1 49  ? -5.822  17.464  -10.262 1.00 26.39 ? 42  GLU A CD  1 
ATOM   326  O OE1 . GLU A 1 49  ? -4.881  17.800  -11.035 1.00 22.69 ? 42  GLU A OE1 1 
ATOM   327  O OE2 . GLU A 1 49  ? -6.677  18.250  -9.796  1.00 20.38 ? 42  GLU A OE2 1 
ATOM   328  N N   . PRO A 1 50  ? -7.491  15.298  -14.177 1.00 13.45 ? 43  PRO A N   1 
ATOM   329  C CA  . PRO A 1 50  ? -7.538  14.573  -15.450 1.00 17.38 ? 43  PRO A CA  1 
ATOM   330  C C   . PRO A 1 50  ? -6.383  13.584  -15.595 1.00 10.42 ? 43  PRO A C   1 
ATOM   331  O O   . PRO A 1 50  ? -5.258  13.843  -15.167 1.00 13.97 ? 43  PRO A O   1 
ATOM   332  C CB  . PRO A 1 50  ? -7.433  15.682  -16.493 1.00 16.50 ? 43  PRO A CB  1 
ATOM   333  C CG  . PRO A 1 50  ? -6.668  16.787  -15.784 1.00 17.34 ? 43  PRO A CG  1 
ATOM   334  C CD  . PRO A 1 50  ? -7.061  16.704  -14.348 1.00 16.49 ? 43  PRO A CD  1 
ATOM   335  N N   . LEU A 1 51  ? -6.649  12.494  -16.301 1.00 20.16 ? 44  LEU A N   1 
ATOM   336  C CA  . LEU A 1 51  ? -5.588  11.520  -16.550 1.00 19.92 ? 44  LEU A CA  1 
ATOM   337  C C   . LEU A 1 51  ? -4.383  12.170  -17.212 1.00 13.97 ? 44  LEU A C   1 
ATOM   338  O O   . LEU A 1 51  ? -3.239  11.779  -16.948 1.00 16.72 ? 44  LEU A O   1 
ATOM   339  C CB  . LEU A 1 51  ? -6.110  10.387  -17.418 1.00 17.86 ? 44  LEU A CB  1 
ATOM   340  C CG  . LEU A 1 51  ? -7.297  9.639   -16.813 1.00 23.95 ? 44  LEU A CG  1 
ATOM   341  C CD1 . LEU A 1 51  ? -7.844  8.603   -17.774 1.00 31.06 ? 44  LEU A CD1 1 
ATOM   342  C CD2 . LEU A 1 51  ? -6.919  8.977   -15.511 1.00 29.55 ? 44  LEU A CD2 1 
ATOM   343  N N   . SER A 1 52  ? -4.611  13.202  -18.021 1.00 19.89 ? 45  SER A N   1 
ATOM   344  C CA  . SER A 1 52  ? -3.520  13.887  -18.690 1.00 18.76 ? 45  SER A CA  1 
ATOM   345  C C   . SER A 1 52  ? -2.586  14.595  -17.724 1.00 18.54 ? 45  SER A C   1 
ATOM   346  O O   . SER A 1 52  ? -1.501  15.009  -18.138 1.00 22.54 ? 45  SER A O   1 
ATOM   347  C CB  . SER A 1 52  ? -4.080  14.894  -19.696 1.00 16.83 ? 45  SER A CB  1 
ATOM   348  O OG  . SER A 1 52  ? -4.931  15.836  -19.065 1.00 22.16 ? 45  SER A OG  1 
ATOM   349  N N   . SER A 1 53  ? -2.955  14.729  -16.451 1.00 13.56 ? 46  SER A N   1 
ATOM   350  C CA  . SER A 1 53  ? -2.113  15.417  -15.494 1.00 11.40 ? 46  SER A CA  1 
ATOM   351  C C   . SER A 1 53  ? -1.471  14.445  -14.517 1.00 14.16 ? 46  SER A C   1 
ATOM   352  O O   . SER A 1 53  ? -0.858  14.882  -13.540 1.00 15.52 ? 46  SER A O   1 
ATOM   353  C CB  . SER A 1 53  ? -2.893  16.470  -14.709 1.00 17.67 ? 46  SER A CB  1 
ATOM   354  O OG  . SER A 1 53  ? -3.800  15.869  -13.790 1.00 22.24 ? 46  SER A OG  1 
ATOM   355  N N   . ILE A 1 54  ? -1.659  13.150  -14.727 1.00 12.66 ? 47  ILE A N   1 
ATOM   356  C CA  . ILE A 1 54  ? -1.197  12.128  -13.791 1.00 9.80  ? 47  ILE A CA  1 
ATOM   357  C C   . ILE A 1 54  ? -0.236  11.196  -14.499 1.00 11.73 ? 47  ILE A C   1 
ATOM   358  O O   . ILE A 1 54  ? -0.565  10.645  -15.558 1.00 15.32 ? 47  ILE A O   1 
ATOM   359  C CB  . ILE A 1 54  ? -2.369  11.330  -13.223 1.00 13.24 ? 47  ILE A CB  1 
ATOM   360  C CG1 . ILE A 1 54  ? -3.425  12.271  -12.660 1.00 13.28 ? 47  ILE A CG1 1 
ATOM   361  C CG2 . ILE A 1 54  ? -1.872  10.383  -12.129 1.00 11.97 ? 47  ILE A CG2 1 
ATOM   362  C CD1 . ILE A 1 54  ? -4.735  11.582  -12.453 1.00 15.88 ? 47  ILE A CD1 1 
ATOM   363  N N   . ALA A 1 55  ? 0.912   10.966  -13.866 1.00 14.65 ? 48  ALA A N   1 
ATOM   364  C CA  . ALA A 1 55  ? 1.911   10.023  -14.339 1.00 12.38 ? 48  ALA A CA  1 
ATOM   365  C C   . ALA A 1 55  ? 1.664   8.724   -13.608 1.00 16.74 ? 48  ALA A C   1 
ATOM   366  O O   . ALA A 1 55  ? 1.682   8.689   -12.376 1.00 13.90 ? 48  ALA A O   1 
ATOM   367  C CB  . ALA A 1 55  ? 3.324   10.527  -14.086 1.00 15.63 ? 48  ALA A CB  1 
ATOM   368  N N   . ILE A 1 56  ? 1.362   7.689   -14.367 1.00 17.14 ? 49  ILE A N   1 
ATOM   369  C CA  . ILE A 1 56  ? 0.974   6.397   -13.826 1.00 22.29 ? 49  ILE A CA  1 
ATOM   370  C C   . ILE A 1 56  ? 2.123   5.447   -14.089 1.00 23.27 ? 49  ILE A C   1 
ATOM   371  O O   . ILE A 1 56  ? 2.597   5.337   -15.226 1.00 15.97 ? 49  ILE A O   1 
ATOM   372  C CB  . ILE A 1 56  ? -0.336  5.900   -14.461 1.00 24.41 ? 49  ILE A CB  1 
ATOM   373  C CG1 . ILE A 1 56  ? -1.477  6.891   -14.169 1.00 25.00 ? 49  ILE A CG1 1 
ATOM   374  C CG2 . ILE A 1 56  ? -0.675  4.506   -13.956 1.00 26.08 ? 49  ILE A CG2 1 
ATOM   375  C CD1 . ILE A 1 56  ? -2.763  6.624   -14.934 1.00 31.75 ? 49  ILE A CD1 1 
ATOM   376  N N   . HIS A 1 57  ? 2.597   4.787   -13.034 1.00 17.39 ? 50  HIS A N   1 
ATOM   377  C CA  . HIS A 1 57  ? 3.641   3.775   -13.145 1.00 18.45 ? 50  HIS A CA  1 
ATOM   378  C C   . HIS A 1 57  ? 3.126   2.544   -12.423 1.00 22.96 ? 50  HIS A C   1 
ATOM   379  O O   . HIS A 1 57  ? 2.939   2.583   -11.202 1.00 19.99 ? 50  HIS A O   1 
ATOM   380  C CB  . HIS A 1 57  ? 4.950   4.267   -12.532 1.00 22.98 ? 50  HIS A CB  1 
ATOM   381  N N   . GLN A 1 58  ? 2.904   1.447   -13.153 1.00 19.46 ? 51  GLN A N   1 
ATOM   382  C CA  . GLN A 1 58  ? 2.336   0.269   -12.523 1.00 19.23 ? 51  GLN A CA  1 
ATOM   383  C C   . GLN A 1 58  ? 2.918   -0.999  -13.116 1.00 18.31 ? 51  GLN A C   1 
ATOM   384  O O   . GLN A 1 58  ? 3.218   -1.083  -14.308 1.00 19.07 ? 51  GLN A O   1 
ATOM   385  C CB  . GLN A 1 58  ? 0.828   0.224   -12.656 1.00 17.27 ? 51  GLN A CB  1 
ATOM   386  C CG  . GLN A 1 58  ? 0.312   0.311   -14.030 1.00 26.38 ? 51  GLN A CG  1 
ATOM   387  C CD  . GLN A 1 58  ? -1.152  0.715   -14.052 1.00 36.04 ? 51  GLN A CD  1 
ATOM   388  O OE1 . GLN A 1 58  ? -1.799  0.838   -12.997 1.00 23.58 ? 51  GLN A OE1 1 
ATOM   389  N NE2 . GLN A 1 58  ? -1.684  0.936   -15.255 1.00 28.21 ? 51  GLN A NE2 1 
ATOM   390  N N   . ALA A 1 59  ? 3.053   -1.988  -12.258 1.00 14.46 ? 52  ALA A N   1 
ATOM   391  C CA  . ALA A 1 59  ? 3.613   -3.263  -12.669 1.00 15.99 ? 52  ALA A CA  1 
ATOM   392  C C   . ALA A 1 59  ? 3.455   -4.209  -11.497 1.00 13.25 ? 52  ALA A C   1 
ATOM   393  O O   . ALA A 1 59  ? 3.525   -3.779  -10.348 1.00 12.70 ? 52  ALA A O   1 
ATOM   394  C CB  . ALA A 1 59  ? 5.092   -3.131  -13.043 1.00 25.85 ? 52  ALA A CB  1 
ATOM   395  N N   . GLY A 1 60  ? 3.237   -5.484  -11.791 1.00 16.91 ? 53  GLY A N   1 
ATOM   396  C CA  . GLY A 1 60  ? 3.265   -6.483  -10.716 1.00 12.76 ? 53  GLY A CA  1 
ATOM   397  C C   . GLY A 1 60  ? 2.242   -6.281  -9.621  1.00 16.88 ? 53  GLY A C   1 
ATOM   398  O O   . GLY A 1 60  ? 2.468   -6.722  -8.488  1.00 12.59 ? 53  GLY A O   1 
ATOM   399  N N   . GLU A 1 61  ? 1.119   -5.629  -9.926  1.00 15.52 ? 54  GLU A N   1 
ATOM   400  C CA  . GLU A 1 61  ? 0.007   -5.299  -9.011  1.00 12.34 ? 54  GLU A CA  1 
ATOM   401  C C   . GLU A 1 61  ? 0.360   -4.128  -8.093  1.00 11.95 ? 54  GLU A C   1 
ATOM   402  O O   . GLU A 1 61  ? -0.428  -3.823  -7.168  1.00 12.12 ? 54  GLU A O   1 
ATOM   403  C CB  . GLU A 1 61  ? -0.484  -6.491  -8.181  1.00 10.88 ? 54  GLU A CB  1 
ATOM   404  C CG  . GLU A 1 61  ? -1.480  -7.399  -8.917  1.00 19.15 ? 54  GLU A CG  1 
ATOM   405  C CD  . GLU A 1 61  ? -2.740  -6.625  -9.346  1.00 24.18 ? 54  GLU A CD  1 
ATOM   406  O OE1 . GLU A 1 61  ? -2.958  -6.484  -10.566 1.00 23.83 ? 54  GLU A OE1 1 
ATOM   407  O OE2 . GLU A 1 61  ? -3.490  -6.148  -8.461  1.00 18.81 ? 54  GLU A OE2 1 
ATOM   408  N N   . PHE A 1 62  ? 1.480   -3.453  -8.320  1.00 9.26  ? 55  PHE A N   1 
ATOM   409  C CA  . PHE A 1 62  ? 1.790   -2.190  -7.650  1.00 9.50  ? 55  PHE A CA  1 
ATOM   410  C C   . PHE A 1 62  ? 1.474   -1.019  -8.580  1.00 12.63 ? 55  PHE A C   1 
ATOM   411  O O   . PHE A 1 62  ? 1.966   -0.972  -9.707  1.00 14.20 ? 55  PHE A O   1 
ATOM   412  C CB  . PHE A 1 62  ? 3.259   -2.128  -7.242  1.00 11.98 ? 55  PHE A CB  1 
ATOM   413  C CG  . PHE A 1 62  ? 3.580   -0.994  -6.326  1.00 12.29 ? 55  PHE A CG  1 
ATOM   414  C CD1 . PHE A 1 62  ? 3.772   0.293   -6.799  1.00 14.52 ? 55  PHE A CD1 1 
ATOM   415  C CD2 . PHE A 1 62  ? 3.674   -1.209  -4.965  1.00 13.22 ? 55  PHE A CD2 1 
ATOM   416  C CE1 . PHE A 1 62  ? 4.059   1.328   -5.920  1.00 11.85 ? 55  PHE A CE1 1 
ATOM   417  C CE2 . PHE A 1 62  ? 3.954   -0.179  -4.107  1.00 13.97 ? 55  PHE A CE2 1 
ATOM   418  C CZ  . PHE A 1 62  ? 4.154   1.097   -4.585  1.00 14.86 ? 55  PHE A CZ  1 
ATOM   419  N N   . THR A 1 63  ? 0.701   -0.057  -8.098  1.00 10.54 ? 56  THR A N   1 
ATOM   420  C CA  . THR A 1 63  ? 0.337   1.111   -8.910  1.00 9.24  ? 56  THR A CA  1 
ATOM   421  C C   . THR A 1 63  ? 0.757   2.369   -8.174  1.00 11.01 ? 56  THR A C   1 
ATOM   422  O O   . THR A 1 63  ? 0.441   2.525   -6.991  1.00 10.29 ? 56  THR A O   1 
ATOM   423  C CB  . THR A 1 63  ? -1.149  1.165   -9.212  1.00 10.39 ? 56  THR A CB  1 
ATOM   424  O OG1 . THR A 1 63  ? -1.500  0.127   -10.120 1.00 14.52 ? 56  THR A OG1 1 
ATOM   425  C CG2 . THR A 1 63  ? -1.552  2.526   -9.847  1.00 12.83 ? 56  THR A CG2 1 
ATOM   426  N N   . GLN A 1 64  ? 1.457   3.259   -8.878  1.00 7.80  ? 57  GLN A N   1 
ATOM   427  C CA  . GLN A 1 64  ? 1.826   4.579   -8.369  1.00 10.93 ? 57  GLN A CA  1 
ATOM   428  C C   . GLN A 1 64  ? 1.219   5.658   -9.259  1.00 11.74 ? 57  GLN A C   1 
ATOM   429  O O   . GLN A 1 64  ? 1.343   5.584   -10.480 1.00 13.19 ? 57  GLN A O   1 
ATOM   430  C CB  . GLN A 1 64  ? 3.346   4.743   -8.333  1.00 13.19 ? 57  GLN A CB  1 
ATOM   431  C CG  . GLN A 1 64  ? 3.775   6.121   -7.867  1.00 13.88 ? 57  GLN A CG  1 
ATOM   432  C CD  . GLN A 1 64  ? 5.264   6.320   -7.832  1.00 26.35 ? 57  GLN A CD  1 
ATOM   433  O OE1 . GLN A 1 64  ? 5.948   5.818   -6.944  1.00 31.52 ? 57  GLN A OE1 1 
ATOM   434  N NE2 . GLN A 1 64  ? 5.774   7.082   -8.784  1.00 27.34 ? 57  GLN A NE2 1 
ATOM   435  N N   . PHE A 1 65  ? 0.591   6.659   -8.639  1.00 10.17 ? 58  PHE A N   1 
ATOM   436  C CA  A PHE A 1 65  ? 0.119   7.869   -9.315  0.50 12.11 ? 58  PHE A CA  1 
ATOM   437  C CA  B PHE A 1 65  ? 0.123   7.866   -9.325  0.50 12.11 ? 58  PHE A CA  1 
ATOM   438  C C   . PHE A 1 65  ? 0.999   9.028   -8.882  1.00 12.79 ? 58  PHE A C   1 
ATOM   439  O O   . PHE A 1 65  ? 1.217   9.217   -7.687  1.00 12.96 ? 58  PHE A O   1 
ATOM   440  C CB  A PHE A 1 65  ? -1.323  8.214   -8.933  0.50 9.25  ? 58  PHE A CB  1 
ATOM   441  C CB  B PHE A 1 65  ? -1.335  8.199   -8.984  0.50 9.26  ? 58  PHE A CB  1 
ATOM   442  C CG  A PHE A 1 65  ? -2.352  7.261   -9.438  0.50 13.32 ? 58  PHE A CG  1 
ATOM   443  C CG  B PHE A 1 65  ? -2.314  7.103   -9.280  0.50 13.43 ? 58  PHE A CG  1 
ATOM   444  C CD1 A PHE A 1 65  ? -2.116  6.465   -10.540 0.50 10.35 ? 58  PHE A CD1 1 
ATOM   445  C CD1 B PHE A 1 65  ? -2.530  6.082   -8.368  0.50 15.05 ? 58  PHE A CD1 1 
ATOM   446  C CD2 A PHE A 1 65  ? -3.576  7.182   -8.805  0.50 11.99 ? 58  PHE A CD2 1 
ATOM   447  C CD2 B PHE A 1 65  ? -3.045  7.113   -10.458 0.50 15.18 ? 58  PHE A CD2 1 
ATOM   448  C CE1 A PHE A 1 65  ? -3.089  5.607   -11.005 0.50 15.34 ? 58  PHE A CE1 1 
ATOM   449  C CE1 B PHE A 1 65  ? -3.440  5.082   -8.634  0.50 12.84 ? 58  PHE A CE1 1 
ATOM   450  C CE2 A PHE A 1 65  ? -4.547  6.332   -9.250  0.50 18.61 ? 58  PHE A CE2 1 
ATOM   451  C CE2 B PHE A 1 65  ? -3.952  6.117   -10.735 0.50 16.01 ? 58  PHE A CE2 1 
ATOM   452  C CZ  A PHE A 1 65  ? -4.308  5.533   -10.353 0.50 17.69 ? 58  PHE A CZ  1 
ATOM   453  C CZ  B PHE A 1 65  ? -4.154  5.094   -9.819  0.50 12.98 ? 58  PHE A CZ  1 
ATOM   454  N N   . ARG A 1 66  ? 1.512   9.799   -9.834  1.00 12.24 ? 59  ARG A N   1 
ATOM   455  C CA  . ARG A 1 66  ? 2.188   11.042  -9.488  1.00 10.18 ? 59  ARG A CA  1 
ATOM   456  C C   . ARG A 1 66  ? 1.420   12.183  -10.125 1.00 13.17 ? 59  ARG A C   1 
ATOM   457  O O   . ARG A 1 66  ? 1.316   12.275  -11.354 1.00 11.63 ? 59  ARG A O   1 
ATOM   458  C CB  . ARG A 1 66  ? 3.660   11.085  -9.923  1.00 14.62 ? 59  ARG A CB  1 
ATOM   459  C CG  . ARG A 1 66  ? 4.366   12.357  -9.417  1.00 14.99 ? 59  ARG A CG  1 
ATOM   460  C CD  . ARG A 1 66  ? 5.862   12.391  -9.749  1.00 29.15 ? 59  ARG A CD  1 
ATOM   461  N NE  . ARG A 1 66  ? 6.603   11.260  -9.182  1.00 33.62 ? 59  ARG A NE  1 
ATOM   462  C CZ  . ARG A 1 66  ? 7.250   11.272  -8.015  1.00 30.32 ? 59  ARG A CZ  1 
ATOM   463  N NH1 . ARG A 1 66  ? 7.267   12.355  -7.251  1.00 38.80 ? 59  ARG A NH1 1 
ATOM   464  N NH2 . ARG A 1 66  ? 7.888   10.182  -7.610  1.00 30.51 ? 59  ARG A NH2 1 
ATOM   465  N N   . PHE A 1 67  ? 0.877   13.030  -9.284  1.00 10.75 ? 60  PHE A N   1 
ATOM   466  C CA  . PHE A 1 67  ? 0.015   14.110  -9.724  1.00 9.44  ? 60  PHE A CA  1 
ATOM   467  C C   . PHE A 1 67  ? 0.858   15.323  -10.048 1.00 14.12 ? 60  PHE A C   1 
ATOM   468  O O   . PHE A 1 67  ? 1.945   15.494  -9.508  1.00 13.53 ? 60  PHE A O   1 
ATOM   469  C CB  . PHE A 1 67  ? -0.993  14.400  -8.610  1.00 9.72  ? 60  PHE A CB  1 
ATOM   470  C CG  . PHE A 1 67  ? -2.007  13.296  -8.417  1.00 10.28 ? 60  PHE A CG  1 
ATOM   471  C CD1 . PHE A 1 67  ? -1.743  12.207  -7.592  1.00 10.72 ? 60  PHE A CD1 1 
ATOM   472  C CD2 . PHE A 1 67  ? -3.219  13.318  -9.081  1.00 11.85 ? 60  PHE A CD2 1 
ATOM   473  C CE1 . PHE A 1 67  ? -2.676  11.197  -7.431  1.00 7.59  ? 60  PHE A CE1 1 
ATOM   474  C CE2 . PHE A 1 67  ? -4.157  12.299  -8.899  1.00 12.28 ? 60  PHE A CE2 1 
ATOM   475  C CZ  . PHE A 1 67  ? -3.850  11.220  -8.074  1.00 11.30 ? 60  PHE A CZ  1 
ATOM   476  N N   . SER A 1 68  ? 0.320   16.179  -10.927 1.00 16.99 ? 61  SER A N   1 
ATOM   477  C CA  . SER A 1 68  ? 0.974   17.410  -11.348 1.00 20.01 ? 61  SER A CA  1 
ATOM   478  C C   . SER A 1 68  ? 0.905   18.506  -10.308 1.00 26.01 ? 61  SER A C   1 
ATOM   479  O O   . SER A 1 68  ? 1.697   19.451  -10.368 1.00 30.11 ? 61  SER A O   1 
ATOM   480  C CB  . SER A 1 68  ? 0.301   17.933  -12.620 1.00 18.78 ? 61  SER A CB  1 
ATOM   481  O OG  . SER A 1 68  ? 0.539   17.048  -13.680 1.00 32.24 ? 61  SER A OG  1 
ATOM   482  N N   . LYS A 1 69  ? -0.053  18.443  -9.403  1.00 19.36 ? 62  LYS A N   1 
ATOM   483  C CA  . LYS A 1 69  ? -0.220  19.475  -8.398  1.00 32.46 ? 62  LYS A CA  1 
ATOM   484  C C   . LYS A 1 69  ? -0.248  18.805  -7.037  1.00 21.74 ? 62  LYS A C   1 
ATOM   485  O O   . LYS A 1 69  ? -0.419  17.591  -6.930  1.00 16.86 ? 62  LYS A O   1 
ATOM   486  C CB  . LYS A 1 69  ? -1.492  20.313  -8.636  1.00 29.76 ? 62  LYS A CB  1 
ATOM   487  C CG  . LYS A 1 69  ? -2.824  19.610  -8.364  1.00 21.01 ? 62  LYS A CG  1 
ATOM   488  C CD  . LYS A 1 69  ? -4.037  20.536  -8.541  1.00 31.53 ? 62  LYS A CD  1 
ATOM   489  C CE  . LYS A 1 69  ? -4.191  21.022  -9.970  1.00 37.97 ? 62  LYS A CE  1 
ATOM   490  N NZ  . LYS A 1 69  ? -5.457  21.782  -10.155 1.00 41.64 ? 62  LYS A NZ  1 
ATOM   491  N N   . LYS A 1 70  ? -0.031  19.603  -6.003  1.00 22.84 ? 63  LYS A N   1 
ATOM   492  C CA  . LYS A 1 70  ? -0.083  19.101  -4.638  1.00 15.33 ? 63  LYS A CA  1 
ATOM   493  C C   . LYS A 1 70  ? -1.524  18.757  -4.304  1.00 18.20 ? 63  LYS A C   1 
ATOM   494  O O   . LYS A 1 70  ? -2.377  19.637  -4.196  1.00 18.26 ? 63  LYS A O   1 
ATOM   495  C CB  . LYS A 1 70  ? 0.466   20.126  -3.658  1.00 21.87 ? 63  LYS A CB  1 
ATOM   496  C CG  . LYS A 1 70  ? 1.957   20.190  -3.601  1.00 25.71 ? 63  LYS A CG  1 
ATOM   497  C CD  . LYS A 1 70  ? 2.391   21.193  -2.571  1.00 30.29 ? 63  LYS A CD  1 
ATOM   498  C CE  . LYS A 1 70  ? 3.889   21.118  -2.345  1.00 31.05 ? 63  LYS A CE  1 
ATOM   499  N NZ  . LYS A 1 70  ? 4.460   22.468  -2.117  1.00 42.01 ? 63  LYS A NZ  1 
ATOM   500  N N   . MET A 1 71  ? -1.803  17.469  -4.187  1.00 10.57 ? 64  MET A N   1 
ATOM   501  C CA  . MET A 1 71  ? -3.128  16.989  -3.835  1.00 8.46  ? 64  MET A CA  1 
ATOM   502  C C   . MET A 1 71  ? -3.361  16.943  -2.333  1.00 9.38  ? 64  MET A C   1 
ATOM   503  O O   . MET A 1 71  ? -4.506  17.090  -1.891  1.00 9.78  ? 64  MET A O   1 
ATOM   504  C CB  . MET A 1 71  ? -3.330  15.590  -4.415  1.00 13.11 ? 64  MET A CB  1 
ATOM   505  C CG  . MET A 1 71  ? -3.128  15.493  -5.929  1.00 13.71 ? 64  MET A CG  1 
ATOM   506  S SD  . MET A 1 71  ? -4.428  16.369  -6.797  1.00 16.58 ? 64  MET A SD  1 
ATOM   507  C CE  . MET A 1 71  ? -5.819  15.302  -6.385  1.00 20.59 ? 64  MET A CE  1 
ATOM   508  N N   . ARG A 1 72  ? -2.326  16.602  -1.549  1.00 9.59  ? 65  ARG A N   1 
ATOM   509  C CA  . ARG A 1 72  ? -2.424  16.488  -0.099  1.00 9.85  ? 65  ARG A CA  1 
ATOM   510  C C   . ARG A 1 72  ? -1.297  17.316  0.480   1.00 11.65 ? 65  ARG A C   1 
ATOM   511  O O   . ARG A 1 72  ? -0.342  16.813  1.067   1.00 11.05 ? 65  ARG A O   1 
ATOM   512  C CB  . ARG A 1 72  ? -2.362  15.023  0.346   1.00 9.68  ? 65  ARG A CB  1 
ATOM   513  C CG  . ARG A 1 72  ? -3.621  14.252  0.004   1.00 8.07  ? 65  ARG A CG  1 
ATOM   514  C CD  . ARG A 1 72  ? -4.817  14.682  0.867   1.00 10.19 ? 65  ARG A CD  1 
ATOM   515  N NE  . ARG A 1 72  ? -4.492  14.615  2.285   1.00 14.47 ? 65  ARG A NE  1 
ATOM   516  C CZ  . ARG A 1 72  ? -4.608  13.523  3.030   1.00 16.06 ? 65  ARG A CZ  1 
ATOM   517  N NH1 . ARG A 1 72  ? -5.098  12.422  2.500   1.00 11.05 ? 65  ARG A NH1 1 
ATOM   518  N NH2 . ARG A 1 72  ? -4.244  13.548  4.302   1.00 17.13 ? 65  ARG A NH2 1 
ATOM   519  N N   . PRO A 1 73  ? -1.373  18.636  0.320   1.00 13.98 ? 66  PRO A N   1 
ATOM   520  C CA  . PRO A 1 73  ? -0.283  19.483  0.795   1.00 13.26 ? 66  PRO A CA  1 
ATOM   521  C C   . PRO A 1 73  ? -0.152  19.499  2.297   1.00 10.30 ? 66  PRO A C   1 
ATOM   522  O O   . PRO A 1 73  ? 0.833   20.047  2.791   1.00 18.26 ? 66  PRO A O   1 
ATOM   523  C CB  . PRO A 1 73  ? -0.662  20.878  0.253   1.00 10.94 ? 66  PRO A CB  1 
ATOM   524  C CG  . PRO A 1 73  ? -2.130  20.818  0.022   1.00 11.52 ? 66  PRO A CG  1 
ATOM   525  C CD  . PRO A 1 73  ? -2.462  19.384  -0.312  1.00 16.00 ? 66  PRO A CD  1 
ATOM   526  N N   . ASP A 1 74  ? -1.126  18.965  3.028   1.00 18.90 ? 67  ASP A N   1 
ATOM   527  C CA  . ASP A 1 74  ? -0.990  18.737  4.464   1.00 22.66 ? 67  ASP A CA  1 
ATOM   528  C C   . ASP A 1 74  ? 0.078   17.703  4.846   1.00 23.87 ? 67  ASP A C   1 
ATOM   529  O O   . ASP A 1 74  ? 0.411   17.620  6.032   1.00 20.38 ? 67  ASP A O   1 
ATOM   530  C CB  . ASP A 1 74  ? -2.354  18.312  5.030   1.00 20.38 ? 67  ASP A CB  1 
ATOM   531  C CG  . ASP A 1 74  ? -2.904  17.013  4.387   1.00 27.30 ? 67  ASP A CG  1 
ATOM   532  O OD1 . ASP A 1 74  ? -3.120  16.983  3.144   1.00 17.66 ? 67  ASP A OD1 1 
ATOM   533  O OD2 . ASP A 1 74  ? -3.140  16.032  5.134   1.00 25.39 ? 67  ASP A OD2 1 
ATOM   534  N N   . LEU A 1 75  ? 0.642   16.942  3.904   1.00 17.64 ? 68  LEU A N   1 
ATOM   535  C CA  . LEU A 1 75  ? 1.543   15.824  4.210   1.00 19.47 ? 68  LEU A CA  1 
ATOM   536  C C   . LEU A 1 75  ? 3.005   16.141  3.924   1.00 19.96 ? 68  LEU A C   1 
ATOM   537  O O   . LEU A 1 75  ? 3.327   16.802  2.933   1.00 24.73 ? 68  LEU A O   1 
ATOM   538  C CB  . LEU A 1 75  ? 1.172   14.595  3.386   1.00 10.76 ? 68  LEU A CB  1 
ATOM   539  C CG  . LEU A 1 75  ? -0.229  14.076  3.611   1.00 9.23  ? 68  LEU A CG  1 
ATOM   540  C CD1 . LEU A 1 75  ? -0.508  12.944  2.619   1.00 14.73 ? 68  LEU A CD1 1 
ATOM   541  C CD2 . LEU A 1 75  ? -0.433  13.602  5.063   1.00 17.57 ? 68  LEU A CD2 1 
ATOM   542  N N   . THR A 1 76  ? 3.894   15.634  4.777   1.00 14.90 ? 69  THR A N   1 
ATOM   543  C CA  . THR A 1 76  ? 5.291   15.557  4.403   1.00 17.26 ? 69  THR A CA  1 
ATOM   544  C C   . THR A 1 76  ? 5.492   14.364  3.480   1.00 23.70 ? 69  THR A C   1 
ATOM   545  O O   . THR A 1 76  ? 4.688   13.433  3.449   1.00 18.54 ? 69  THR A O   1 
ATOM   546  C CB  . THR A 1 76  ? 6.206   15.410  5.623   1.00 29.65 ? 69  THR A CB  1 
ATOM   547  O OG1 . THR A 1 76  ? 5.954   14.153  6.261   1.00 28.83 ? 69  THR A OG1 1 
ATOM   548  C CG2 . THR A 1 76  ? 5.991   16.534  6.627   1.00 30.52 ? 69  THR A CG2 1 
ATOM   549  N N   . GLY A 1 77  ? 6.570   14.404  2.706   1.00 19.71 ? 70  GLY A N   1 
ATOM   550  C CA  . GLY A 1 77  ? 6.937   13.240  1.921   1.00 18.98 ? 70  GLY A CA  1 
ATOM   551  C C   . GLY A 1 77  ? 7.614   12.222  2.824   1.00 24.13 ? 70  GLY A C   1 
ATOM   552  O O   . GLY A 1 77  ? 8.373   12.572  3.724   1.00 28.23 ? 70  GLY A O   1 
ATOM   553  N N   . MET A 1 78  ? 7.316   10.949  2.598   1.00 16.35 ? 71  MET A N   1 
ATOM   554  C CA  . MET A 1 78  ? 8.026   9.902   3.325   1.00 17.88 ? 71  MET A CA  1 
ATOM   555  C C   . MET A 1 78  ? 8.674   8.937   2.340   1.00 18.88 ? 71  MET A C   1 
ATOM   556  O O   . MET A 1 78  ? 8.454   9.009   1.129   1.00 19.81 ? 71  MET A O   1 
ATOM   557  C CB  . MET A 1 78  ? 7.089   9.184   4.312   1.00 21.37 ? 71  MET A CB  1 
ATOM   558  C CG  . MET A 1 78  ? 5.954   8.487   3.682   1.00 15.03 ? 71  MET A CG  1 
ATOM   559  S SD  . MET A 1 78  ? 4.709   7.923   4.888   1.00 20.33 ? 71  MET A SD  1 
ATOM   560  C CE  . MET A 1 78  ? 5.446   6.393   5.410   1.00 19.33 ? 71  MET A CE  1 
ATOM   561  N N   . VAL A 1 79  ? 9.526   8.045   2.863   1.00 15.48 ? 72  VAL A N   1 
ATOM   562  C CA  . VAL A 1 79  ? 10.341  7.170   2.022   1.00 15.86 ? 72  VAL A CA  1 
ATOM   563  C C   . VAL A 1 79  ? 9.504   5.990   1.564   1.00 14.02 ? 72  VAL A C   1 
ATOM   564  O O   . VAL A 1 79  ? 8.866   5.329   2.383   1.00 15.41 ? 72  VAL A O   1 
ATOM   565  C CB  . VAL A 1 79  ? 11.581  6.671   2.783   1.00 17.95 ? 72  VAL A CB  1 
ATOM   566  C CG1 . VAL A 1 79  ? 12.307  5.616   1.983   1.00 25.57 ? 72  VAL A CG1 1 
ATOM   567  C CG2 . VAL A 1 79  ? 12.496  7.850   3.107   1.00 32.05 ? 72  VAL A CG2 1 
ATOM   568  N N   . LEU A 1 80  ? 9.498   5.741   0.255   1.00 16.58 ? 73  LEU A N   1 
ATOM   569  C CA  . LEU A 1 80  ? 8.952   4.514   -0.315  1.00 16.01 ? 73  LEU A CA  1 
ATOM   570  C C   . LEU A 1 80  ? 10.113  3.614   -0.728  1.00 17.76 ? 73  LEU A C   1 
ATOM   571  O O   . LEU A 1 80  ? 10.992  4.031   -1.499  1.00 16.42 ? 73  LEU A O   1 
ATOM   572  C CB  . LEU A 1 80  ? 8.060   4.833   -1.506  1.00 14.75 ? 73  LEU A CB  1 
ATOM   573  C CG  . LEU A 1 80  ? 7.595   3.660   -2.357  1.00 14.98 ? 73  LEU A CG  1 
ATOM   574  C CD1 . LEU A 1 80  ? 6.709   2.717   -1.577  1.00 18.71 ? 73  LEU A CD1 1 
ATOM   575  C CD2 . LEU A 1 80  ? 6.859   4.216   -3.593  1.00 18.92 ? 73  LEU A CD2 1 
ATOM   576  N N   . GLU A 1 81  ? 10.125  2.383   -0.227  1.00 16.55 ? 74  GLU A N   1 
ATOM   577  C CA  . GLU A 1 81  ? 11.173  1.441   -0.581  1.00 13.97 ? 74  GLU A CA  1 
ATOM   578  C C   . GLU A 1 81  ? 10.563  0.245   -1.291  1.00 20.80 ? 74  GLU A C   1 
ATOM   579  O O   . GLU A 1 81  ? 9.364   -0.033  -1.170  1.00 19.70 ? 74  GLU A O   1 
ATOM   580  C CB  . GLU A 1 81  ? 11.979  1.004   0.659   1.00 21.77 ? 74  GLU A CB  1 
ATOM   581  C CG  . GLU A 1 81  ? 12.860  2.121   1.208   1.00 23.71 ? 74  GLU A CG  1 
ATOM   582  C CD  . GLU A 1 81  ? 13.771  1.694   2.343   1.00 32.75 ? 74  GLU A CD  1 
ATOM   583  O OE1 . GLU A 1 81  ? 13.643  0.553   2.835   1.00 33.17 ? 74  GLU A OE1 1 
ATOM   584  O OE2 . GLU A 1 81  ? 14.623  2.519   2.738   1.00 34.99 ? 74  GLU A OE2 1 
ATOM   585  N N   . GLU A 1 82  ? 11.409  -0.439  -2.066  1.00 17.51 ? 75  GLU A N   1 
ATOM   586  C CA  . GLU A 1 82  ? 11.010  -1.639  -2.804  1.00 17.73 ? 75  GLU A CA  1 
ATOM   587  C C   . GLU A 1 82  ? 11.123  -2.851  -1.891  1.00 28.68 ? 75  GLU A C   1 
ATOM   588  O O   . GLU A 1 82  ? 12.159  -3.511  -1.815  1.00 30.11 ? 75  GLU A O   1 
ATOM   589  C CB  . GLU A 1 82  ? 11.873  -1.787  -4.042  1.00 28.06 ? 75  GLU A CB  1 
ATOM   590  C CG  . GLU A 1 82  ? 12.110  -0.470  -4.749  1.00 33.58 ? 75  GLU A CG  1 
ATOM   591  N N   . GLY A 1 83  ? 10.038  -3.145  -1.186  1.00 19.00 ? 76  GLY A N   1 
ATOM   592  C CA  . GLY A 1 83  ? 10.030  -4.185  -0.183  1.00 18.10 ? 76  GLY A CA  1 
ATOM   593  C C   . GLY A 1 83  ? 10.873  -3.761  1.000   1.00 21.38 ? 76  GLY A C   1 
ATOM   594  O O   . GLY A 1 83  ? 11.389  -2.654  1.074   1.00 17.36 ? 76  GLY A O   1 
ATOM   595  N N   . CYS A 1 84  ? 11.026  -4.683  1.938   1.00 20.57 ? 77  CYS A N   1 
ATOM   596  C CA  . CYS A 1 84  ? 11.862  -4.475  3.100   1.00 17.16 ? 77  CYS A CA  1 
ATOM   597  C C   . CYS A 1 84  ? 12.735  -5.701  3.270   1.00 20.67 ? 77  CYS A C   1 
ATOM   598  O O   . CYS A 1 84  ? 12.511  -6.729  2.626   1.00 21.25 ? 77  CYS A O   1 
ATOM   599  C CB  . CYS A 1 84  ? 11.023  -4.238  4.363   1.00 24.45 ? 77  CYS A CB  1 
ATOM   600  S SG  . CYS A 1 84  ? 9.890   -5.584  4.684   1.00 23.65 ? 77  CYS A SG  1 
ATOM   601  N N   . PRO A 1 85  ? 13.752  -5.611  4.114   1.00 18.97 ? 78  PRO A N   1 
ATOM   602  C CA  . PRO A 1 85  ? 14.588  -6.786  4.374   1.00 23.23 ? 78  PRO A CA  1 
ATOM   603  C C   . PRO A 1 85  ? 13.764  -7.921  4.956   1.00 23.07 ? 78  PRO A C   1 
ATOM   604  O O   . PRO A 1 85  ? 12.862  -7.717  5.771   1.00 20.25 ? 78  PRO A O   1 
ATOM   605  C CB  . PRO A 1 85  ? 15.628  -6.265  5.374   1.00 22.60 ? 78  PRO A CB  1 
ATOM   606  C CG  . PRO A 1 85  ? 15.643  -4.764  5.152   1.00 29.88 ? 78  PRO A CG  1 
ATOM   607  C CD  . PRO A 1 85  ? 14.216  -4.432  4.861   1.00 21.91 ? 78  PRO A CD  1 
ATOM   608  N N   . GLU A 1 86  ? 14.057  -9.123  4.483   1.00 20.07 ? 79  GLU A N   1 
ATOM   609  C CA  . GLU A 1 86  ? 13.525  -10.325 5.084   1.00 15.41 ? 79  GLU A CA  1 
ATOM   610  C C   . GLU A 1 86  ? 13.672  -10.226 6.593   1.00 17.46 ? 79  GLU A C   1 
ATOM   611  O O   . GLU A 1 86  ? 14.696  -9.764  7.093   1.00 18.83 ? 79  GLU A O   1 
ATOM   612  C CB  . GLU A 1 86  ? 14.294  -11.507 4.507   1.00 19.42 ? 79  GLU A CB  1 
ATOM   613  C CG  . GLU A 1 86  ? 13.727  -12.848 4.765   1.00 32.56 ? 79  GLU A CG  1 
ATOM   614  C CD  . GLU A 1 86  ? 14.168  -13.819 3.689   1.00 41.09 ? 79  GLU A CD  1 
ATOM   615  O OE1 . GLU A 1 86  ? 14.924  -13.412 2.781   1.00 57.93 ? 79  GLU A OE1 1 
ATOM   616  O OE2 . GLU A 1 86  ? 13.741  -14.971 3.721   1.00 27.45 ? 79  GLU A OE2 1 
ATOM   617  N N   . GLY A 1 87  ? 12.611  -10.570 7.311   1.00 15.48 ? 80  GLY A N   1 
ATOM   618  C CA  . GLY A 1 87  ? 12.608  -10.534 8.755   1.00 18.69 ? 80  GLY A CA  1 
ATOM   619  C C   . GLY A 1 87  ? 12.030  -9.279  9.369   1.00 15.66 ? 80  GLY A C   1 
ATOM   620  O O   . GLY A 1 87  ? 11.795  -9.263  10.584  1.00 20.34 ? 80  GLY A O   1 
ATOM   621  N N   . THR A 1 88  ? 11.818  -8.231  8.583   1.00 17.61 ? 81  THR A N   1 
ATOM   622  C CA  . THR A 1 88  ? 11.240  -7.001  9.101   1.00 18.00 ? 81  THR A CA  1 
ATOM   623  C C   . THR A 1 88  ? 9.812   -7.250  9.564   1.00 18.54 ? 81  THR A C   1 
ATOM   624  O O   . THR A 1 88  ? 9.052   -7.980  8.921   1.00 14.58 ? 81  THR A O   1 
ATOM   625  C CB  . THR A 1 88  ? 11.252  -5.929  8.019   1.00 22.31 ? 81  THR A CB  1 
ATOM   626  O OG1 . THR A 1 88  ? 12.601  -5.712  7.581   1.00 20.68 ? 81  THR A OG1 1 
ATOM   627  C CG2 . THR A 1 88  ? 10.622  -4.600  8.523   1.00 23.01 ? 81  THR A CG2 1 
ATOM   628  N N   . VAL A 1 89  ? 9.442   -6.633  10.673  1.00 16.92 ? 82  VAL A N   1 
ATOM   629  C CA  . VAL A 1 89  ? 8.053   -6.642  11.107  1.00 9.05  ? 82  VAL A CA  1 
ATOM   630  C C   . VAL A 1 89  ? 7.416   -5.368  10.588  1.00 12.73 ? 82  VAL A C   1 
ATOM   631  O O   . VAL A 1 89  ? 7.856   -4.259  10.922  1.00 17.24 ? 82  VAL A O   1 
ATOM   632  C CB  . VAL A 1 89  ? 7.914   -6.755  12.628  1.00 12.02 ? 82  VAL A CB  1 
ATOM   633  C CG1 . VAL A 1 89  ? 6.436   -6.711  12.994  1.00 15.01 ? 82  VAL A CG1 1 
ATOM   634  C CG2 . VAL A 1 89  ? 8.557   -8.072  13.121  1.00 16.67 ? 82  VAL A CG2 1 
ATOM   635  N N   . CYS A 1 90  ? 6.452   -5.535  9.708   1.00 9.34  ? 83  CYS A N   1 
ATOM   636  C CA  . CYS A 1 90  ? 5.671   -4.447  9.145   1.00 7.36  ? 83  CYS A CA  1 
ATOM   637  C C   . CYS A 1 90  ? 4.321   -4.388  9.850   1.00 10.56 ? 83  CYS A C   1 
ATOM   638  O O   . CYS A 1 90  ? 3.873   -5.361  10.456  1.00 15.78 ? 83  CYS A O   1 
ATOM   639  C CB  . CYS A 1 90  ? 5.474   -4.636  7.648   1.00 10.06 ? 83  CYS A CB  1 
ATOM   640  S SG  . CYS A 1 90  ? 6.935   -4.294  6.686   1.00 19.59 ? 83  CYS A SG  1 
ATOM   641  N N   . SER A 1 91  ? 3.691   -3.216  9.795   1.00 8.48  ? 84  SER A N   1 
ATOM   642  C CA  . SER A 1 91  ? 2.285   -3.055  10.137  1.00 8.55  ? 84  SER A CA  1 
ATOM   643  C C   . SER A 1 91  ? 1.522   -2.783  8.848   1.00 12.77 ? 84  SER A C   1 
ATOM   644  O O   . SER A 1 91  ? 1.907   -1.903  8.072   1.00 14.72 ? 84  SER A O   1 
ATOM   645  C CB  . SER A 1 91  ? 2.060   -1.907  11.113  1.00 16.09 ? 84  SER A CB  1 
ATOM   646  O OG  . SER A 1 91  ? 2.728   -2.155  12.350  1.00 25.63 ? 84  SER A OG  1 
ATOM   647  N N   . VAL A 1 92  ? 0.466   -3.531  8.615   1.00 8.75  ? 85  VAL A N   1 
ATOM   648  C CA  . VAL A 1 92  ? -0.432  -3.252  7.505   1.00 8.87  ? 85  VAL A CA  1 
ATOM   649  C C   . VAL A 1 92  ? -1.496  -2.311  8.050   1.00 11.07 ? 85  VAL A C   1 
ATOM   650  O O   . VAL A 1 92  ? -2.219  -2.659  8.995   1.00 10.29 ? 85  VAL A O   1 
ATOM   651  C CB  . VAL A 1 92  ? -1.065  -4.532  6.941   1.00 9.27  ? 85  VAL A CB  1 
ATOM   652  C CG1 . VAL A 1 92  ? -1.821  -4.205  5.668   1.00 8.32  ? 85  VAL A CG1 1 
ATOM   653  C CG2 . VAL A 1 92  ? -0.031  -5.614  6.687   1.00 10.77 ? 85  VAL A CG2 1 
ATOM   654  N N   . LEU A 1 93  ? -1.570  -1.112  7.479   1.00 13.74 ? 86  LEU A N   1 
ATOM   655  C CA  . LEU A 1 93  ? -2.462  -0.072  7.981   1.00 13.27 ? 86  LEU A CA  1 
ATOM   656  C C   . LEU A 1 93  ? -3.851  -0.263  7.386   1.00 16.91 ? 86  LEU A C   1 
ATOM   657  O O   . LEU A 1 93  ? -4.265  0.438   6.456   1.00 12.82 ? 86  LEU A O   1 
ATOM   658  C CB  . LEU A 1 93  ? -1.912  1.299   7.639   1.00 10.05 ? 86  LEU A CB  1 
ATOM   659  C CG  . LEU A 1 93  ? -0.517  1.646   8.128   1.00 11.12 ? 86  LEU A CG  1 
ATOM   660  C CD1 . LEU A 1 93  ? -0.231  3.091   7.993   1.00 13.89 ? 86  LEU A CD1 1 
ATOM   661  C CD2 . LEU A 1 93  ? -0.349  1.233   9.576   1.00 14.86 ? 86  LEU A CD2 1 
ATOM   662  N N   . ILE A 1 94  ? -4.588  -1.215  7.953   1.00 11.10 ? 87  ILE A N   1 
ATOM   663  C CA  . ILE A 1 94  ? -5.967  -1.466  7.543   1.00 16.09 ? 87  ILE A CA  1 
ATOM   664  C C   . ILE A 1 94  ? -6.901  -0.474  8.229   1.00 21.81 ? 87  ILE A C   1 
ATOM   665  O O   . ILE A 1 94  ? -6.870  -0.315  9.453   1.00 14.63 ? 87  ILE A O   1 
ATOM   666  C CB  . ILE A 1 94  ? -6.361  -2.917  7.852   1.00 16.47 ? 87  ILE A CB  1 
ATOM   667  C CG1 . ILE A 1 94  ? -5.624  -3.862  6.884   1.00 19.79 ? 87  ILE A CG1 1 
ATOM   668  C CG2 . ILE A 1 94  ? -7.860  -3.139  7.701   1.00 21.30 ? 87  ILE A CG2 1 
ATOM   669  C CD1 . ILE A 1 94  ? -5.643  -5.252  7.302   1.00 32.82 ? 87  ILE A CD1 1 
ATOM   670  N N   . LYS A 1 95  ? -7.732  0.201   7.432   1.00 15.81 ? 88  LYS A N   1 
ATOM   671  C CA  . LYS A 1 95  ? -8.845  1.007   7.906   1.00 15.50 ? 88  LYS A CA  1 
ATOM   672  C C   . LYS A 1 95  ? -10.161 0.293   7.640   1.00 18.40 ? 88  LYS A C   1 
ATOM   673  O O   . LYS A 1 95  ? -10.314 -0.414  6.640   1.00 17.25 ? 88  LYS A O   1 
ATOM   674  C CB  . LYS A 1 95  ? -8.896  2.368   7.203   1.00 16.89 ? 88  LYS A CB  1 
ATOM   675  C CG  . LYS A 1 95  ? -8.341  3.468   7.947   1.00 21.66 ? 88  LYS A CG  1 
ATOM   676  C CD  . LYS A 1 95  ? -8.530  4.744   7.151   1.00 19.79 ? 88  LYS A CD  1 
ATOM   677  C CE  . LYS A 1 95  ? -7.916  5.908   7.849   1.00 29.00 ? 88  LYS A CE  1 
ATOM   678  N NZ  . LYS A 1 95  ? -7.884  7.051   6.908   1.00 16.71 ? 88  LYS A NZ  1 
ATOM   679  N N   . ARG A 1 96  ? -11.106 0.485   8.549   1.00 15.64 ? 89  ARG A N   1 
ATOM   680  C CA  . ARG A 1 96  ? -12.484 0.075   8.349   1.00 17.18 ? 89  ARG A CA  1 
ATOM   681  C C   . ARG A 1 96  ? -13.260 1.293   7.874   1.00 12.96 ? 89  ARG A C   1 
ATOM   682  O O   . ARG A 1 96  ? -12.765 2.412   7.936   1.00 13.87 ? 89  ARG A O   1 
ATOM   683  C CB  . ARG A 1 96  ? -13.097 -0.462  9.644   1.00 24.55 ? 89  ARG A CB  1 
ATOM   684  N N   . ASP A 1 97  ? -14.491 1.056   7.421   1.00 14.32 ? 90  ASP A N   1 
ATOM   685  C CA  . ASP A 1 97  ? -15.313 2.153   6.894   1.00 15.79 ? 90  ASP A CA  1 
ATOM   686  C C   . ASP A 1 97  ? -15.622 3.204   7.953   1.00 18.26 ? 90  ASP A C   1 
ATOM   687  O O   . ASP A 1 97  ? -15.731 4.394   7.631   1.00 21.91 ? 90  ASP A O   1 
ATOM   688  C CB  . ASP A 1 97  ? -16.604 1.595   6.300   1.00 25.94 ? 90  ASP A CB  1 
ATOM   689  C CG  . ASP A 1 97  ? -16.393 0.986   4.921   1.00 26.58 ? 90  ASP A CG  1 
ATOM   690  O OD1 . ASP A 1 97  ? -15.404 1.343   4.237   1.00 33.18 ? 90  ASP A OD1 1 
ATOM   691  O OD2 . ASP A 1 97  ? -17.217 0.150   4.520   1.00 35.43 ? 90  ASP A OD2 1 
ATOM   692  N N   . SER A 1 98  ? -15.772 2.791   9.215   1.00 18.63 ? 91  SER A N   1 
ATOM   693  C CA  . SER A 1 98  ? -15.962 3.719   10.332  1.00 15.76 ? 91  SER A CA  1 
ATOM   694  C C   . SER A 1 98  ? -14.799 4.676   10.531  1.00 14.29 ? 91  SER A C   1 
ATOM   695  O O   . SER A 1 98  ? -14.948 5.671   11.253  1.00 13.94 ? 91  SER A O   1 
ATOM   696  C CB  . SER A 1 98  ? -16.140 2.927   11.614  1.00 14.07 ? 91  SER A CB  1 
ATOM   697  O OG  . SER A 1 98  ? -14.894 2.332   11.970  1.00 12.61 ? 91  SER A OG  1 
ATOM   698  N N   . GLY A 1 99  ? -13.643 4.405   9.923   1.00 15.55 ? 92  GLY A N   1 
ATOM   699  C CA  . GLY A 1 99  ? -12.441 5.132   10.247  1.00 16.27 ? 92  GLY A CA  1 
ATOM   700  C C   . GLY A 1 99  ? -11.623 4.492   11.337  1.00 20.24 ? 92  GLY A C   1 
ATOM   701  O O   . GLY A 1 99  ? -10.566 5.018   11.685  1.00 16.55 ? 92  GLY A O   1 
ATOM   702  N N   . GLU A 1 100 ? -12.094 3.386   11.899  1.00 15.27 ? 93  GLU A N   1 
ATOM   703  C CA  . GLU A 1 100 ? -11.322 2.649   12.880  1.00 15.68 ? 93  GLU A CA  1 
ATOM   704  C C   . GLU A 1 100 ? -10.034 2.157   12.236  1.00 16.94 ? 93  GLU A C   1 
ATOM   705  O O   . GLU A 1 100 ? -10.023 1.749   11.075  1.00 14.04 ? 93  GLU A O   1 
ATOM   706  C CB  . GLU A 1 100 ? -12.148 1.481   13.409  1.00 20.81 ? 93  GLU A CB  1 
ATOM   707  C CG  . GLU A 1 100 ? -11.451 0.596   14.458  1.00 29.45 ? 93  GLU A CG  1 
ATOM   708  C CD  . GLU A 1 100 ? -12.264 -0.645  14.791  1.00 30.91 ? 93  GLU A CD  1 
ATOM   709  O OE1 . GLU A 1 100 ? -13.379 -0.784  14.239  1.00 24.99 ? 93  GLU A OE1 1 
ATOM   710  O OE2 . GLU A 1 100 ? -11.780 -1.499  15.581  1.00 29.80 ? 93  GLU A OE2 1 
ATOM   711  N N   . LEU A 1 101 ? -8.952  2.229   12.997  1.00 13.08 ? 94  LEU A N   1 
ATOM   712  C CA  . LEU A 1 101 ? -7.606  1.968   12.519  1.00 16.27 ? 94  LEU A CA  1 
ATOM   713  C C   . LEU A 1 101 ? -7.213  0.621   13.083  1.00 20.24 ? 94  LEU A C   1 
ATOM   714  O O   . LEU A 1 101 ? -7.235  0.443   14.304  1.00 17.30 ? 94  LEU A O   1 
ATOM   715  C CB  . LEU A 1 101 ? -6.627  3.021   13.017  1.00 23.11 ? 94  LEU A CB  1 
ATOM   716  C CG  . LEU A 1 101 ? -7.159  4.446   13.084  1.00 27.64 ? 94  LEU A CG  1 
ATOM   717  C CD1 . LEU A 1 101 ? -6.246  5.324   13.926  1.00 23.19 ? 94  LEU A CD1 1 
ATOM   718  C CD2 . LEU A 1 101 ? -7.297  4.959   11.666  1.00 29.71 ? 94  LEU A CD2 1 
ATOM   719  N N   . LEU A 1 102 ? -6.871  -0.322  12.212  1.00 17.69 ? 95  LEU A N   1 
ATOM   720  C CA  . LEU A 1 102 ? -6.543  -1.682  12.640  1.00 21.74 ? 95  LEU A CA  1 
ATOM   721  C C   . LEU A 1 102 ? -5.198  -2.069  12.044  1.00 21.92 ? 95  LEU A C   1 
ATOM   722  O O   . LEU A 1 102 ? -5.141  -2.669  10.964  1.00 27.06 ? 95  LEU A O   1 
ATOM   723  C CB  . LEU A 1 102 ? -7.634  -2.654  12.214  1.00 25.47 ? 95  LEU A CB  1 
ATOM   724  C CG  . LEU A 1 102 ? -9.046  -2.340  12.693  1.00 29.72 ? 95  LEU A CG  1 
ATOM   725  C CD1 . LEU A 1 102 ? -10.088 -3.038  11.829  1.00 39.96 ? 95  LEU A CD1 1 
ATOM   726  C CD2 . LEU A 1 102 ? -9.175  -2.762  14.118  1.00 30.28 ? 95  LEU A CD2 1 
ATOM   727  N N   . PRO A 1 103 ? -4.096  -1.717  12.696  1.00 16.54 ? 96  PRO A N   1 
ATOM   728  C CA  . PRO A 1 103 ? -2.781  -2.128  12.185  1.00 14.78 ? 96  PRO A CA  1 
ATOM   729  C C   . PRO A 1 103 ? -2.565  -3.614  12.428  1.00 20.98 ? 96  PRO A C   1 
ATOM   730  O O   . PRO A 1 103 ? -2.831  -4.123  13.519  1.00 24.10 ? 96  PRO A O   1 
ATOM   731  C CB  . PRO A 1 103 ? -1.799  -1.265  12.983  1.00 23.62 ? 96  PRO A CB  1 
ATOM   732  C CG  . PRO A 1 103 ? -2.539  -0.989  14.275  1.00 25.80 ? 96  PRO A CG  1 
ATOM   733  C CD  . PRO A 1 103 ? -3.990  -0.912  13.925  1.00 24.87 ? 96  PRO A CD  1 
ATOM   734  N N   . LEU A 1 104 ? -2.113  -4.309  11.388  1.00 13.15 ? 97  LEU A N   1 
ATOM   735  C CA  . LEU A 1 104 ? -1.882  -5.745  11.411  1.00 16.00 ? 97  LEU A CA  1 
ATOM   736  C C   . LEU A 1 104 ? -0.382  -5.989  11.339  1.00 12.46 ? 97  LEU A C   1 
ATOM   737  O O   . LEU A 1 104 ? 0.275   -5.573  10.375  1.00 11.51 ? 97  LEU A O   1 
ATOM   738  C CB  . LEU A 1 104 ? -2.609  -6.391  10.237  1.00 20.99 ? 97  LEU A CB  1 
ATOM   739  C CG  . LEU A 1 104 ? -3.016  -7.825  10.315  1.00 36.19 ? 97  LEU A CG  1 
ATOM   740  C CD1 . LEU A 1 104 ? -3.903  -8.057  11.536  1.00 39.59 ? 97  LEU A CD1 1 
ATOM   741  C CD2 . LEU A 1 104 ? -3.748  -8.161  9.031   1.00 40.42 ? 97  LEU A CD2 1 
ATOM   742  N N   . ALA A 1 105 ? 0.168   -6.690  12.344  1.00 13.22 ? 98  ALA A N   1 
ATOM   743  C CA  . ALA A 1 105 ? 1.600   -6.959  12.362  1.00 13.41 ? 98  ALA A CA  1 
ATOM   744  C C   . ALA A 1 105 ? 1.913   -8.194  11.530  1.00 11.40 ? 98  ALA A C   1 
ATOM   745  O O   . ALA A 1 105 ? 1.250   -9.227  11.654  1.00 13.95 ? 98  ALA A O   1 
ATOM   746  C CB  . ALA A 1 105 ? 2.108   -7.160  13.796  1.00 19.20 ? 98  ALA A CB  1 
ATOM   747  N N   . VAL A 1 106 ? 2.933   -8.081  10.685  1.00 9.94  ? 99  VAL A N   1 
ATOM   748  C CA  . VAL A 1 106 ? 3.296   -9.125  9.742   1.00 10.79 ? 99  VAL A CA  1 
ATOM   749  C C   . VAL A 1 106 ? 4.811   -9.237  9.723   1.00 12.43 ? 99  VAL A C   1 
ATOM   750  O O   . VAL A 1 106 ? 5.516   -8.230  9.754   1.00 13.54 ? 99  VAL A O   1 
ATOM   751  C CB  . VAL A 1 106 ? 2.735   -8.834  8.330   1.00 11.97 ? 99  VAL A CB  1 
ATOM   752  C CG1 . VAL A 1 106 ? 3.123   -9.918  7.387   1.00 18.71 ? 99  VAL A CG1 1 
ATOM   753  C CG2 . VAL A 1 106 ? 1.205   -8.748  8.385   1.00 16.51 ? 99  VAL A CG2 1 
ATOM   754  N N   . ARG A 1 107 ? 5.310   -10.480 9.702   1.00 8.11  ? 100 ARG A N   1 
ATOM   755  C CA  . ARG A 1 107 ? 6.728   -10.749 9.569   1.00 9.89  ? 100 ARG A CA  1 
ATOM   756  C C   . ARG A 1 107 ? 6.997   -11.032 8.108   1.00 9.14  ? 100 ARG A C   1 
ATOM   757  O O   . ARG A 1 107 ? 6.423   -11.975 7.544   1.00 11.14 ? 100 ARG A O   1 
ATOM   758  C CB  . ARG A 1 107 ? 7.152   -11.957 10.410  1.00 16.40 ? 100 ARG A CB  1 
ATOM   759  C CG  . ARG A 1 107 ? 8.577   -12.434 10.189  1.00 23.43 ? 100 ARG A CG  1 
ATOM   760  C CD  . ARG A 1 107 ? 9.549   -11.686 11.037  1.00 27.34 ? 100 ARG A CD  1 
ATOM   761  N NE  . ARG A 1 107 ? 9.382   -11.978 12.454  1.00 26.15 ? 100 ARG A NE  1 
ATOM   762  C CZ  . ARG A 1 107 ? 10.172  -11.505 13.409  1.00 29.72 ? 100 ARG A CZ  1 
ATOM   763  N NH1 . ARG A 1 107 ? 11.196  -10.722 13.102  1.00 27.42 ? 100 ARG A NH1 1 
ATOM   764  N NH2 . ARG A 1 107 ? 9.930   -11.816 14.675  1.00 39.08 ? 100 ARG A NH2 1 
ATOM   765  N N   . MET A 1 108 ? 7.909   -10.265 7.529   1.00 12.24 ? 101 MET A N   1 
ATOM   766  C CA  . MET A 1 108 ? 8.100   -10.258 6.092   1.00 12.31 ? 101 MET A CA  1 
ATOM   767  C C   . MET A 1 108 ? 9.114   -11.320 5.668   1.00 17.44 ? 101 MET A C   1 
ATOM   768  O O   . MET A 1 108 ? 10.108  -11.592 6.360   1.00 13.22 ? 101 MET A O   1 
ATOM   769  C CB  . MET A 1 108 ? 8.515   -8.851  5.645   1.00 16.47 ? 101 MET A CB  1 
ATOM   770  C CG  . MET A 1 108 ? 7.404   -7.808  5.941   1.00 13.34 ? 101 MET A CG  1 
ATOM   771  S SD  . MET A 1 108 ? 5.797   -8.302  5.311   1.00 15.72 ? 101 MET A SD  1 
ATOM   772  C CE  . MET A 1 108 ? 6.101   -8.370  3.552   1.00 19.09 ? 101 MET A CE  1 
ATOM   773  N N   . GLY A 1 109 ? 8.823   -11.939 4.534   1.00 11.37 ? 102 GLY A N   1 
ATOM   774  C CA  . GLY A 1 109 ? 9.662   -12.959 3.947   1.00 16.19 ? 102 GLY A CA  1 
ATOM   775  C C   . GLY A 1 109 ? 10.346  -12.464 2.697   1.00 17.34 ? 102 GLY A C   1 
ATOM   776  O O   . GLY A 1 109 ? 10.893  -11.359 2.665   1.00 18.67 ? 102 GLY A O   1 
ATOM   777  N N   . ALA A 1 110 ? 10.315  -13.271 1.653   1.00 20.40 ? 103 ALA A N   1 
ATOM   778  C CA  . ALA A 1 110 ? 11.128  -13.006 0.481   1.00 20.59 ? 103 ALA A CA  1 
ATOM   779  C C   . ALA A 1 110 ? 10.311  -12.323 -0.606  1.00 16.09 ? 103 ALA A C   1 
ATOM   780  O O   . ALA A 1 110 ? 9.094   -12.488 -0.697  1.00 15.24 ? 103 ALA A O   1 
ATOM   781  C CB  . ALA A 1 110 ? 11.714  -14.309 -0.058  1.00 23.09 ? 103 ALA A CB  1 
ATOM   782  N N   . ILE A 1 111 ? 11.008  -11.560 -1.429  1.00 19.66 ? 104 ILE A N   1 
ATOM   783  C CA  . ILE A 1 111 ? 10.419  -10.920 -2.599  1.00 20.64 ? 104 ILE A CA  1 
ATOM   784  C C   . ILE A 1 111 ? 10.483  -11.909 -3.756  1.00 29.30 ? 104 ILE A C   1 
ATOM   785  O O   . ILE A 1 111 ? 11.517  -12.554 -3.970  1.00 22.14 ? 104 ILE A O   1 
ATOM   786  C CB  . ILE A 1 111 ? 11.154  -9.615  -2.929  1.00 21.13 ? 104 ILE A CB  1 
ATOM   787  C CG1 . ILE A 1 111 ? 11.001  -8.629  -1.773  1.00 23.32 ? 104 ILE A CG1 1 
ATOM   788  C CG2 . ILE A 1 111 ? 10.608  -9.013  -4.226  1.00 19.27 ? 104 ILE A CG2 1 
ATOM   789  C CD1 . ILE A 1 111 ? 11.808  -7.379  -1.911  1.00 31.70 ? 104 ILE A CD1 1 
ATOM   790  N N   . ALA A 1 112 ? 9.368   -12.067 -4.469  1.00 17.64 ? 105 ALA A N   1 
ATOM   791  C CA  . ALA A 1 112 ? 9.305   -12.990 -5.597  1.00 21.45 ? 105 ALA A CA  1 
ATOM   792  C C   . ALA A 1 112 ? 8.179   -12.585 -6.529  1.00 29.86 ? 105 ALA A C   1 
ATOM   793  O O   . ALA A 1 112 ? 7.286   -11.817 -6.163  1.00 29.51 ? 105 ALA A O   1 
ATOM   794  C CB  . ALA A 1 112 ? 9.095   -14.435 -5.136  1.00 25.51 ? 105 ALA A CB  1 
ATOM   795  N N   . SER A 1 113 ? 8.238   -13.107 -7.752  1.00 22.69 ? 106 SER A N   1 
ATOM   796  C CA  . SER A 1 113 ? 7.117   -12.992 -8.674  1.00 20.62 ? 106 SER A CA  1 
ATOM   797  C C   . SER A 1 113 ? 6.225   -14.210 -8.529  1.00 26.99 ? 106 SER A C   1 
ATOM   798  O O   . SER A 1 113 ? 6.706   -15.329 -8.341  1.00 27.24 ? 106 SER A O   1 
ATOM   799  C CB  . SER A 1 113 ? 7.597   -12.865 -10.121 1.00 33.74 ? 106 SER A CB  1 
ATOM   800  O OG  . SER A 1 113 ? 8.396   -11.708 -10.283 1.00 43.09 ? 106 SER A OG  1 
ATOM   801  N N   . MET A 1 114 ? 4.924   -13.976 -8.594  1.00 22.97 ? 107 MET A N   1 
ATOM   802  C CA  . MET A 1 114 ? 3.918   -14.987 -8.325  1.00 30.48 ? 107 MET A CA  1 
ATOM   803  C C   . MET A 1 114 ? 2.717   -14.681 -9.196  1.00 27.73 ? 107 MET A C   1 
ATOM   804  O O   . MET A 1 114 ? 2.377   -13.515 -9.399  1.00 29.83 ? 107 MET A O   1 
ATOM   805  C CB  . MET A 1 114 ? 3.482   -14.987 -6.849  1.00 29.99 ? 107 MET A CB  1 
ATOM   806  C CG  . MET A 1 114 ? 4.467   -14.299 -5.908  1.00 44.98 ? 107 MET A CG  1 
ATOM   807  S SD  . MET A 1 114 ? 3.855   -14.121 -4.217  1.00 53.69 ? 107 MET A SD  1 
ATOM   808  C CE  . MET A 1 114 ? 5.242   -13.286 -3.455  1.00 36.24 ? 107 MET A CE  1 
ATOM   809  N N   . ARG A 1 115 ? 2.085   -15.722 -9.711  1.00 27.58 ? 108 ARG A N   1 
ATOM   810  C CA  . ARG A 1 115 ? 0.798   -15.598 -10.379 1.00 27.43 ? 108 ARG A CA  1 
ATOM   811  C C   . ARG A 1 115 ? -0.280  -15.919 -9.355  1.00 29.66 ? 108 ARG A C   1 
ATOM   812  O O   . ARG A 1 115 ? -0.335  -17.038 -8.837  1.00 28.24 ? 108 ARG A O   1 
ATOM   813  C CB  . ARG A 1 115 ? 0.695   -16.536 -11.584 1.00 34.53 ? 108 ARG A CB  1 
ATOM   814  N N   . ILE A 1 116 ? -1.122  -14.936 -9.045  1.00 23.63 ? 109 ILE A N   1 
ATOM   815  C CA  . ILE A 1 116 ? -2.206  -15.124 -8.091  1.00 27.14 ? 109 ILE A CA  1 
ATOM   816  C C   . ILE A 1 116 ? -3.511  -14.822 -8.804  1.00 35.34 ? 109 ILE A C   1 
ATOM   817  O O   . ILE A 1 116 ? -3.737  -13.684 -9.244  1.00 21.85 ? 109 ILE A O   1 
ATOM   818  C CB  . ILE A 1 116 ? -2.043  -14.247 -6.840  1.00 23.02 ? 109 ILE A CB  1 
ATOM   819  C CG1 . ILE A 1 116 ? -0.698  -14.538 -6.168  1.00 26.63 ? 109 ILE A CG1 1 
ATOM   820  C CG2 . ILE A 1 116 ? -3.201  -14.506 -5.879  1.00 24.46 ? 109 ILE A CG2 1 
ATOM   821  C CD1 . ILE A 1 116 ? -0.399  -13.676 -4.966  1.00 27.05 ? 109 ILE A CD1 1 
ATOM   822  N N   . GLN A 1 117 ? -4.362  -15.843 -8.916  1.00 30.49 ? 110 GLN A N   1 
ATOM   823  C CA  . GLN A 1 117 ? -5.688  -15.697 -9.512  1.00 38.57 ? 110 GLN A CA  1 
ATOM   824  C C   . GLN A 1 117 ? -5.617  -14.916 -10.822 1.00 29.51 ? 110 GLN A C   1 
ATOM   825  O O   . GLN A 1 117 ? -6.422  -14.019 -11.079 1.00 46.66 ? 110 GLN A O   1 
ATOM   826  C CB  . GLN A 1 117 ? -6.653  -15.043 -8.519  1.00 37.34 ? 110 GLN A CB  1 
ATOM   827  C CG  . GLN A 1 117 ? -6.778  -15.843 -7.229  1.00 31.83 ? 110 GLN A CG  1 
ATOM   828  C CD  . GLN A 1 117 ? -7.930  -15.404 -6.344  1.00 33.73 ? 110 GLN A CD  1 
ATOM   829  O OE1 . GLN A 1 117 ? -8.156  -14.213 -6.116  1.00 33.59 ? 110 GLN A OE1 1 
ATOM   830  N NE2 . GLN A 1 117 ? -8.665  -16.378 -5.834  1.00 37.12 ? 110 GLN A NE2 1 
ATOM   831  N N   . GLY A 1 118 ? -4.625  -15.249 -11.651 1.00 39.11 ? 111 GLY A N   1 
ATOM   832  C CA  . GLY A 1 118 ? -4.500  -14.704 -12.987 1.00 40.58 ? 111 GLY A CA  1 
ATOM   833  C C   . GLY A 1 118 ? -3.526  -13.551 -13.130 1.00 44.04 ? 111 GLY A C   1 
ATOM   834  O O   . GLY A 1 118 ? -3.054  -13.295 -14.247 1.00 37.03 ? 111 GLY A O   1 
ATOM   835  N N   . ARG A 1 119 ? -3.209  -12.856 -12.042 1.00 32.17 ? 112 ARG A N   1 
ATOM   836  C CA  . ARG A 1 119 ? -2.393  -11.652 -12.100 1.00 31.07 ? 112 ARG A CA  1 
ATOM   837  C C   . ARG A 1 119 ? -0.976  -11.949 -11.639 1.00 21.23 ? 112 ARG A C   1 
ATOM   838  O O   . ARG A 1 119 ? -0.778  -12.558 -10.584 1.00 24.35 ? 112 ARG A O   1 
ATOM   839  C CB  . ARG A 1 119 ? -3.004  -10.547 -11.234 1.00 27.81 ? 112 ARG A CB  1 
ATOM   840  C CG  . ARG A 1 119 ? -4.244  -9.932  -11.855 1.00 32.85 ? 112 ARG A CG  1 
ATOM   841  C CD  . ARG A 1 119 ? -3.889  -8.938  -12.955 1.00 42.63 ? 112 ARG A CD  1 
ATOM   842  N NE  . ARG A 1 119 ? -5.084  -8.441  -13.636 1.00 48.12 ? 112 ARG A NE  1 
ATOM   843  C CZ  . ARG A 1 119 ? -5.486  -8.806  -14.853 1.00 48.32 ? 112 ARG A CZ  1 
ATOM   844  N NH1 . ARG A 1 119 ? -4.787  -9.673  -15.573 1.00 43.22 ? 112 ARG A NH1 1 
ATOM   845  N NH2 . ARG A 1 119 ? -6.599  -8.295  -15.360 1.00 36.81 ? 112 ARG A NH2 1 
ATOM   846  N N   . LEU A 1 120 ? 0.000   -11.503 -12.416 1.00 22.42 ? 113 LEU A N   1 
ATOM   847  C CA  . LEU A 1 120 ? 1.384   -11.545 -11.969 1.00 25.27 ? 113 LEU A CA  1 
ATOM   848  C C   . LEU A 1 120 ? 1.573   -10.502 -10.869 1.00 22.35 ? 113 LEU A C   1 
ATOM   849  O O   . LEU A 1 120 ? 1.243   -9.324  -11.053 1.00 19.95 ? 113 LEU A O   1 
ATOM   850  C CB  . LEU A 1 120 ? 2.323   -11.300 -13.149 1.00 28.29 ? 113 LEU A CB  1 
ATOM   851  C CG  . LEU A 1 120 ? 3.805   -11.658 -12.990 1.00 36.17 ? 113 LEU A CG  1 
ATOM   852  C CD1 . LEU A 1 120 ? 4.004   -13.185 -12.894 1.00 36.18 ? 113 LEU A CD1 1 
ATOM   853  C CD2 . LEU A 1 120 ? 4.630   -11.071 -14.147 1.00 43.30 ? 113 LEU A CD2 1 
ATOM   854  N N   . VAL A 1 121 ? 2.020   -10.952 -9.698  1.00 17.18 ? 114 VAL A N   1 
ATOM   855  C CA  . VAL A 1 121 ? 2.316   -10.088 -8.562  1.00 13.69 ? 114 VAL A CA  1 
ATOM   856  C C   . VAL A 1 121 ? 3.823   -10.077 -8.346  1.00 16.27 ? 114 VAL A C   1 
ATOM   857  O O   . VAL A 1 121 ? 4.461   -11.134 -8.307  1.00 19.43 ? 114 VAL A O   1 
ATOM   858  C CB  . VAL A 1 121 ? 1.604   -10.569 -7.291  1.00 13.61 ? 114 VAL A CB  1 
ATOM   859  C CG1 . VAL A 1 121 ? 1.949   -9.674  -6.116  1.00 14.47 ? 114 VAL A CG1 1 
ATOM   860  C CG2 . VAL A 1 121 ? 0.096   -10.667 -7.507  1.00 15.59 ? 114 VAL A CG2 1 
ATOM   861  N N   . HIS A 1 122 ? 4.396   -8.883  -8.248  1.00 14.46 ? 115 HIS A N   1 
ATOM   862  C CA  . HIS A 1 122 ? 5.775   -8.707  -7.822  1.00 14.84 ? 115 HIS A CA  1 
ATOM   863  C C   . HIS A 1 122 ? 5.645   -8.293  -6.368  1.00 17.18 ? 115 HIS A C   1 
ATOM   864  O O   . HIS A 1 122 ? 5.272   -7.159  -6.053  1.00 15.84 ? 115 HIS A O   1 
ATOM   865  C CB  . HIS A 1 122 ? 6.524   -7.662  -8.650  1.00 19.39 ? 115 HIS A CB  1 
ATOM   866  C CG  . HIS A 1 122 ? 7.902   -7.355  -8.138  1.00 23.55 ? 115 HIS A CG  1 
ATOM   867  N ND1 . HIS A 1 122 ? 8.900   -8.303  -8.046  1.00 29.09 ? 115 HIS A ND1 1 
ATOM   868  C CD2 . HIS A 1 122 ? 8.445   -6.197  -7.693  1.00 25.94 ? 115 HIS A CD2 1 
ATOM   869  C CE1 . HIS A 1 122 ? 9.995   -7.742  -7.562  1.00 22.43 ? 115 HIS A CE1 1 
ATOM   870  N NE2 . HIS A 1 122 ? 9.747   -6.463  -7.345  1.00 33.30 ? 115 HIS A NE2 1 
ATOM   871  N N   . GLY A 1 123 ? 5.875   -9.229  -5.477  1.00 19.56 ? 116 GLY A N   1 
ATOM   872  C CA  . GLY A 1 123 ? 5.476   -8.979  -4.115  1.00 17.29 ? 116 GLY A CA  1 
ATOM   873  C C   . GLY A 1 123 ? 6.393   -9.666  -3.144  1.00 24.10 ? 116 GLY A C   1 
ATOM   874  O O   . GLY A 1 123 ? 7.276   -10.443 -3.507  1.00 20.19 ? 116 GLY A O   1 
ATOM   875  N N   . GLN A 1 124 ? 6.142   -9.359  -1.891  1.00 11.27 ? 117 GLN A N   1 
ATOM   876  C CA  . GLN A 1 124 ? 6.870   -9.925  -0.781  1.00 13.87 ? 117 GLN A CA  1 
ATOM   877  C C   . GLN A 1 124 ? 5.858   -10.673 0.062   1.00 14.68 ? 117 GLN A C   1 
ATOM   878  O O   . GLN A 1 124 ? 4.779   -10.148 0.371   1.00 13.45 ? 117 GLN A O   1 
ATOM   879  C CB  . GLN A 1 124 ? 7.573   -8.814  -0.014  1.00 19.83 ? 117 GLN A CB  1 
ATOM   880  C CG  . GLN A 1 124 ? 8.529   -9.283  1.023   1.00 13.23 ? 117 GLN A CG  1 
ATOM   881  C CD  . GLN A 1 124 ? 9.421   -8.175  1.525   1.00 18.30 ? 117 GLN A CD  1 
ATOM   882  O OE1 . GLN A 1 124 ? 9.195   -6.973  1.269   1.00 18.40 ? 117 GLN A OE1 1 
ATOM   883  N NE2 . GLN A 1 124 ? 10.456  -8.564  2.246   1.00 16.99 ? 117 GLN A NE2 1 
ATOM   884  N N   . SER A 1 125 ? 6.172   -11.920 0.375   1.00 10.35 ? 118 SER A N   1 
ATOM   885  C CA  A SER A 1 125 ? 5.295   -12.705 1.217   0.50 12.92 ? 118 SER A CA  1 
ATOM   886  C CA  B SER A 1 125 ? 5.289   -12.696 1.216   0.50 12.91 ? 118 SER A CA  1 
ATOM   887  C C   . SER A 1 125 ? 5.595   -12.401 2.678   1.00 10.94 ? 118 SER A C   1 
ATOM   888  O O   . SER A 1 125 ? 6.676   -11.931 3.032   1.00 14.44 ? 118 SER A O   1 
ATOM   889  C CB  A SER A 1 125 ? 5.473   -14.207 0.957   0.50 20.44 ? 118 SER A CB  1 
ATOM   890  C CB  B SER A 1 125 ? 5.455   -14.191 0.935   0.50 20.45 ? 118 SER A CB  1 
ATOM   891  O OG  A SER A 1 125 ? 5.259   -14.523 -0.407  0.50 17.33 ? 118 SER A OG  1 
ATOM   892  O OG  B SER A 1 125 ? 6.826   -14.514 0.826   0.50 19.32 ? 118 SER A OG  1 
ATOM   893  N N   . GLY A 1 126 ? 4.615   -12.655 3.522   1.00 10.87 ? 119 GLY A N   1 
ATOM   894  C CA  . GLY A 1 126 ? 4.858   -12.522 4.942   1.00 9.00  ? 119 GLY A CA  1 
ATOM   895  C C   . GLY A 1 126 ? 3.866   -13.382 5.684   1.00 11.92 ? 119 GLY A C   1 
ATOM   896  O O   . GLY A 1 126 ? 2.977   -13.998 5.096   1.00 11.95 ? 119 GLY A O   1 
ATOM   897  N N   . MET A 1 127 ? 4.053   -13.457 6.993   1.00 11.19 ? 120 MET A N   1 
ATOM   898  C CA  . MET A 1 127 ? 3.150   -14.206 7.834   1.00 15.39 ? 120 MET A CA  1 
ATOM   899  C C   . MET A 1 127 ? 2.591   -13.307 8.914   1.00 12.37 ? 120 MET A C   1 
ATOM   900  O O   . MET A 1 127 ? 3.342   -12.612 9.595   1.00 13.30 ? 120 MET A O   1 
ATOM   901  C CB  . MET A 1 127 ? 3.870   -15.401 8.457   1.00 16.98 ? 120 MET A CB  1 
ATOM   902  C CG  . MET A 1 127 ? 4.326   -16.399 7.445   1.00 24.15 ? 120 MET A CG  1 
ATOM   903  S SD  . MET A 1 127 ? 4.886   -17.887 8.298   1.00 28.05 ? 120 MET A SD  1 
ATOM   904  C CE  . MET A 1 127 ? 6.451   -17.317 8.936   1.00 16.99 ? 120 MET A CE  1 
ATOM   905  N N   . LEU A 1 128 ? 1.280   -13.363 9.088   1.00 16.69 ? 121 LEU A N   1 
ATOM   906  C CA  . LEU A 1 128 ? 0.635   -12.642 10.169  1.00 15.24 ? 121 LEU A CA  1 
ATOM   907  C C   . LEU A 1 128 ? 1.232   -13.075 11.505  1.00 18.31 ? 121 LEU A C   1 
ATOM   908  O O   . LEU A 1 128 ? 1.488   -14.259 11.736  1.00 21.63 ? 121 LEU A O   1 
ATOM   909  C CB  . LEU A 1 128 ? -0.869  -12.917 10.129  1.00 23.75 ? 121 LEU A CB  1 
ATOM   910  C CG  . LEU A 1 128 ? -1.802  -12.197 11.082  1.00 29.13 ? 121 LEU A CG  1 
ATOM   911  C CD1 . LEU A 1 128 ? -1.914  -10.758 10.667  1.00 33.53 ? 121 LEU A CD1 1 
ATOM   912  C CD2 . LEU A 1 128 ? -3.157  -12.871 11.041  1.00 38.23 ? 121 LEU A CD2 1 
ATOM   913  N N   . LEU A 1 129 ? 1.467   -12.113 12.390  1.00 14.74 ? 122 LEU A N   1 
ATOM   914  C CA  . LEU A 1 129 ? 2.009   -12.414 13.720  1.00 19.75 ? 122 LEU A CA  1 
ATOM   915  C C   . LEU A 1 129 ? 0.860   -12.589 14.710  1.00 25.32 ? 122 LEU A C   1 
ATOM   916  O O   . LEU A 1 129 ? 0.330   -11.610 15.244  1.00 24.38 ? 122 LEU A O   1 
ATOM   917  C CB  . LEU A 1 129 ? 2.961   -11.324 14.192  1.00 21.07 ? 122 LEU A CB  1 
ATOM   918  C CG  . LEU A 1 129 ? 4.288   -11.230 13.460  1.00 21.17 ? 122 LEU A CG  1 
ATOM   919  C CD1 . LEU A 1 129 ? 5.119   -10.106 14.014  1.00 30.52 ? 122 LEU A CD1 1 
ATOM   920  C CD2 . LEU A 1 129 ? 5.061   -12.568 13.564  1.00 29.88 ? 122 LEU A CD2 1 
ATOM   921  N N   . THR A 1 130 ? 0.502   -13.846 14.987  1.00 21.67 ? 123 THR A N   1 
ATOM   922  C CA  . THR A 1 130 ? -0.488  -14.130 16.025  1.00 21.03 ? 123 THR A CA  1 
ATOM   923  C C   . THR A 1 130 ? -0.115  -13.449 17.338  1.00 26.46 ? 123 THR A C   1 
ATOM   924  O O   . THR A 1 130 ? -0.986  -12.938 18.053  1.00 34.50 ? 123 THR A O   1 
ATOM   925  C CB  . THR A 1 130 ? -0.618  -15.642 16.256  1.00 35.81 ? 123 THR A CB  1 
ATOM   926  O OG1 . THR A 1 130 ? -0.859  -16.307 15.017  1.00 38.16 ? 123 THR A OG1 1 
ATOM   927  C CG2 . THR A 1 130 ? -1.772  -15.935 17.187  1.00 36.53 ? 123 THR A CG2 1 
ATOM   928  N N   . GLY A 1 131 ? 1.179   -13.424 17.666  1.00 23.94 ? 124 GLY A N   1 
ATOM   929  C CA  . GLY A 1 131 ? 1.656   -12.885 18.932  1.00 23.33 ? 124 GLY A CA  1 
ATOM   930  C C   . GLY A 1 131 ? 1.666   -11.372 19.038  1.00 21.40 ? 124 GLY A C   1 
ATOM   931  O O   . GLY A 1 131 ? 1.920   -10.841 20.122  1.00 23.01 ? 124 GLY A O   1 
ATOM   932  N N   . ALA A 1 132 ? 1.403   -10.656 17.943  1.00 18.80 ? 125 ALA A N   1 
ATOM   933  C CA  . ALA A 1 132 ? 1.440   -9.201  17.970  1.00 17.20 ? 125 ALA A CA  1 
ATOM   934  C C   . ALA A 1 132 ? 0.114   -8.570  17.580  1.00 18.02 ? 125 ALA A C   1 
ATOM   935  O O   . ALA A 1 132 ? 0.024   -7.333  17.509  1.00 25.22 ? 125 ALA A O   1 
ATOM   936  C CB  . ALA A 1 132 ? 2.549   -8.672  17.049  1.00 28.51 ? 125 ALA A CB  1 
ATOM   937  N N   . ASN A 1 133 ? -0.912  -9.364  17.341  1.00 16.18 ? 126 ASN A N   1 
ATOM   938  C CA  . ASN A 1 133 ? -2.223  -8.845  16.996  1.00 22.37 ? 126 ASN A CA  1 
ATOM   939  C C   . ASN A 1 133 ? -3.228  -9.265  18.058  1.00 31.26 ? 126 ASN A C   1 
ATOM   940  O O   . ASN A 1 133 ? -3.035  -10.253 18.779  1.00 26.36 ? 126 ASN A O   1 
ATOM   941  C CB  . ASN A 1 133 ? -2.637  -9.338  15.613  1.00 29.23 ? 126 ASN A CB  1 
ATOM   942  C CG  . ASN A 1 133 ? -1.732  -8.775  14.515  1.00 20.74 ? 126 ASN A CG  1 
ATOM   943  O OD1 . ASN A 1 133 ? -1.579  -7.559  14.395  1.00 19.84 ? 126 ASN A OD1 1 
ATOM   944  N ND2 . ASN A 1 133 ? -1.114  -9.647  13.747  1.00 17.39 ? 126 ASN A ND2 1 
ATOM   945  N N   . ALA A 1 134 ? -4.298  -8.483  18.169  1.00 28.12 ? 127 ALA A N   1 
ATOM   946  C CA  . ALA A 1 134 ? -5.355  -8.810  19.115  1.00 34.09 ? 127 ALA A CA  1 
ATOM   947  C C   . ALA A 1 134 ? -5.907  -10.199 18.820  1.00 35.38 ? 127 ALA A C   1 
ATOM   948  O O   . ALA A 1 134 ? -6.075  -10.586 17.660  1.00 31.84 ? 127 ALA A O   1 
ATOM   949  C CB  . ALA A 1 134 ? -6.471  -7.775  19.047  1.00 35.36 ? 127 ALA A CB  1 
ATOM   950  N N   . LYS A 1 135 ? -6.189  -10.945 19.888  1.00 42.02 ? 128 LYS A N   1 
ATOM   951  C CA  . LYS A 1 135 ? -6.563  -12.358 19.786  1.00 44.14 ? 128 LYS A CA  1 
ATOM   952  C C   . LYS A 1 135 ? -7.681  -12.592 18.768  1.00 42.39 ? 128 LYS A C   1 
ATOM   953  O O   . LYS A 1 135 ? -8.422  -11.675 18.416  1.00 47.68 ? 128 LYS A O   1 
ATOM   954  C CB  . LYS A 1 135 ? -6.983  -12.889 21.165  1.00 37.72 ? 128 LYS A CB  1 
ATOM   955  N N   . GLY A 1 144 ? -11.917 -6.031  0.528   1.00 27.50 ? 137 GLY A N   1 
ATOM   956  C CA  . GLY A 1 144 ? -11.970 -4.592  0.731   1.00 31.25 ? 137 GLY A CA  1 
ATOM   957  C C   . GLY A 1 144 ? -10.697 -4.035  1.342   1.00 33.81 ? 137 GLY A C   1 
ATOM   958  O O   . GLY A 1 144 ? -10.524 -2.808  1.426   1.00 28.58 ? 137 GLY A O   1 
ATOM   959  N N   . ASP A 1 145 ? -9.779  -4.917  1.754   1.00 21.74 ? 138 ASP A N   1 
ATOM   960  C CA  . ASP A 1 145 ? -8.563  -4.461  2.421   1.00 20.84 ? 138 ASP A CA  1 
ATOM   961  C C   . ASP A 1 145 ? -7.366  -4.302  1.483   1.00 17.32 ? 138 ASP A C   1 
ATOM   962  O O   . ASP A 1 145 ? -6.326  -3.817  1.929   1.00 15.40 ? 138 ASP A O   1 
ATOM   963  C CB  . ASP A 1 145 ? -8.156  -5.416  3.553   1.00 26.45 ? 138 ASP A CB  1 
ATOM   964  C CG  . ASP A 1 145 ? -9.166  -5.458  4.721   1.00 25.34 ? 138 ASP A CG  1 
ATOM   965  O OD1 . ASP A 1 145 ? -10.067 -4.608  4.809   1.00 25.17 ? 138 ASP A OD1 1 
ATOM   966  O OD2 . ASP A 1 145 ? -9.024  -6.362  5.578   1.00 36.89 ? 138 ASP A OD2 1 
ATOM   967  N N   . CYS A 1 146 ? -7.453  -4.715  0.219   1.00 11.90 ? 139 CYS A N   1 
ATOM   968  C CA  . CYS A 1 146 ? -6.309  -4.536  -0.667  1.00 10.80 ? 139 CYS A CA  1 
ATOM   969  C C   . CYS A 1 146 ? -5.990  -3.061  -0.876  1.00 11.60 ? 139 CYS A C   1 
ATOM   970  O O   . CYS A 1 146 ? -6.868  -2.197  -0.870  1.00 12.09 ? 139 CYS A O   1 
ATOM   971  C CB  . CYS A 1 146 ? -6.537  -5.210  -2.007  1.00 11.38 ? 139 CYS A CB  1 
ATOM   972  S SG  . CYS A 1 146 ? -6.048  -6.971  -1.946  1.00 14.59 ? 139 CYS A SG  1 
ATOM   973  N N   . GLY A 1 147 ? -4.712  -2.789  -1.097  1.00 9.50  ? 140 GLY A N   1 
ATOM   974  C CA  . GLY A 1 147 ? -4.217  -1.439  -1.196  1.00 14.09 ? 140 GLY A CA  1 
ATOM   975  C C   . GLY A 1 147 ? -3.690  -0.867  0.097   1.00 12.44 ? 140 GLY A C   1 
ATOM   976  O O   . GLY A 1 147 ? -2.991  0.143   0.062   1.00 12.54 ? 140 GLY A O   1 
ATOM   977  N N   . ALA A 1 148 ? -4.012  -1.471  1.237   1.00 11.40 ? 141 ALA A N   1 
ATOM   978  C CA  . ALA A 1 148 ? -3.525  -0.929  2.493   1.00 9.59  ? 141 ALA A CA  1 
ATOM   979  C C   . ALA A 1 148 ? -2.000  -0.986  2.522   1.00 8.30  ? 141 ALA A C   1 
ATOM   980  O O   . ALA A 1 148 ? -1.412  -1.981  2.084   1.00 9.51  ? 141 ALA A O   1 
ATOM   981  C CB  . ALA A 1 148 ? -4.078  -1.687  3.688   1.00 12.12 ? 141 ALA A CB  1 
ATOM   982  N N   . PRO A 1 149 ? -1.338  0.027   3.061   1.00 7.64  ? 142 PRO A N   1 
ATOM   983  C CA  . PRO A 1 149 ? 0.120   0.064   3.007   1.00 6.91  ? 142 PRO A CA  1 
ATOM   984  C C   . PRO A 1 149 ? 0.776   -0.790  4.081   1.00 9.12  ? 142 PRO A C   1 
ATOM   985  O O   . PRO A 1 149 ? 0.262   -0.939  5.193   1.00 8.02  ? 142 PRO A O   1 
ATOM   986  C CB  . PRO A 1 149 ? 0.428   1.543   3.260   1.00 10.69 ? 142 PRO A CB  1 
ATOM   987  C CG  . PRO A 1 149 ? -0.643  1.932   4.197   1.00 12.96 ? 142 PRO A CG  1 
ATOM   988  C CD  . PRO A 1 149 ? -1.872  1.290   3.624   1.00 7.53  ? 142 PRO A CD  1 
ATOM   989  N N   . TYR A 1 150 ? 1.954   -1.286  3.738   1.00 9.28  ? 143 TYR A N   1 
ATOM   990  C CA  . TYR A 1 150 ? 2.835   -2.002  4.661   1.00 7.39  ? 143 TYR A CA  1 
ATOM   991  C C   . TYR A 1 150 ? 3.895   -1.003  5.067   1.00 7.13  ? 143 TYR A C   1 
ATOM   992  O O   . TYR A 1 150 ? 4.624   -0.491  4.214   1.00 9.35  ? 143 TYR A O   1 
ATOM   993  C CB  . TYR A 1 150 ? 3.483   -3.213  4.000   1.00 7.47  ? 143 TYR A CB  1 
ATOM   994  C CG  . TYR A 1 150 ? 2.598   -4.441  3.848   1.00 8.96  ? 143 TYR A CG  1 
ATOM   995  C CD1 . TYR A 1 150 ? 1.354   -4.375  3.258   1.00 8.82  ? 143 TYR A CD1 1 
ATOM   996  C CD2 . TYR A 1 150 ? 3.050   -5.690  4.252   1.00 10.99 ? 143 TYR A CD2 1 
ATOM   997  C CE1 . TYR A 1 150 ? 0.562   -5.496  3.118   1.00 8.28  ? 143 TYR A CE1 1 
ATOM   998  C CE2 . TYR A 1 150 ? 2.274   -6.808  4.108   1.00 11.46 ? 143 TYR A CE2 1 
ATOM   999  C CZ  . TYR A 1 150 ? 1.034   -6.719  3.551   1.00 9.28  ? 143 TYR A CZ  1 
ATOM   1000 O OH  . TYR A 1 150 ? 0.264   -7.853  3.385   1.00 12.04 ? 143 TYR A OH  1 
ATOM   1001 N N   . VAL A 1 151 ? 3.988   -0.720  6.358   1.00 8.30  ? 144 VAL A N   1 
ATOM   1002 C CA  . VAL A 1 151 ? 4.962   0.256   6.818   1.00 10.86 ? 144 VAL A CA  1 
ATOM   1003 C C   . VAL A 1 151 ? 5.800   -0.335  7.940   1.00 9.81  ? 144 VAL A C   1 
ATOM   1004 O O   . VAL A 1 151 ? 5.423   -1.305  8.591   1.00 11.66 ? 144 VAL A O   1 
ATOM   1005 C CB  . VAL A 1 151 ? 4.289   1.560   7.292   1.00 10.27 ? 144 VAL A CB  1 
ATOM   1006 C CG1 . VAL A 1 151 ? 3.495   2.189   6.152   1.00 12.62 ? 144 VAL A CG1 1 
ATOM   1007 C CG2 . VAL A 1 151 ? 3.366   1.320   8.515   1.00 9.64  ? 144 VAL A CG2 1 
ATOM   1008 N N   . HIS A 1 152 ? 6.966   0.270   8.138   1.00 12.07 ? 145 HIS A N   1 
ATOM   1009 C CA  . HIS A 1 152 ? 7.781   -0.086  9.284   1.00 17.72 ? 145 HIS A CA  1 
ATOM   1010 C C   . HIS A 1 152 ? 8.586   1.136   9.705   1.00 19.47 ? 145 HIS A C   1 
ATOM   1011 O O   . HIS A 1 152 ? 8.726   2.120   8.966   1.00 15.78 ? 145 HIS A O   1 
ATOM   1012 C CB  . HIS A 1 152 ? 8.663   -1.300  8.995   1.00 17.41 ? 145 HIS A CB  1 
ATOM   1013 C CG  . HIS A 1 152 ? 9.674   -1.089  7.913   1.00 14.81 ? 145 HIS A CG  1 
ATOM   1014 N ND1 . HIS A 1 152 ? 10.988  -0.793  8.181   1.00 19.28 ? 145 HIS A ND1 1 
ATOM   1015 C CD2 . HIS A 1 152 ? 9.568   -1.148  6.565   1.00 20.04 ? 145 HIS A CD2 1 
ATOM   1016 C CE1 . HIS A 1 152 ? 11.653  -0.680  7.045   1.00 22.24 ? 145 HIS A CE1 1 
ATOM   1017 N NE2 . HIS A 1 152 ? 10.813  -0.880  6.046   1.00 21.52 ? 145 HIS A NE2 1 
ATOM   1018 N N   . LYS A 1 153 ? 9.088   1.074   10.929  1.00 24.16 ? 146 LYS A N   1 
ATOM   1019 C CA  . LYS A 1 153 ? 9.635   2.254   11.579  1.00 25.63 ? 146 LYS A CA  1 
ATOM   1020 C C   . LYS A 1 153 ? 11.149  2.214   11.509  1.00 25.87 ? 146 LYS A C   1 
ATOM   1021 O O   . LYS A 1 153 ? 11.768  1.182   11.791  1.00 31.76 ? 146 LYS A O   1 
ATOM   1022 C CB  . LYS A 1 153 ? 9.171   2.348   13.033  1.00 31.47 ? 146 LYS A CB  1 
ATOM   1023 C CG  . LYS A 1 153 ? 8.972   3.764   13.496  1.00 38.66 ? 146 LYS A CG  1 
ATOM   1024 C CD  . LYS A 1 153 ? 8.565   3.833   14.958  1.00 46.94 ? 146 LYS A CD  1 
ATOM   1025 C CE  . LYS A 1 153 ? 8.131   5.256   15.311  1.00 47.03 ? 146 LYS A CE  1 
ATOM   1026 N NZ  . LYS A 1 153 ? 7.657   5.399   16.718  1.00 54.04 ? 146 LYS A NZ  1 
ATOM   1027 N N   . ARG A 1 154 ? 11.742  3.338   11.133  1.00 29.14 ? 147 ARG A N   1 
ATOM   1028 C CA  . ARG A 1 154 ? 13.193  3.466   11.051  1.00 35.63 ? 147 ARG A CA  1 
ATOM   1029 C C   . ARG A 1 154 ? 13.572  4.746   11.789  1.00 32.44 ? 147 ARG A C   1 
ATOM   1030 O O   . ARG A 1 154 ? 13.443  5.847   11.248  1.00 43.64 ? 147 ARG A O   1 
ATOM   1031 C CB  . ARG A 1 154 ? 13.640  3.480   9.602   1.00 36.72 ? 147 ARG A CB  1 
ATOM   1032 C CG  . ARG A 1 154 ? 15.099  3.720   9.411   1.00 43.04 ? 147 ARG A CG  1 
ATOM   1033 C CD  . ARG A 1 154 ? 15.396  3.710   7.941   1.00 43.73 ? 147 ARG A CD  1 
ATOM   1034 N NE  . ARG A 1 154 ? 15.130  2.397   7.360   1.00 41.59 ? 147 ARG A NE  1 
ATOM   1035 C CZ  . ARG A 1 154 ? 14.818  2.194   6.085   1.00 37.59 ? 147 ARG A CZ  1 
ATOM   1036 N NH1 . ARG A 1 154 ? 14.713  3.221   5.253   1.00 27.07 ? 147 ARG A NH1 1 
ATOM   1037 N NH2 . ARG A 1 154 ? 14.603  0.963   5.643   1.00 28.35 ? 147 ARG A NH2 1 
ATOM   1038 N N   . GLY A 1 155 ? 14.038  4.598   13.022  1.00 40.91 ? 148 GLY A N   1 
ATOM   1039 C CA  . GLY A 1 155 ? 14.151  5.742   13.907  1.00 35.23 ? 148 GLY A CA  1 
ATOM   1040 C C   . GLY A 1 155 ? 12.781  6.118   14.419  1.00 32.86 ? 148 GLY A C   1 
ATOM   1041 O O   . GLY A 1 155 ? 12.034  5.270   14.891  1.00 42.67 ? 148 GLY A O   1 
ATOM   1042 N N   . ASN A 1 156 ? 12.450  7.402   14.337  1.00 39.10 ? 149 ASN A N   1 
ATOM   1043 C CA  . ASN A 1 156 ? 11.085  7.864   14.519  1.00 42.20 ? 149 ASN A CA  1 
ATOM   1044 C C   . ASN A 1 156 ? 10.378  8.072   13.185  1.00 46.41 ? 149 ASN A C   1 
ATOM   1045 O O   . ASN A 1 156 ? 9.295   8.667   13.143  1.00 42.97 ? 149 ASN A O   1 
ATOM   1046 C CB  . ASN A 1 156 ? 11.075  9.158   15.334  1.00 42.75 ? 149 ASN A CB  1 
ATOM   1047 C CG  . ASN A 1 156 ? 10.874  8.913   16.815  1.00 44.53 ? 149 ASN A CG  1 
ATOM   1048 O OD1 . ASN A 1 156 ? 10.719  7.769   17.254  1.00 50.36 ? 149 ASN A OD1 1 
ATOM   1049 N ND2 . ASN A 1 156 ? 10.888  9.991   17.601  1.00 42.65 ? 149 ASN A ND2 1 
ATOM   1050 N N   . ASP A 1 157 ? 10.972  7.590   12.098  1.00 43.76 ? 150 ASP A N   1 
ATOM   1051 C CA  . ASP A 1 157 ? 10.459  7.806   10.757  1.00 35.92 ? 150 ASP A CA  1 
ATOM   1052 C C   . ASP A 1 157 ? 9.793   6.538   10.255  1.00 28.72 ? 150 ASP A C   1 
ATOM   1053 O O   . ASP A 1 157 ? 10.288  5.432   10.479  1.00 27.72 ? 150 ASP A O   1 
ATOM   1054 C CB  . ASP A 1 157 ? 11.581  8.207   9.805   1.00 38.69 ? 150 ASP A CB  1 
ATOM   1055 C CG  . ASP A 1 157 ? 12.250  9.495   10.223  1.00 50.83 ? 150 ASP A CG  1 
ATOM   1056 O OD1 . ASP A 1 157 ? 11.512  10.449  10.549  1.00 43.69 ? 150 ASP A OD1 1 
ATOM   1057 O OD2 . ASP A 1 157 ? 13.499  9.545   10.250  1.00 54.83 ? 150 ASP A OD2 1 
ATOM   1058 N N   . TRP A 1 158 ? 8.690   6.713   9.548   1.00 22.02 ? 151 TRP A N   1 
ATOM   1059 C CA  . TRP A 1 158 ? 7.977   5.593   8.965   1.00 23.32 ? 151 TRP A CA  1 
ATOM   1060 C C   . TRP A 1 158 ? 8.354   5.454   7.505   1.00 15.40 ? 151 TRP A C   1 
ATOM   1061 O O   . TRP A 1 158 ? 8.513   6.447   6.798   1.00 18.87 ? 151 TRP A O   1 
ATOM   1062 C CB  . TRP A 1 158 ? 6.477   5.788   9.125   1.00 26.22 ? 151 TRP A CB  1 
ATOM   1063 C CG  . TRP A 1 158 ? 6.101   5.654   10.536  1.00 32.69 ? 151 TRP A CG  1 
ATOM   1064 C CD1 . TRP A 1 158 ? 6.029   6.642   11.462  1.00 26.34 ? 151 TRP A CD1 1 
ATOM   1065 C CD2 . TRP A 1 158 ? 5.784   4.439   11.210  1.00 29.23 ? 151 TRP A CD2 1 
ATOM   1066 N NE1 . TRP A 1 158 ? 5.664   6.120   12.675  1.00 33.63 ? 151 TRP A NE1 1 
ATOM   1067 C CE2 . TRP A 1 158 ? 5.511   4.768   12.547  1.00 34.48 ? 151 TRP A CE2 1 
ATOM   1068 C CE3 . TRP A 1 158 ? 5.696   3.098   10.810  1.00 26.15 ? 151 TRP A CE3 1 
ATOM   1069 C CZ2 . TRP A 1 158 ? 5.149   3.814   13.483  1.00 32.49 ? 151 TRP A CZ2 1 
ATOM   1070 C CZ3 . TRP A 1 158 ? 5.341   2.156   11.738  1.00 32.52 ? 151 TRP A CZ3 1 
ATOM   1071 C CH2 . TRP A 1 158 ? 5.070   2.515   13.063  1.00 37.76 ? 151 TRP A CH2 1 
ATOM   1072 N N   . VAL A 1 159 ? 8.482   4.217   7.061   1.00 15.61 ? 152 VAL A N   1 
ATOM   1073 C CA  . VAL A 1 159 ? 8.844   3.875   5.698   1.00 13.52 ? 152 VAL A CA  1 
ATOM   1074 C C   . VAL A 1 159 ? 7.722   3.007   5.147   1.00 15.28 ? 152 VAL A C   1 
ATOM   1075 O O   . VAL A 1 159 ? 7.208   2.148   5.860   1.00 15.40 ? 152 VAL A O   1 
ATOM   1076 C CB  . VAL A 1 159 ? 10.194  3.120   5.693   1.00 25.36 ? 152 VAL A CB  1 
ATOM   1077 C CG1 . VAL A 1 159 ? 10.466  2.463   4.357   1.00 22.13 ? 152 VAL A CG1 1 
ATOM   1078 C CG2 . VAL A 1 159 ? 11.352  4.080   6.110   1.00 24.61 ? 152 VAL A CG2 1 
ATOM   1079 N N   . VAL A 1 160 ? 7.319   3.236   3.902   1.00 11.32 ? 153 VAL A N   1 
ATOM   1080 C CA  . VAL A 1 160 ? 6.318   2.396   3.261   1.00 7.16  ? 153 VAL A CA  1 
ATOM   1081 C C   . VAL A 1 160 ? 7.020   1.518   2.240   1.00 10.98 ? 153 VAL A C   1 
ATOM   1082 O O   . VAL A 1 160 ? 7.902   1.978   1.505   1.00 11.85 ? 153 VAL A O   1 
ATOM   1083 C CB  . VAL A 1 160 ? 5.181   3.231   2.630   1.00 13.64 ? 153 VAL A CB  1 
ATOM   1084 C CG1 . VAL A 1 160 ? 5.719   4.287   1.657   1.00 12.03 ? 153 VAL A CG1 1 
ATOM   1085 C CG2 . VAL A 1 160 ? 4.145   2.322   1.974   1.00 11.94 ? 153 VAL A CG2 1 
ATOM   1086 N N   . CYS A 1 161 ? 6.659   0.244   2.215   1.00 9.63  ? 154 CYS A N   1 
ATOM   1087 C CA  . CYS A 1 161 ? 7.389   -0.686  1.375   1.00 15.20 ? 154 CYS A CA  1 
ATOM   1088 C C   . CYS A 1 161 ? 6.505   -1.585  0.537   1.00 12.89 ? 154 CYS A C   1 
ATOM   1089 O O   . CYS A 1 161 ? 7.044   -2.407  -0.207  1.00 14.35 ? 154 CYS A O   1 
ATOM   1090 C CB  . CYS A 1 161 ? 8.337   -1.547  2.216   1.00 17.47 ? 154 CYS A CB  1 
ATOM   1091 S SG  . CYS A 1 161 ? 7.539   -2.488  3.490   1.00 18.74 ? 154 CYS A SG  1 
ATOM   1092 N N   . GLY A 1 162 ? 5.189   -1.450  0.605   1.00 12.92 ? 155 GLY A N   1 
ATOM   1093 C CA  . GLY A 1 162 ? 4.325   -2.224  -0.267  1.00 10.50 ? 155 GLY A CA  1 
ATOM   1094 C C   . GLY A 1 162 ? 2.871   -1.948  0.026   1.00 9.34  ? 155 GLY A C   1 
ATOM   1095 O O   . GLY A 1 162 ? 2.527   -1.167  0.923   1.00 10.19 ? 155 GLY A O   1 
ATOM   1096 N N   . VAL A 1 163 ? 2.018   -2.615  -0.758  1.00 10.25 ? 156 VAL A N   1 
ATOM   1097 C CA  . VAL A 1 163 ? 0.574   -2.485  -0.667  1.00 6.57  ? 156 VAL A CA  1 
ATOM   1098 C C   . VAL A 1 163 ? -0.057  -3.864  -0.639  1.00 6.47  ? 156 VAL A C   1 
ATOM   1099 O O   . VAL A 1 163 ? 0.362   -4.771  -1.369  1.00 9.78  ? 156 VAL A O   1 
ATOM   1100 C CB  . VAL A 1 163 ? -0.004  -1.642  -1.830  1.00 6.10  ? 156 VAL A CB  1 
ATOM   1101 C CG1 . VAL A 1 163 ? 0.378   -0.189  -1.644  1.00 9.96  ? 156 VAL A CG1 1 
ATOM   1102 C CG2 . VAL A 1 163 ? 0.472   -2.136  -3.145  1.00 10.75 ? 156 VAL A CG2 1 
ATOM   1103 N N   . HIS A 1 164 ? -1.074  -4.020  0.205   1.00 5.36  ? 157 HIS A N   1 
ATOM   1104 C CA  . HIS A 1 164 ? -1.694  -5.317  0.393   1.00 8.09  ? 157 HIS A CA  1 
ATOM   1105 C C   . HIS A 1 164 ? -2.331  -5.832  -0.899  1.00 10.46 ? 157 HIS A C   1 
ATOM   1106 O O   . HIS A 1 164 ? -3.165  -5.155  -1.516  1.00 9.88  ? 157 HIS A O   1 
ATOM   1107 C CB  . HIS A 1 164 ? -2.738  -5.228  1.506   1.00 9.23  ? 157 HIS A CB  1 
ATOM   1108 C CG  . HIS A 1 164 ? -3.260  -6.553  1.945   1.00 7.84  ? 157 HIS A CG  1 
ATOM   1109 N ND1 . HIS A 1 164 ? -2.434  -7.521  2.478   1.00 11.06 ? 157 HIS A ND1 1 
ATOM   1110 C CD2 . HIS A 1 164 ? -4.511  -7.075  1.952   1.00 9.97  ? 157 HIS A CD2 1 
ATOM   1111 C CE1 . HIS A 1 164 ? -3.149  -8.589  2.776   1.00 13.76 ? 157 HIS A CE1 1 
ATOM   1112 N NE2 . HIS A 1 164 ? -4.410  -8.350  2.465   1.00 14.53 ? 157 HIS A NE2 1 
ATOM   1113 N N   . ALA A 1 165 ? -1.987  -7.071  -1.269  1.00 8.23  ? 158 ALA A N   1 
ATOM   1114 C CA  . ALA A 1 165 ? -2.436  -7.623  -2.534  1.00 8.38  ? 158 ALA A CA  1 
ATOM   1115 C C   . ALA A 1 165 ? -3.148  -8.962  -2.401  1.00 12.64 ? 158 ALA A C   1 
ATOM   1116 O O   . ALA A 1 165 ? -4.034  -9.264  -3.202  1.00 13.20 ? 158 ALA A O   1 
ATOM   1117 C CB  . ALA A 1 165 ? -1.250  -7.754  -3.482  1.00 10.84 ? 158 ALA A CB  1 
ATOM   1118 N N   . ALA A 1 166 ? -2.760  -9.777  -1.427  1.00 14.17 ? 159 ALA A N   1 
ATOM   1119 C CA  . ALA A 1 166 ? -3.295  -11.135 -1.354  1.00 14.65 ? 159 ALA A CA  1 
ATOM   1120 C C   . ALA A 1 166 ? -3.160  -11.654 0.067   1.00 17.65 ? 159 ALA A C   1 
ATOM   1121 O O   . ALA A 1 166 ? -2.290  -11.213 0.814   1.00 9.92  ? 159 ALA A O   1 
ATOM   1122 C CB  . ALA A 1 166 ? -2.551  -12.042 -2.333  1.00 11.60 ? 159 ALA A CB  1 
ATOM   1123 N N   . ALA A 1 167 ? -4.038  -12.587 0.441   1.00 15.65 ? 160 ALA A N   1 
ATOM   1124 C CA  . ALA A 1 167 ? -3.902  -13.257 1.730   1.00 16.70 ? 160 ALA A CA  1 
ATOM   1125 C C   . ALA A 1 167 ? -4.664  -14.566 1.702   1.00 15.37 ? 160 ALA A C   1 
ATOM   1126 O O   . ALA A 1 167 ? -5.669  -14.686 1.009   1.00 14.81 ? 160 ALA A O   1 
ATOM   1127 C CB  . ALA A 1 167 ? -4.450  -12.425 2.866   1.00 12.89 ? 160 ALA A CB  1 
ATOM   1128 N N   . THR A 1 168 ? -4.192  -15.527 2.491   1.00 16.24 ? 161 THR A N   1 
ATOM   1129 C CA  . THR A 1 168 ? -4.886  -16.794 2.654   1.00 24.53 ? 161 THR A CA  1 
ATOM   1130 C C   . THR A 1 168 ? -4.654  -17.376 4.046   1.00 32.71 ? 161 THR A C   1 
ATOM   1131 O O   . THR A 1 168 ? -3.542  -17.295 4.558   1.00 21.11 ? 161 THR A O   1 
ATOM   1132 C CB  . THR A 1 168 ? -4.409  -17.806 1.647   1.00 34.07 ? 161 THR A CB  1 
ATOM   1133 O OG1 . THR A 1 168 ? -5.173  -19.011 1.792   1.00 50.37 ? 161 THR A OG1 1 
ATOM   1134 C CG2 . THR A 1 168 ? -2.919  -18.081 1.864   1.00 27.71 ? 161 THR A CG2 1 
ATOM   1135 N N   . GLY A 1 171 ? -1.870  -20.471 5.429   1.00 41.73 ? 164 GLY A N   1 
ATOM   1136 C CA  . GLY A 1 171 ? -1.030  -20.462 6.620   1.00 32.10 ? 164 GLY A CA  1 
ATOM   1137 C C   . GLY A 1 171 ? -0.806  -19.063 7.186   1.00 42.66 ? 164 GLY A C   1 
ATOM   1138 O O   . GLY A 1 171 ? 0.344   -18.649 7.397   1.00 41.21 ? 164 GLY A O   1 
ATOM   1139 N N   . ASN A 1 172 ? -1.911  -18.367 7.455   1.00 29.71 ? 165 ASN A N   1 
ATOM   1140 C CA  . ASN A 1 172 ? -1.926  -16.938 7.794   1.00 29.01 ? 165 ASN A CA  1 
ATOM   1141 C C   . ASN A 1 172 ? -0.834  -16.211 7.016   1.00 25.86 ? 165 ASN A C   1 
ATOM   1142 O O   . ASN A 1 172 ? 0.080   -15.610 7.574   1.00 25.53 ? 165 ASN A O   1 
ATOM   1143 C CB  . ASN A 1 172 ? -1.777  -16.714 9.296   1.00 37.04 ? 165 ASN A CB  1 
ATOM   1144 N N   . THR A 1 173 ? -0.934  -16.336 5.695   1.00 15.99 ? 166 THR A N   1 
ATOM   1145 C CA  . THR A 1 173 ? 0.032   -15.789 4.754   1.00 12.28 ? 166 THR A CA  1 
ATOM   1146 C C   . THR A 1 173 ? -0.549  -14.574 4.049   1.00 15.59 ? 166 THR A C   1 
ATOM   1147 O O   . THR A 1 173 ? -1.718  -14.586 3.653   1.00 14.18 ? 166 THR A O   1 
ATOM   1148 C CB  . THR A 1 173 ? 0.418   -16.826 3.705   1.00 20.54 ? 166 THR A CB  1 
ATOM   1149 O OG1 . THR A 1 173 ? 0.992   -17.967 4.352   1.00 26.78 ? 166 THR A OG1 1 
ATOM   1150 C CG2 . THR A 1 173 ? 1.434   -16.250 2.753   1.00 19.26 ? 166 THR A CG2 1 
ATOM   1151 N N   . VAL A 1 174 ? 0.293   -13.555 3.858   1.00 9.67  ? 167 VAL A N   1 
ATOM   1152 C CA  . VAL A 1 174 ? -0.081  -12.328 3.149   1.00 9.26  ? 167 VAL A CA  1 
ATOM   1153 C C   . VAL A 1 174 ? 0.973   -12.042 2.086   1.00 13.53 ? 167 VAL A C   1 
ATOM   1154 O O   . VAL A 1 174 ? 2.116   -12.497 2.162   1.00 12.32 ? 167 VAL A O   1 
ATOM   1155 C CB  . VAL A 1 174 ? -0.227  -11.124 4.099   1.00 13.64 ? 167 VAL A CB  1 
ATOM   1156 C CG1 . VAL A 1 174 ? -1.288  -11.419 5.167   1.00 13.81 ? 167 VAL A CG1 1 
ATOM   1157 C CG2 . VAL A 1 174 ? 1.081   -10.786 4.765   1.00 17.04 ? 167 VAL A CG2 1 
ATOM   1158 N N   . VAL A 1 175 ? 0.573   -11.283 1.070   1.00 12.34 ? 168 VAL A N   1 
ATOM   1159 C CA  . VAL A 1 175 ? 1.513   -10.799 0.076   1.00 7.47  ? 168 VAL A CA  1 
ATOM   1160 C C   . VAL A 1 175 ? 1.263   -9.308  -0.099  1.00 7.88  ? 168 VAL A C   1 
ATOM   1161 O O   . VAL A 1 175 ? 0.111   -8.879  -0.252  1.00 12.15 ? 168 VAL A O   1 
ATOM   1162 C CB  . VAL A 1 175 ? 1.375   -11.528 -1.269  1.00 14.21 ? 168 VAL A CB  1 
ATOM   1163 C CG1 . VAL A 1 175 ? 2.258   -10.880 -2.291  1.00 15.68 ? 168 VAL A CG1 1 
ATOM   1164 C CG2 . VAL A 1 175 ? 1.796   -12.996 -1.117  1.00 16.92 ? 168 VAL A CG2 1 
ATOM   1165 N N   . CYS A 1 176 ? 2.329   -8.518  -0.091  1.00 7.64  ? 169 CYS A N   1 
ATOM   1166 C CA  . CYS A 1 176 ? 2.196   -7.134  -0.518  1.00 12.70 ? 169 CYS A CA  1 
ATOM   1167 C C   . CYS A 1 176 ? 2.913   -6.930  -1.843  1.00 11.40 ? 169 CYS A C   1 
ATOM   1168 O O   . CYS A 1 176 ? 4.002   -7.470  -2.071  1.00 11.11 ? 169 CYS A O   1 
ATOM   1169 C CB  . CYS A 1 176 ? 2.742   -6.163  0.511   1.00 15.30 ? 169 CYS A CB  1 
ATOM   1170 S SG  . CYS A 1 176 ? 4.493   -6.264  0.778   1.00 17.21 ? 169 CYS A SG  1 
ATOM   1171 N N   . ALA A 1 177 ? 2.290   -6.178  -2.733  1.00 9.76  ? 170 ALA A N   1 
ATOM   1172 C CA  . ALA A 1 177 ? 2.975   -5.862  -3.958  1.00 8.85  ? 170 ALA A CA  1 
ATOM   1173 C C   . ALA A 1 177 ? 4.008   -4.789  -3.653  1.00 11.35 ? 170 ALA A C   1 
ATOM   1174 O O   . ALA A 1 177 ? 3.777   -3.901  -2.829  1.00 11.00 ? 170 ALA A O   1 
ATOM   1175 C CB  . ALA A 1 177 ? 1.988   -5.371  -5.012  1.00 12.94 ? 170 ALA A CB  1 
ATOM   1176 N N   . VAL A 1 178 ? 5.121   -4.823  -4.378  1.00 10.36 ? 171 VAL A N   1 
ATOM   1177 C CA  . VAL A 1 178 ? 6.186   -3.870  -4.145  1.00 10.37 ? 171 VAL A CA  1 
ATOM   1178 C C   . VAL A 1 178 ? 6.568   -3.236  -5.477  1.00 14.31 ? 171 VAL A C   1 
ATOM   1179 O O   . VAL A 1 178 ? 6.348   -3.796  -6.546  1.00 16.42 ? 171 VAL A O   1 
ATOM   1180 C CB  . VAL A 1 178 ? 7.404   -4.497  -3.454  1.00 15.24 ? 171 VAL A CB  1 
ATOM   1181 C CG1 . VAL A 1 178 ? 6.975   -5.151  -2.154  1.00 16.05 ? 171 VAL A CG1 1 
ATOM   1182 C CG2 . VAL A 1 178 ? 8.100   -5.487  -4.337  1.00 21.10 ? 171 VAL A CG2 1 
ATOM   1183 N N   . GLN A 1 179 ? 7.135   -2.044  -5.383  1.00 13.65 ? 172 GLN A N   1 
ATOM   1184 C CA  . GLN A 1 179 ? 7.581   -1.312  -6.552  1.00 21.11 ? 172 GLN A CA  1 
ATOM   1185 C C   . GLN A 1 179 ? 8.874   -1.894  -7.106  1.00 28.36 ? 172 GLN A C   1 
ATOM   1186 O O   . GLN A 1 179 ? 9.766   -2.295  -6.351  1.00 39.30 ? 172 GLN A O   1 
ATOM   1187 C CB  . GLN A 1 179 ? 7.795   0.147   -6.183  1.00 21.34 ? 172 GLN A CB  1 
ATOM   1188 C CG  . GLN A 1 179 ? 8.031   1.016   -7.368  1.00 26.73 ? 172 GLN A CG  1 
ATOM   1189 C CD  . GLN A 1 179 ? 8.133   2.464   -6.973  1.00 38.97 ? 172 GLN A CD  1 
ATOM   1190 O OE1 . GLN A 1 179 ? 9.044   2.853   -6.240  1.00 36.82 ? 172 GLN A OE1 1 
ATOM   1191 N NE2 . GLN A 1 179 ? 7.184   3.274   -7.437  1.00 36.30 ? 172 GLN A NE2 1 
ATOM   1192 N N   . ALA A 1 180 ? 8.982   -1.933  -8.430  1.00 34.48 ? 173 ALA A N   1 
ATOM   1193 C CA  . ALA A 1 180 ? 10.205  -2.418  -9.067  1.00 40.12 ? 173 ALA A CA  1 
ATOM   1194 C C   . ALA A 1 180 ? 10.795  -1.350  -9.978  1.00 43.02 ? 173 ALA A C   1 
ATOM   1195 O O   . ALA A 1 180 ? 11.421  -0.401  -9.501  1.00 50.61 ? 173 ALA A O   1 
ATOM   1196 C CB  . ALA A 1 180 ? 9.932   -3.691  -9.842  1.00 42.14 ? 173 ALA A CB  1 
HETATM 1197 C C01 . V69 B 2 .   ? -1.097  -15.364 0.009   1.00 29.99 ? 201 V69 A C01 1 
HETATM 1198 C C02 . V69 B 2 .   ? -1.148  -15.806 -1.451  1.00 19.08 ? 201 V69 A C02 1 
HETATM 1199 C C03 . V69 B 2 .   ? -2.395  -16.625 -1.744  1.00 24.80 ? 201 V69 A C03 1 
HETATM 1200 C C04 . V69 B 2 .   ? -3.571  -15.778 -2.169  1.00 27.78 ? 201 V69 A C04 1 
HETATM 1201 C C05 . V69 B 2 .   ? -4.806  -16.650 -2.374  1.00 22.58 ? 201 V69 A C05 1 
HETATM 1202 C C06 . V69 B 2 .   ? -6.060  -15.832 -2.215  1.00 22.56 ? 201 V69 A C06 1 
HETATM 1203 C C08 . V69 B 2 .   ? -5.955  -13.664 -3.184  1.00 22.37 ? 201 V69 A C08 1 
HETATM 1204 C C24 . V69 B 2 .   ? -7.313  -16.688 -2.219  1.00 30.15 ? 201 V69 A C24 1 
HETATM 1205 C C25 . V69 B 2 .   ? -8.553  -15.830 -2.010  1.00 33.44 ? 201 V69 A C25 1 
HETATM 1206 C C26 . V69 B 2 .   ? -8.673  -15.429 -0.543  1.00 29.54 ? 201 V69 A C26 1 
HETATM 1207 C C27 . V69 B 2 .   ? -9.739  -14.361 -0.295  1.00 31.64 ? 201 V69 A C27 1 
HETATM 1208 C C28 . V69 B 2 .   ? -9.456  -13.619 1.004   1.00 33.84 ? 201 V69 A C28 1 
HETATM 1209 N N29 . V69 B 2 .   ? -8.199  -12.930 0.811   1.00 23.99 ? 201 V69 A N29 1 
HETATM 1210 O O07 . V69 B 2 .   ? -6.127  -15.025 -3.348  1.00 20.38 ? 201 V69 A O07 1 
HETATM 1211 O O23 . V69 B 2 .   ? -5.609  -13.183 -2.155  1.00 13.45 ? 201 V69 A O23 1 
HETATM 1212 N N09 . V69 B 2 .   ? -6.214  -12.889 -4.369  1.00 18.30 ? 201 V69 A N09 1 
HETATM 1213 C C10 . V69 B 2 .   ? -6.093  -11.457 -4.304  1.00 16.56 ? 201 V69 A C10 1 
HETATM 1214 C C15 . V69 B 2 .   ? -7.055  -10.901 -3.268  1.00 15.58 ? 201 V69 A C15 1 
HETATM 1215 O O22 . V69 B 2 .   ? -8.085  -11.451 -3.001  1.00 19.77 ? 201 V69 A O22 1 
HETATM 1216 C C11 . V69 B 2 .   ? -6.362  -10.886 -5.689  1.00 16.71 ? 201 V69 A C11 1 
HETATM 1217 C C12 . V69 B 2 .   ? -5.291  -11.237 -6.719  1.00 22.36 ? 201 V69 A C12 1 
HETATM 1218 C C13 . V69 B 2 .   ? -5.683  -10.728 -8.101  1.00 26.30 ? 201 V69 A C13 1 
HETATM 1219 C C14 . V69 B 2 .   ? -3.905  -10.732 -6.360  1.00 19.22 ? 201 V69 A C14 1 
HETATM 1220 N N16 . V69 B 2 .   ? -6.688  -9.656  -2.615  1.00 14.74 ? 201 V69 A N16 1 
HETATM 1221 C C17 . V69 B 2 .   ? -7.574  -9.118  -1.612  1.00 17.17 ? 201 V69 A C17 1 
HETATM 1222 C C18 . V69 B 2 .   ? -7.007  -9.368  -0.208  1.00 13.09 ? 201 V69 A C18 1 
HETATM 1223 C C19 . V69 B 2 .   ? -6.898  -10.842 0.191   1.00 14.81 ? 201 V69 A C19 1 
HETATM 1224 C C30 . V69 B 2 .   ? -8.233  -11.542 0.417   1.00 26.08 ? 201 V69 A C30 1 
HETATM 1225 O O31 . V69 B 2 .   ? -9.285  -10.994 0.289   1.00 25.12 ? 201 V69 A O31 1 
HETATM 1226 C C20 . V69 B 2 .   ? -7.722  -7.613  -1.821  1.00 14.43 ? 201 V69 A C20 1 
HETATM 1227 O O21 . V69 B 2 .   ? -8.351  -7.424  -3.077  1.00 17.39 ? 201 V69 A O21 1 
HETATM 1228 O O   . HOH C 3 .   ? 12.035  -15.338 4.817   1.00 24.17 ? 301 HOH A O   1 
HETATM 1229 O O   . HOH C 3 .   ? 11.906  -0.769  3.554   1.00 28.68 ? 302 HOH A O   1 
HETATM 1230 O O   . HOH C 3 .   ? -15.814 11.583  -12.772 1.00 32.42 ? 303 HOH A O   1 
HETATM 1231 O O   . HOH C 3 .   ? -8.002  0.816   16.519  1.00 23.60 ? 304 HOH A O   1 
HETATM 1232 O O   . HOH C 3 .   ? -0.364  -5.352  18.818  1.00 30.60 ? 305 HOH A O   1 
HETATM 1233 O O   . HOH C 3 .   ? 5.715   14.738  -7.414  1.00 24.69 ? 306 HOH A O   1 
HETATM 1234 O O   . HOH C 3 .   ? -8.460  3.537   -14.654 1.00 27.49 ? 307 HOH A O   1 
HETATM 1235 O O   . HOH C 3 .   ? 0.822   15.939  7.882   1.00 33.04 ? 308 HOH A O   1 
HETATM 1236 O O   . HOH C 3 .   ? 5.265   15.555  -3.388  1.00 32.20 ? 309 HOH A O   1 
HETATM 1237 O O   . HOH C 3 .   ? -4.552  19.077  -13.213 1.00 35.25 ? 310 HOH A O   1 
HETATM 1238 O O   . HOH C 3 .   ? 6.746   12.618  -3.953  1.00 36.51 ? 311 HOH A O   1 
HETATM 1239 O O   . HOH C 3 .   ? 17.125  -9.355  6.378   1.00 31.13 ? 312 HOH A O   1 
HETATM 1240 O O   . HOH C 3 .   ? -10.196 -5.294  -1.230  1.00 28.80 ? 313 HOH A O   1 
HETATM 1241 O O   . HOH C 3 .   ? -15.465 0.872   14.032  1.00 17.89 ? 314 HOH A O   1 
HETATM 1242 O O   . HOH C 3 .   ? 7.506   8.478   15.011  1.00 40.42 ? 315 HOH A O   1 
HETATM 1243 O O   . HOH C 3 .   ? -15.500 7.505   -17.928 1.00 35.98 ? 316 HOH A O   1 
HETATM 1244 O O   . HOH C 3 .   ? -16.299 5.081   5.162   1.00 22.58 ? 317 HOH A O   1 
HETATM 1245 O O   . HOH C 3 .   ? 7.870   7.287   -5.924  1.00 42.28 ? 318 HOH A O   1 
HETATM 1246 O O   . HOH C 3 .   ? 1.251   -3.506  14.058  1.00 37.04 ? 319 HOH A O   1 
HETATM 1247 O O   . HOH C 3 .   ? 5.989   -4.059  -9.174  1.00 22.09 ? 320 HOH A O   1 
HETATM 1248 O O   . HOH C 3 .   ? -11.334 -2.236  4.978   1.00 34.47 ? 321 HOH A O   1 
HETATM 1249 O O   . HOH C 3 .   ? 7.952   -13.935 13.596  1.00 27.38 ? 322 HOH A O   1 
HETATM 1250 O O   . HOH C 3 .   ? -2.430  14.778  7.587   1.00 32.91 ? 323 HOH A O   1 
HETATM 1251 O O   . HOH C 3 .   ? 11.263  -5.183  12.032  1.00 35.35 ? 324 HOH A O   1 
HETATM 1252 O O   . HOH C 3 .   ? 0.161   -3.822  -12.087 1.00 16.20 ? 325 HOH A O   1 
HETATM 1253 O O   . HOH C 3 .   ? -2.317  22.108  -5.306  1.00 29.77 ? 326 HOH A O   1 
HETATM 1254 O O   . HOH C 3 .   ? 0.131   -8.064  -13.207 1.00 26.10 ? 327 HOH A O   1 
HETATM 1255 O O   . HOH C 3 .   ? 7.825   -15.166 -1.634  1.00 43.73 ? 328 HOH A O   1 
HETATM 1256 O O   . HOH C 3 .   ? -8.741  17.653  -7.990  1.00 16.81 ? 329 HOH A O   1 
HETATM 1257 O O   . HOH C 3 .   ? -2.521  16.398  -11.180 1.00 17.33 ? 330 HOH A O   1 
HETATM 1258 O O   . HOH C 3 .   ? -7.919  -11.274 15.742  1.00 41.00 ? 331 HOH A O   1 
HETATM 1259 O O   . HOH C 3 .   ? -11.982 8.178   -10.126 1.00 30.74 ? 332 HOH A O   1 
HETATM 1260 O O   . HOH C 3 .   ? -7.288  10.101  3.251   1.00 20.28 ? 333 HOH A O   1 
HETATM 1261 O O   . HOH C 3 .   ? 10.219  8.332   5.694   1.00 21.99 ? 334 HOH A O   1 
HETATM 1262 O O   . HOH C 3 .   ? -1.282  -6.171  -12.756 1.00 28.47 ? 335 HOH A O   1 
HETATM 1263 O O   . HOH C 3 .   ? 9.032   -15.862 1.849   1.00 27.07 ? 336 HOH A O   1 
HETATM 1264 O O   . HOH C 3 .   ? -5.124  -5.705  -12.142 1.00 33.74 ? 337 HOH A O   1 
HETATM 1265 O O   . HOH C 3 .   ? 7.211   -1.029  -2.660  1.00 13.99 ? 338 HOH A O   1 
HETATM 1266 O O   . HOH C 3 .   ? 14.421  -1.919  1.749   1.00 23.49 ? 339 HOH A O   1 
HETATM 1267 O O   . HOH C 3 .   ? 14.023  0.581   -2.416  1.00 27.09 ? 340 HOH A O   1 
HETATM 1268 O O   . HOH C 3 .   ? -9.381  7.527   11.138  1.00 31.14 ? 341 HOH A O   1 
HETATM 1269 O O   . HOH C 3 .   ? -11.214 9.418   -7.779  1.00 34.39 ? 342 HOH A O   1 
HETATM 1270 O O   . HOH C 3 .   ? -6.831  0.014   4.748   1.00 27.90 ? 343 HOH A O   1 
HETATM 1271 O O   . HOH C 3 .   ? -3.593  -12.577 16.978  1.00 34.26 ? 344 HOH A O   1 
HETATM 1272 O O   . HOH C 3 .   ? -10.823 7.444   2.964   1.00 21.86 ? 345 HOH A O   1 
HETATM 1273 O O   . HOH C 3 .   ? -6.657  -9.818  3.456   1.00 16.45 ? 346 HOH A O   1 
HETATM 1274 O O   . HOH C 3 .   ? 2.944   11.232  8.431   1.00 22.47 ? 347 HOH A O   1 
HETATM 1275 O O   . HOH C 3 .   ? 16.675  -9.497  3.349   1.00 25.02 ? 348 HOH A O   1 
HETATM 1276 O O   . HOH C 3 .   ? 11.078  -14.078 7.467   1.00 20.75 ? 349 HOH A O   1 
HETATM 1277 O O   . HOH C 3 .   ? 12.609  -2.780  -6.589  1.00 43.00 ? 350 HOH A O   1 
HETATM 1278 O O   . HOH C 3 .   ? -10.323 -5.361  -3.638  1.00 32.30 ? 351 HOH A O   1 
HETATM 1279 O O   . HOH C 3 .   ? -9.149  3.312   15.704  1.00 29.58 ? 352 HOH A O   1 
HETATM 1280 O O   . HOH C 3 .   ? -16.430 0.027   9.918   1.00 22.57 ? 353 HOH A O   1 
HETATM 1281 O O   . HOH C 3 .   ? 8.176   11.385  -0.565  1.00 27.78 ? 354 HOH A O   1 
HETATM 1282 O O   . HOH C 3 .   ? 5.505   1.894   -9.407  1.00 27.99 ? 355 HOH A O   1 
HETATM 1283 O O   . HOH C 3 .   ? 4.179   7.551   -11.295 1.00 24.81 ? 356 HOH A O   1 
HETATM 1284 O O   . HOH C 3 .   ? -5.711  10.106  11.330  1.00 25.17 ? 357 HOH A O   1 
HETATM 1285 O O   . HOH C 3 .   ? -15.308 -1.658  6.570   1.00 30.42 ? 358 HOH A O   1 
HETATM 1286 O O   . HOH C 3 .   ? -12.535 5.704   -5.245  1.00 29.05 ? 359 HOH A O   1 
HETATM 1287 O O   . HOH C 3 .   ? 7.999   -1.027  12.728  1.00 33.00 ? 360 HOH A O   1 
HETATM 1288 O O   . HOH C 3 .   ? 11.989  -4.987  -6.058  1.00 41.89 ? 361 HOH A O   1 
HETATM 1289 O O   . HOH C 3 .   ? 7.765   -13.121 16.366  1.00 33.55 ? 362 HOH A O   1 
HETATM 1290 O O   . HOH C 3 .   ? 2.969   -3.177  -16.542 1.00 33.06 ? 363 HOH A O   1 
HETATM 1291 O O   . HOH C 3 .   ? -0.720  -9.841  -14.911 1.00 36.63 ? 364 HOH A O   1 
HETATM 1292 O O   . HOH C 3 .   ? -14.725 4.200   3.235   1.00 32.29 ? 365 HOH A O   1 
HETATM 1293 O O   . HOH C 3 .   ? 2.761   14.450  7.431   1.00 24.81 ? 366 HOH A O   1 
HETATM 1294 O O   . HOH C 3 .   ? -4.422  -6.526  15.194  1.00 36.70 ? 367 HOH A O   1 
HETATM 1295 O O   . HOH C 3 .   ? 6.386   -1.082  -9.987  1.00 36.35 ? 368 HOH A O   1 
HETATM 1296 O O   . HOH C 3 .   ? 13.978  -10.788 -0.579  1.00 29.62 ? 369 HOH A O   1 
HETATM 1297 O O   . HOH C 3 .   ? -11.421 -4.637  7.755   1.00 29.76 ? 370 HOH A O   1 
HETATM 1298 O O   . HOH C 3 .   ? 2.314   -5.866  -14.922 1.00 39.21 ? 371 HOH A O   1 
HETATM 1299 O O   . HOH C 3 .   ? -7.275  8.380   9.970   1.00 27.44 ? 372 HOH A O   1 
HETATM 1300 O O   . HOH C 3 .   ? 9.415   16.421  3.132   1.00 38.70 ? 373 HOH A O   1 
HETATM 1301 O O   . HOH C 3 .   ? 6.128   -7.521  -12.346 1.00 28.76 ? 374 HOH A O   1 
HETATM 1302 O O   . HOH C 3 .   ? 0.251   -3.282  -14.834 1.00 36.02 ? 375 HOH A O   1 
HETATM 1303 O O   . HOH C 3 .   ? -5.773  12.571  11.600  0.50 31.56 ? 376 HOH A O   1 
HETATM 1304 O O   . HOH C 3 .   ? -12.470 -2.983  9.183   1.00 38.92 ? 377 HOH A O   1 
HETATM 1305 O O   . HOH C 3 .   ? 10.418  -6.543  -11.081 1.00 33.49 ? 378 HOH A O   1 
HETATM 1306 O O   . HOH C 3 .   ? 7.979   8.528   -3.818  1.00 37.78 ? 379 HOH A O   1 
HETATM 1307 O O   . HOH C 3 .   ? 7.491   -5.475  -11.351 1.00 23.48 ? 380 HOH A O   1 
HETATM 1308 O O   . HOH C 3 .   ? -13.333 5.728   4.143   1.00 30.77 ? 381 HOH A O   1 
HETATM 1309 O O   . HOH C 3 .   ? -6.060  9.100   13.670  1.00 39.32 ? 382 HOH A O   1 
HETATM 1310 O O   . HOH C 3 .   ? 18.614  -7.091  7.108   1.00 30.05 ? 383 HOH A O   1 
# 
